data_6BMF
#
_entry.id   6BMF
#
_cell.length_a   1
_cell.length_b   1
_cell.length_c   1
_cell.angle_alpha   90.00
_cell.angle_beta   90.00
_cell.angle_gamma   90.00
#
_symmetry.space_group_name_H-M   'P 1'
#
loop_
_entity.id
_entity.type
_entity.pdbx_description
1 polymer 'Vacuolar protein sorting-associated protein 4'
2 polymer Vps2p
3 non-polymer "ADENOSINE-5'-DIPHOSPHATE"
4 non-polymer 'BERYLLIUM TRIFLUORIDE ION'
5 non-polymer 'MAGNESIUM ION'
#
loop_
_entity_poly.entity_id
_entity_poly.type
_entity_poly.pdbx_seq_one_letter_code
_entity_poly.pdbx_strand_id
1 'polypeptide(L)'
;QEEGEDNGGEDNKKLRGALSSAILSEKPNVKWEDVAGLEGAKEALKEAVILPVKFPHLFKGNRKPTSGILLYGPPGTGKS
YLAKAVATEANSTFFSVSSSDLVSKWMGESEKLVKQLFAMARENKPSIIFIDEVDALTGTRGEGESEASRRIKTELLVQM
NGVGNDSQGVLVLGATNIPWQLDSAIRRRFERRIYIPLPDLAARTTMFEINVGDTPCVLTKEDYRTLGAMTEGYSGSDIA
VVVKDALMQPIRKIQSATHFKDVSTEDDETRKLTPCSPGDDGAIEMSWTDIEADELKEPDLTIKDFLKAIKSTRPTVNED
DLLKQEQFTRDFGQEGN
;
A,B,C,D,E
2 'polypeptide(L)' (ACE)DEIVNKVL(NH2) G
#
# COMPACT_ATOMS: atom_id res chain seq x y z
N ARG A 16 38.91 15.16 9.50
CA ARG A 16 39.91 15.85 8.71
C ARG A 16 40.00 15.26 7.33
N GLY A 17 40.67 14.11 7.28
CA GLY A 17 41.05 13.42 6.06
C GLY A 17 39.91 12.66 5.41
N ALA A 18 38.69 13.10 5.67
CA ALA A 18 37.49 12.51 5.10
C ALA A 18 36.64 13.60 4.45
N LEU A 19 36.66 14.81 5.01
CA LEU A 19 36.07 15.95 4.35
C LEU A 19 37.04 16.73 3.50
N SER A 20 38.37 16.52 3.64
CA SER A 20 39.21 17.24 2.68
C SER A 20 39.23 16.62 1.28
N SER A 21 38.29 15.74 0.97
CA SER A 21 37.86 15.47 -0.39
C SER A 21 36.70 16.34 -0.81
N ALA A 22 36.57 17.54 -0.24
CA ALA A 22 35.68 18.54 -0.79
C ALA A 22 36.42 19.60 -1.60
N ILE A 23 37.66 19.90 -1.22
CA ILE A 23 38.51 20.81 -1.99
C ILE A 23 38.81 20.21 -3.34
N LEU A 24 38.39 20.88 -4.41
CA LEU A 24 38.91 20.56 -5.73
C LEU A 24 40.19 21.34 -6.00
N SER A 25 40.97 20.87 -6.97
CA SER A 25 42.17 21.61 -7.33
C SER A 25 42.45 21.67 -8.81
N GLU A 26 41.59 21.14 -9.66
CA GLU A 26 41.90 21.11 -11.08
C GLU A 26 41.50 22.35 -11.86
N LYS A 27 40.69 23.26 -11.30
CA LYS A 27 40.32 24.55 -11.88
C LYS A 27 39.73 24.44 -13.27
N PRO A 28 38.47 24.06 -13.39
CA PRO A 28 37.84 23.92 -14.72
C PRO A 28 37.83 25.24 -15.46
N ASN A 29 38.51 25.27 -16.60
CA ASN A 29 38.83 26.54 -17.25
C ASN A 29 37.63 27.08 -18.01
N VAL A 30 36.69 27.62 -17.24
CA VAL A 30 35.59 28.41 -17.77
C VAL A 30 35.79 29.83 -17.29
N LYS A 31 35.79 30.79 -18.21
CA LYS A 31 36.01 32.17 -17.82
C LYS A 31 34.72 32.95 -18.00
N TRP A 32 34.69 34.18 -17.46
CA TRP A 32 33.44 34.93 -17.39
C TRP A 32 32.89 35.28 -18.75
N GLU A 33 33.67 35.15 -19.82
CA GLU A 33 33.20 35.41 -21.18
C GLU A 33 32.80 34.13 -21.90
N ASP A 34 32.36 33.11 -21.16
CA ASP A 34 31.79 31.91 -21.75
C ASP A 34 30.34 31.69 -21.37
N VAL A 35 29.92 32.12 -20.19
CA VAL A 35 28.49 32.20 -19.93
C VAL A 35 27.88 33.28 -20.81
N ALA A 36 26.75 32.97 -21.41
CA ALA A 36 26.14 33.84 -22.39
C ALA A 36 24.99 34.58 -21.73
N GLY A 37 25.10 35.90 -21.70
CA GLY A 37 24.09 36.65 -21.00
C GLY A 37 24.32 36.56 -19.52
N LEU A 38 23.22 36.53 -18.76
CA LEU A 38 23.21 36.50 -17.31
C LEU A 38 24.09 37.60 -16.72
N GLU A 39 23.72 38.85 -16.97
CA GLU A 39 24.61 39.92 -16.53
C GLU A 39 24.36 40.37 -15.10
N GLY A 40 23.09 40.39 -14.65
CA GLY A 40 22.79 40.59 -13.26
C GLY A 40 23.47 39.58 -12.36
N ALA A 41 23.51 38.32 -12.78
CA ALA A 41 24.11 37.30 -11.95
C ALA A 41 25.61 37.44 -11.89
N LYS A 42 26.25 37.78 -13.01
CA LYS A 42 27.68 38.10 -12.97
C LYS A 42 27.94 39.32 -12.12
N GLU A 43 27.03 40.29 -12.13
CA GLU A 43 27.22 41.50 -11.36
C GLU A 43 27.19 41.23 -9.87
N ALA A 44 26.21 40.46 -9.41
CA ALA A 44 26.13 40.12 -8.00
C ALA A 44 27.29 39.25 -7.58
N LEU A 45 27.69 38.30 -8.42
CA LEU A 45 28.78 37.43 -8.06
C LEU A 45 30.11 38.15 -8.02
N LYS A 46 30.30 39.13 -8.89
CA LYS A 46 31.52 39.93 -8.85
C LYS A 46 31.56 40.77 -7.59
N GLU A 47 30.46 41.43 -7.26
CA GLU A 47 30.51 42.26 -6.06
C GLU A 47 30.35 41.47 -4.77
N ALA A 48 30.26 40.15 -4.82
CA ALA A 48 30.34 39.35 -3.62
C ALA A 48 31.60 38.51 -3.52
N VAL A 49 32.37 38.36 -4.61
CA VAL A 49 33.53 37.49 -4.65
C VAL A 49 34.80 38.25 -4.99
N ILE A 50 34.77 39.03 -6.07
CA ILE A 50 35.97 39.66 -6.58
C ILE A 50 36.31 40.89 -5.77
N LEU A 51 35.32 41.72 -5.53
CA LEU A 51 35.47 43.03 -4.94
C LEU A 51 35.90 43.08 -3.47
N PRO A 52 35.46 42.18 -2.57
CA PRO A 52 36.04 42.18 -1.22
C PRO A 52 37.52 41.91 -1.18
N VAL A 53 38.04 41.08 -2.07
CA VAL A 53 39.46 40.78 -2.03
C VAL A 53 40.27 41.91 -2.62
N LYS A 54 39.80 42.48 -3.71
CA LYS A 54 40.57 43.46 -4.45
C LYS A 54 40.61 44.81 -3.75
N PHE A 55 39.58 45.16 -2.99
CA PHE A 55 39.55 46.43 -2.26
C PHE A 55 39.03 46.21 -0.85
N PRO A 56 39.82 45.60 0.03
CA PRO A 56 39.30 45.21 1.35
C PRO A 56 39.14 46.37 2.30
N HIS A 57 39.69 47.53 1.98
CA HIS A 57 39.52 48.70 2.83
C HIS A 57 38.09 49.22 2.82
N LEU A 58 37.33 48.94 1.75
CA LEU A 58 35.99 49.48 1.64
C LEU A 58 35.04 48.87 2.65
N PHE A 59 35.28 47.64 3.08
CA PHE A 59 34.25 46.96 3.86
C PHE A 59 34.59 47.10 5.33
N LYS A 60 34.25 48.27 5.87
CA LYS A 60 34.51 48.63 7.25
C LYS A 60 33.36 49.49 7.75
N GLY A 61 32.95 49.25 8.98
CA GLY A 61 31.82 49.97 9.54
C GLY A 61 30.54 49.20 9.39
N ASN A 62 29.56 49.79 8.73
CA ASN A 62 28.28 49.14 8.50
C ASN A 62 28.26 48.35 7.21
N ARG A 63 29.29 48.47 6.39
CA ARG A 63 29.28 47.95 5.04
C ARG A 63 29.89 46.56 5.06
N LYS A 64 29.03 45.55 5.12
CA LYS A 64 29.53 44.18 5.19
C LYS A 64 29.25 43.43 3.89
N PRO A 65 30.08 42.45 3.55
CA PRO A 65 29.82 41.67 2.34
C PRO A 65 28.68 40.69 2.54
N THR A 66 28.20 40.18 1.42
CA THR A 66 27.06 39.27 1.40
C THR A 66 27.48 37.90 1.85
N SER A 67 26.63 37.20 2.60
CA SER A 67 26.98 35.90 3.13
C SER A 67 25.91 34.88 2.83
N GLY A 68 25.47 34.83 1.58
CA GLY A 68 24.64 33.74 1.13
C GLY A 68 24.00 34.13 -0.17
N ILE A 69 23.99 33.25 -1.16
CA ILE A 69 23.45 33.54 -2.48
C ILE A 69 22.84 32.26 -3.00
N LEU A 70 21.57 32.27 -3.34
CA LEU A 70 20.91 31.11 -3.89
C LEU A 70 20.67 31.34 -5.37
N LEU A 71 21.06 30.44 -6.24
CA LEU A 71 20.73 30.49 -7.66
C LEU A 71 19.65 29.48 -7.91
N TYR A 72 18.58 29.84 -8.58
CA TYR A 72 17.57 28.86 -8.88
C TYR A 72 17.12 29.05 -10.31
N GLY A 73 16.33 28.12 -10.82
CA GLY A 73 15.91 28.19 -12.19
C GLY A 73 15.38 26.87 -12.68
N PRO A 74 15.08 26.77 -13.96
CA PRO A 74 14.68 25.50 -14.54
C PRO A 74 15.90 24.64 -14.78
N PRO A 75 15.75 23.36 -15.10
CA PRO A 75 16.93 22.51 -15.29
C PRO A 75 17.70 22.84 -16.55
N GLY A 76 18.99 23.05 -16.41
CA GLY A 76 19.87 23.15 -17.53
C GLY A 76 20.18 24.52 -18.04
N THR A 77 20.10 25.54 -17.20
CA THR A 77 20.16 26.90 -17.67
C THR A 77 21.42 27.64 -17.27
N GLY A 78 22.28 27.07 -16.45
CA GLY A 78 23.54 27.72 -16.21
C GLY A 78 24.06 27.77 -14.80
N LYS A 79 23.37 27.14 -13.85
CA LYS A 79 23.67 27.33 -12.44
C LYS A 79 25.00 26.70 -12.04
N SER A 80 25.15 25.40 -12.24
CA SER A 80 26.39 24.72 -11.92
C SER A 80 27.54 25.21 -12.78
N TYR A 81 27.24 25.67 -13.98
CA TYR A 81 28.28 26.15 -14.89
C TYR A 81 28.84 27.47 -14.40
N LEU A 82 27.96 28.36 -13.98
CA LEU A 82 28.37 29.62 -13.40
C LEU A 82 29.14 29.41 -12.11
N ALA A 83 28.81 28.35 -11.37
CA ALA A 83 29.63 27.97 -10.22
C ALA A 83 31.02 27.51 -10.64
N LYS A 84 31.14 26.87 -11.82
CA LYS A 84 32.48 26.54 -12.30
C LYS A 84 33.24 27.80 -12.68
N ALA A 85 32.54 28.80 -13.20
CA ALA A 85 33.19 30.06 -13.55
C ALA A 85 33.74 30.76 -12.33
N VAL A 86 32.96 30.76 -11.24
CA VAL A 86 33.46 31.26 -9.96
C VAL A 86 34.65 30.46 -9.49
N ALA A 87 34.60 29.14 -9.66
CA ALA A 87 35.71 28.28 -9.23
C ALA A 87 36.98 28.53 -10.01
N THR A 88 36.90 29.03 -11.22
CA THR A 88 38.11 29.39 -11.93
C THR A 88 38.60 30.78 -11.57
N GLU A 89 37.69 31.74 -11.52
CA GLU A 89 38.08 33.13 -11.45
C GLU A 89 38.24 33.68 -10.04
N ALA A 90 37.91 32.91 -9.02
CA ALA A 90 37.74 33.49 -7.69
C ALA A 90 39.06 33.79 -7.01
N ASN A 91 40.04 32.89 -7.13
CA ASN A 91 41.24 32.84 -6.29
C ASN A 91 40.84 32.78 -4.80
N SER A 92 40.16 31.69 -4.49
CA SER A 92 39.64 31.38 -3.18
C SER A 92 40.09 29.97 -2.86
N THR A 93 39.52 29.38 -1.82
CA THR A 93 39.57 27.94 -1.63
C THR A 93 38.14 27.45 -1.65
N PHE A 94 37.89 26.38 -2.41
CA PHE A 94 36.56 26.12 -2.93
C PHE A 94 36.12 24.73 -2.52
N PHE A 95 35.07 24.63 -1.72
CA PHE A 95 34.61 23.34 -1.20
C PHE A 95 33.33 23.00 -1.92
N SER A 96 33.35 21.95 -2.71
CA SER A 96 32.16 21.59 -3.47
C SER A 96 31.40 20.47 -2.79
N VAL A 97 31.00 20.71 -1.53
CA VAL A 97 30.56 19.63 -0.68
C VAL A 97 29.15 19.22 -1.09
N SER A 98 28.73 18.05 -0.64
CA SER A 98 27.41 17.55 -0.99
C SER A 98 26.96 16.58 0.09
N SER A 99 25.72 16.11 -0.06
CA SER A 99 25.10 15.26 0.94
C SER A 99 25.74 13.90 1.09
N SER A 100 26.53 13.48 0.13
CA SER A 100 27.26 12.24 0.28
C SER A 100 28.37 12.36 1.29
N ASP A 101 28.82 13.57 1.57
CA ASP A 101 30.06 13.77 2.28
C ASP A 101 29.80 14.29 3.68
N LEU A 102 28.56 14.38 4.09
CA LEU A 102 28.21 14.89 5.40
C LEU A 102 27.47 13.91 6.27
N VAL A 103 26.74 12.94 5.71
CA VAL A 103 25.84 12.11 6.52
C VAL A 103 26.59 10.86 6.95
N SER A 104 26.30 10.31 8.14
CA SER A 104 26.99 9.11 8.60
C SER A 104 26.11 8.21 9.45
N LYS A 105 26.53 6.93 9.55
CA LYS A 105 25.85 5.92 10.36
C LYS A 105 25.89 6.27 11.84
N TRP A 106 27.08 6.59 12.32
CA TRP A 106 27.34 6.79 13.74
C TRP A 106 26.71 8.10 14.17
N MET A 107 25.93 8.06 15.25
CA MET A 107 25.24 9.26 15.69
C MET A 107 26.24 10.23 16.30
N GLY A 108 26.04 11.51 16.05
CA GLY A 108 27.03 12.47 16.45
C GLY A 108 28.21 12.60 15.52
N GLU A 109 28.12 12.03 14.33
CA GLU A 109 29.04 12.36 13.24
C GLU A 109 28.47 13.38 12.28
N SER A 110 27.17 13.48 12.16
CA SER A 110 26.63 14.53 11.32
C SER A 110 26.39 15.82 12.08
N GLU A 111 27.21 16.04 13.11
CA GLU A 111 27.37 17.28 13.82
C GLU A 111 28.80 17.75 13.63
N LYS A 112 29.77 16.89 13.95
CA LYS A 112 31.18 17.21 13.81
C LYS A 112 31.60 17.37 12.38
N LEU A 113 30.86 16.79 11.43
CA LEU A 113 31.27 16.90 10.04
C LEU A 113 30.99 18.29 9.49
N VAL A 114 29.79 18.84 9.74
CA VAL A 114 29.49 20.23 9.36
C VAL A 114 30.40 21.19 10.10
N LYS A 115 30.56 20.96 11.40
CA LYS A 115 31.39 21.81 12.24
C LYS A 115 32.84 21.85 11.77
N GLN A 116 33.39 20.68 11.43
CA GLN A 116 34.72 20.61 10.81
C GLN A 116 34.78 21.35 9.49
N LEU A 117 33.72 21.26 8.68
CA LEU A 117 33.69 21.90 7.36
C LEU A 117 33.88 23.40 7.50
N PHE A 118 33.11 24.04 8.37
CA PHE A 118 33.26 25.48 8.50
C PHE A 118 34.56 25.85 9.21
N ALA A 119 35.07 24.99 10.08
CA ALA A 119 36.34 25.33 10.73
C ALA A 119 37.51 25.28 9.77
N MET A 120 37.50 24.37 8.79
CA MET A 120 38.56 24.36 7.79
C MET A 120 38.33 25.42 6.73
N ALA A 121 37.09 25.85 6.53
CA ALA A 121 36.84 27.04 5.74
C ALA A 121 37.47 28.26 6.39
N ARG A 122 37.47 28.32 7.73
CA ARG A 122 38.20 29.42 8.36
C ARG A 122 39.69 29.15 8.53
N GLU A 123 40.13 27.92 8.34
CA GLU A 123 41.55 27.71 8.09
C GLU A 123 41.98 28.32 6.77
N ASN A 124 41.11 28.25 5.78
CA ASN A 124 41.46 28.63 4.41
C ASN A 124 40.73 29.87 3.92
N LYS A 125 40.66 30.91 4.74
CA LYS A 125 40.06 32.16 4.30
C LYS A 125 40.93 32.82 3.24
N PRO A 126 40.34 33.34 2.15
CA PRO A 126 38.91 33.39 1.78
C PRO A 126 38.35 32.05 1.29
N SER A 127 37.12 31.78 1.64
CA SER A 127 36.50 30.50 1.31
C SER A 127 35.17 30.74 0.66
N ILE A 128 34.92 30.09 -0.46
CA ILE A 128 33.57 29.97 -0.96
C ILE A 128 33.20 28.50 -1.02
N ILE A 129 32.02 28.18 -0.50
CA ILE A 129 31.56 26.82 -0.29
C ILE A 129 30.30 26.62 -1.11
N PHE A 130 30.28 25.57 -1.91
CA PHE A 130 29.22 25.38 -2.87
C PHE A 130 28.41 24.16 -2.49
N ILE A 131 27.41 24.36 -1.65
CA ILE A 131 26.53 23.27 -1.25
C ILE A 131 25.51 23.07 -2.36
N ASP A 132 25.81 22.18 -3.28
CA ASP A 132 25.01 22.02 -4.47
C ASP A 132 23.80 21.18 -4.14
N GLU A 133 22.64 21.64 -4.60
CA GLU A 133 21.34 20.99 -4.42
C GLU A 133 20.98 20.83 -2.94
N VAL A 134 20.76 21.97 -2.29
CA VAL A 134 20.48 22.04 -0.87
C VAL A 134 19.18 21.41 -0.45
N ASP A 135 18.30 21.08 -1.38
CA ASP A 135 17.05 20.46 -0.96
C ASP A 135 17.21 19.00 -0.58
N ALA A 136 18.39 18.42 -0.78
CA ALA A 136 18.65 17.05 -0.39
C ALA A 136 19.25 16.92 0.99
N LEU A 137 19.72 18.02 1.57
CA LEU A 137 20.12 18.04 2.97
C LEU A 137 19.00 18.44 3.89
N THR A 138 18.09 19.30 3.42
CA THR A 138 17.23 20.15 4.24
C THR A 138 15.77 19.96 3.85
N GLY A 139 15.11 18.99 4.45
CA GLY A 139 13.83 18.50 3.98
C GLY A 139 12.64 18.63 4.91
N THR A 140 12.44 19.81 5.48
CA THR A 140 11.27 20.33 6.20
C THR A 140 10.99 19.66 7.54
N ARG A 141 11.73 18.59 7.86
CA ARG A 141 11.72 17.82 9.13
C ARG A 141 10.34 17.61 9.75
N GLY A 142 9.46 16.93 9.02
CA GLY A 142 8.20 16.48 9.57
C GLY A 142 7.99 15.00 9.31
N GLU A 143 8.82 14.45 8.43
CA GLU A 143 8.75 13.04 8.07
C GLU A 143 10.11 12.36 8.11
N GLY A 144 11.19 13.10 8.32
CA GLY A 144 12.51 12.56 8.17
C GLY A 144 12.96 11.76 9.37
N GLU A 145 14.07 11.07 9.19
CA GLU A 145 14.64 10.27 10.24
C GLU A 145 15.45 11.11 11.22
N SER A 146 15.66 10.53 12.40
CA SER A 146 16.19 11.23 13.56
C SER A 146 17.58 11.78 13.30
N GLU A 147 18.52 10.91 12.92
CA GLU A 147 19.90 11.31 12.85
C GLU A 147 20.14 12.29 11.71
N ALA A 148 19.90 11.82 10.50
CA ALA A 148 20.24 12.60 9.32
C ALA A 148 19.46 13.89 9.27
N SER A 149 18.15 13.88 9.47
CA SER A 149 17.56 15.18 9.13
C SER A 149 17.75 16.22 10.24
N ARG A 150 17.64 15.83 11.53
CA ARG A 150 17.50 16.94 12.48
C ARG A 150 18.83 17.54 12.85
N ARG A 151 19.86 16.72 13.11
CA ARG A 151 21.00 17.39 13.72
C ARG A 151 21.81 18.13 12.67
N ILE A 152 21.76 17.64 11.42
CA ILE A 152 22.37 18.34 10.30
C ILE A 152 21.72 19.69 10.09
N LYS A 153 20.38 19.73 10.02
CA LYS A 153 19.82 21.00 9.62
C LYS A 153 19.90 22.04 10.74
N THR A 154 19.84 21.60 12.01
CA THR A 154 19.95 22.58 13.10
C THR A 154 21.38 23.12 13.23
N GLU A 155 22.39 22.22 13.16
CA GLU A 155 23.78 22.67 13.20
C GLU A 155 24.13 23.58 12.04
N LEU A 156 23.55 23.31 10.86
CA LEU A 156 23.82 24.14 9.71
C LEU A 156 23.18 25.51 9.86
N LEU A 157 21.97 25.56 10.43
CA LEU A 157 21.33 26.85 10.70
C LEU A 157 22.15 27.70 11.65
N VAL A 158 22.66 27.08 12.73
CA VAL A 158 23.54 27.78 13.66
C VAL A 158 24.76 28.34 12.93
N GLN A 159 25.45 27.49 12.19
CA GLN A 159 26.74 27.91 11.66
C GLN A 159 26.60 28.86 10.49
N MET A 160 25.42 28.91 9.87
CA MET A 160 25.06 29.98 8.95
C MET A 160 24.46 31.18 9.64
N ASN A 161 24.32 31.17 10.97
CA ASN A 161 24.09 32.39 11.71
C ASN A 161 25.37 33.05 12.20
N GLY A 162 26.46 32.97 11.44
CA GLY A 162 27.65 33.74 11.71
C GLY A 162 27.72 35.05 10.95
N VAL A 163 26.94 36.04 11.35
CA VAL A 163 26.79 37.24 10.53
C VAL A 163 28.04 38.12 10.60
N GLY A 164 28.43 38.52 11.81
CA GLY A 164 29.48 39.52 11.91
C GLY A 164 30.90 39.02 11.89
N ASN A 165 31.06 37.75 12.22
CA ASN A 165 32.35 37.09 12.32
C ASN A 165 32.86 36.60 10.97
N ASP A 166 31.95 36.40 10.02
CA ASP A 166 32.27 35.84 8.73
C ASP A 166 32.37 36.96 7.69
N SER A 167 33.40 37.80 7.89
CA SER A 167 33.69 38.94 7.03
C SER A 167 34.80 38.65 6.04
N GLN A 168 35.56 37.59 6.26
CA GLN A 168 36.35 36.93 5.25
C GLN A 168 35.86 35.50 5.24
N GLY A 169 36.16 34.76 4.19
CA GLY A 169 35.73 33.39 4.22
C GLY A 169 34.32 33.29 3.71
N VAL A 170 33.45 32.63 4.49
CA VAL A 170 32.37 31.84 3.93
C VAL A 170 31.39 32.69 3.14
N LEU A 171 31.32 32.41 1.86
CA LEU A 171 30.20 32.80 1.03
C LEU A 171 29.53 31.52 0.58
N VAL A 172 28.28 31.36 0.93
CA VAL A 172 27.64 30.08 0.75
C VAL A 172 26.81 30.17 -0.50
N LEU A 173 27.25 29.57 -1.60
CA LEU A 173 26.42 29.51 -2.78
C LEU A 173 25.40 28.41 -2.66
N GLY A 174 24.73 28.10 -3.74
CA GLY A 174 23.82 26.98 -3.71
C GLY A 174 22.96 27.03 -4.93
N ALA A 175 22.70 25.91 -5.56
CA ALA A 175 21.84 25.88 -6.72
C ALA A 175 20.72 24.91 -6.46
N THR A 176 19.59 25.08 -7.13
CA THR A 176 18.51 24.13 -6.99
C THR A 176 17.57 24.21 -8.18
N ASN A 177 16.84 23.13 -8.42
CA ASN A 177 15.81 23.12 -9.42
C ASN A 177 14.41 23.16 -8.85
N ILE A 178 14.27 22.83 -7.58
CA ILE A 178 12.95 22.82 -6.94
C ILE A 178 13.01 23.87 -5.84
N PRO A 179 12.93 25.15 -6.13
CA PRO A 179 13.11 26.13 -5.08
C PRO A 179 11.91 26.28 -4.17
N TRP A 180 10.77 25.70 -4.49
CA TRP A 180 9.62 25.79 -3.62
C TRP A 180 9.59 24.71 -2.57
N GLN A 181 10.46 23.72 -2.65
CA GLN A 181 10.55 22.67 -1.64
C GLN A 181 11.66 22.94 -0.67
N LEU A 182 11.88 24.18 -0.32
CA LEU A 182 13.00 24.57 0.49
C LEU A 182 12.44 25.11 1.79
N ASP A 183 13.09 24.81 2.90
CA ASP A 183 12.60 25.23 4.20
C ASP A 183 12.71 26.73 4.37
N SER A 184 11.72 27.34 5.03
CA SER A 184 11.64 28.79 5.09
C SER A 184 12.74 29.43 5.93
N ALA A 185 13.33 28.70 6.87
CA ALA A 185 14.49 29.23 7.57
C ALA A 185 15.70 29.28 6.67
N ILE A 186 15.77 28.39 5.70
CA ILE A 186 16.90 28.35 4.79
C ILE A 186 16.65 29.23 3.59
N ARG A 187 15.40 29.45 3.25
CA ARG A 187 15.06 30.53 2.36
C ARG A 187 15.42 31.87 2.98
N ARG A 188 15.35 31.97 4.29
CA ARG A 188 15.78 33.19 4.94
C ARG A 188 17.28 33.37 4.91
N ARG A 189 18.06 32.28 5.09
CA ARG A 189 19.51 32.43 5.18
C ARG A 189 20.15 32.85 3.88
N PHE A 190 19.61 32.39 2.76
CA PHE A 190 20.07 32.76 1.43
C PHE A 190 19.49 34.11 1.09
N GLU A 191 20.29 35.15 1.14
CA GLU A 191 19.68 36.45 1.18
C GLU A 191 19.55 37.10 -0.18
N ARG A 192 19.99 36.47 -1.27
CA ARG A 192 19.72 36.97 -2.61
C ARG A 192 19.35 35.80 -3.50
N ARG A 193 18.08 35.49 -3.59
CA ARG A 193 17.62 34.41 -4.45
C ARG A 193 17.54 34.90 -5.89
N ILE A 194 18.54 34.61 -6.70
CA ILE A 194 18.57 35.05 -8.10
C ILE A 194 18.02 33.94 -8.98
N TYR A 195 17.32 34.29 -10.05
CA TYR A 195 16.64 33.36 -10.94
C TYR A 195 17.34 33.30 -12.29
N ILE A 196 17.78 32.11 -12.69
CA ILE A 196 18.53 31.93 -13.94
C ILE A 196 17.56 31.38 -14.99
N PRO A 197 17.13 32.16 -15.98
CA PRO A 197 16.06 31.70 -16.86
C PRO A 197 16.56 31.07 -18.16
N LEU A 198 15.62 30.57 -18.95
CA LEU A 198 15.93 30.10 -20.30
C LEU A 198 16.42 31.26 -21.15
N PRO A 199 17.37 31.06 -22.04
CA PRO A 199 18.00 32.20 -22.71
C PRO A 199 17.29 32.71 -23.96
N ASP A 200 17.42 34.03 -24.16
CA ASP A 200 16.87 34.80 -25.26
C ASP A 200 17.89 34.96 -26.38
N LEU A 201 17.63 35.89 -27.32
CA LEU A 201 18.14 35.75 -28.68
C LEU A 201 19.65 35.95 -28.77
N ALA A 202 20.14 37.04 -28.18
CA ALA A 202 21.55 37.35 -28.25
C ALA A 202 22.40 36.31 -27.53
N ALA A 203 21.86 35.74 -26.45
CA ALA A 203 22.58 34.71 -25.72
C ALA A 203 22.69 33.43 -26.52
N ARG A 204 21.60 33.03 -27.19
CA ARG A 204 21.63 31.84 -28.01
C ARG A 204 22.60 31.98 -29.17
N THR A 205 22.61 33.15 -29.81
CA THR A 205 23.57 33.39 -30.89
C THR A 205 24.99 33.33 -30.37
N THR A 206 25.22 33.86 -29.16
CA THR A 206 26.53 33.78 -28.55
C THR A 206 26.92 32.36 -28.25
N MET A 207 25.96 31.52 -27.84
CA MET A 207 26.31 30.14 -27.49
C MET A 207 26.64 29.31 -28.70
N PHE A 208 25.98 29.57 -29.84
CA PHE A 208 26.41 28.88 -31.05
C PHE A 208 27.81 29.30 -31.47
N GLU A 209 28.09 30.60 -31.42
CA GLU A 209 29.42 31.08 -31.79
C GLU A 209 30.50 30.55 -30.86
N ILE A 210 30.19 30.33 -29.59
CA ILE A 210 31.18 29.76 -28.68
C ILE A 210 31.36 28.27 -28.95
N ASN A 211 30.26 27.53 -29.00
CA ASN A 211 30.35 26.07 -29.07
C ASN A 211 30.88 25.56 -30.40
N VAL A 212 30.82 26.33 -31.49
CA VAL A 212 31.52 25.81 -32.66
C VAL A 212 33.02 25.97 -32.52
N GLY A 213 33.49 26.84 -31.64
CA GLY A 213 34.91 26.89 -31.33
C GLY A 213 35.73 27.43 -32.49
N ASP A 214 36.80 26.72 -32.82
CA ASP A 214 37.65 27.06 -33.95
C ASP A 214 37.50 26.04 -35.07
N THR A 215 36.33 25.47 -35.20
CA THR A 215 36.08 24.48 -36.23
C THR A 215 35.81 25.18 -37.56
N PRO A 216 36.44 24.73 -38.67
CA PRO A 216 36.22 25.38 -39.97
C PRO A 216 34.80 25.26 -40.47
N CYS A 217 34.13 26.41 -40.59
CA CYS A 217 32.75 26.44 -41.02
C CYS A 217 32.55 27.60 -41.98
N VAL A 218 31.60 27.44 -42.89
CA VAL A 218 31.28 28.43 -43.90
C VAL A 218 30.25 29.44 -43.39
N LEU A 219 29.89 29.36 -42.12
CA LEU A 219 28.79 30.14 -41.59
C LEU A 219 29.18 31.60 -41.40
N THR A 220 28.19 32.47 -41.52
CA THR A 220 28.35 33.90 -41.31
C THR A 220 27.61 34.33 -40.05
N LYS A 221 27.64 35.62 -39.80
CA LYS A 221 26.91 36.17 -38.65
C LYS A 221 25.41 36.03 -38.82
N GLU A 222 24.92 36.15 -40.05
CA GLU A 222 23.50 35.98 -40.28
C GLU A 222 23.08 34.52 -40.22
N ASP A 223 24.03 33.60 -40.34
CA ASP A 223 23.70 32.19 -40.15
C ASP A 223 23.50 31.87 -38.69
N TYR A 224 24.43 32.30 -37.83
CA TYR A 224 24.25 32.10 -36.40
C TYR A 224 23.03 32.86 -35.92
N ARG A 225 22.80 34.02 -36.50
CA ARG A 225 21.61 34.81 -36.19
C ARG A 225 20.35 34.07 -36.59
N THR A 226 20.41 33.34 -37.70
CA THR A 226 19.29 32.55 -38.16
C THR A 226 18.98 31.42 -37.19
N LEU A 227 20.02 30.70 -36.77
CA LEU A 227 19.83 29.57 -35.86
C LEU A 227 19.33 30.03 -34.50
N GLY A 228 19.92 31.11 -33.98
CA GLY A 228 19.43 31.70 -32.76
C GLY A 228 17.99 32.14 -32.84
N ALA A 229 17.56 32.60 -34.01
CA ALA A 229 16.14 32.87 -34.19
C ALA A 229 15.33 31.60 -34.25
N MET A 230 15.95 30.49 -34.64
CA MET A 230 15.21 29.26 -34.86
C MET A 230 14.93 28.52 -33.56
N THR A 231 15.76 28.69 -32.53
CA THR A 231 15.77 27.81 -31.36
C THR A 231 15.08 28.37 -30.14
N GLU A 232 13.92 29.01 -30.22
CA GLU A 232 13.34 29.58 -29.01
C GLU A 232 12.71 28.51 -28.15
N GLY A 233 13.16 28.45 -26.90
CA GLY A 233 12.74 27.45 -25.95
C GLY A 233 13.86 26.57 -25.47
N TYR A 234 15.04 26.68 -26.03
CA TYR A 234 16.12 25.78 -25.70
C TYR A 234 16.95 26.38 -24.58
N SER A 235 17.45 25.53 -23.71
CA SER A 235 18.39 25.94 -22.70
C SER A 235 19.80 25.76 -23.24
N GLY A 236 20.81 26.04 -22.43
CA GLY A 236 22.17 25.99 -22.93
C GLY A 236 22.71 24.59 -23.12
N SER A 237 22.13 23.63 -22.40
CA SER A 237 22.46 22.23 -22.63
C SER A 237 22.08 21.80 -24.02
N ASP A 238 20.86 22.15 -24.43
CA ASP A 238 20.33 21.70 -25.70
C ASP A 238 21.14 22.27 -26.84
N ILE A 239 21.58 23.50 -26.71
CA ILE A 239 22.38 24.06 -27.78
C ILE A 239 23.78 23.48 -27.75
N ALA A 240 24.27 23.08 -26.59
CA ALA A 240 25.53 22.35 -26.58
C ALA A 240 25.42 20.98 -27.25
N VAL A 241 24.26 20.34 -27.20
CA VAL A 241 24.15 19.06 -27.88
C VAL A 241 23.72 19.17 -29.33
N VAL A 242 23.09 20.27 -29.75
CA VAL A 242 22.91 20.39 -31.18
C VAL A 242 24.22 20.77 -31.84
N VAL A 243 25.11 21.44 -31.13
CA VAL A 243 26.42 21.67 -31.72
C VAL A 243 27.24 20.40 -31.68
N LYS A 244 27.04 19.54 -30.67
CA LYS A 244 27.72 18.26 -30.64
C LYS A 244 27.31 17.37 -31.82
N ASP A 245 26.01 17.27 -32.07
CA ASP A 245 25.50 16.43 -33.15
C ASP A 245 25.87 17.00 -34.52
N ALA A 246 25.75 18.32 -34.68
CA ALA A 246 26.12 18.93 -35.95
C ALA A 246 27.61 18.83 -36.22
N LEU A 247 28.43 18.79 -35.18
CA LEU A 247 29.83 18.50 -35.43
C LEU A 247 30.08 17.03 -35.72
N MET A 248 29.14 16.14 -35.38
CA MET A 248 29.31 14.76 -35.84
C MET A 248 29.04 14.62 -37.32
N GLN A 249 28.11 15.42 -37.89
CA GLN A 249 27.70 15.34 -39.31
C GLN A 249 28.76 15.16 -40.41
N PRO A 250 29.99 15.69 -40.28
CA PRO A 250 31.02 15.28 -41.23
C PRO A 250 31.38 13.81 -41.21
N ILE A 251 31.48 13.19 -40.03
CA ILE A 251 31.89 11.79 -39.99
C ILE A 251 30.77 10.89 -40.51
N ARG A 252 29.52 11.34 -40.45
CA ARG A 252 28.48 10.69 -41.25
C ARG A 252 28.74 10.88 -42.73
N LYS A 253 29.15 12.07 -43.14
CA LYS A 253 29.55 12.24 -44.55
C LYS A 253 30.95 11.70 -44.87
N ILE A 254 31.56 10.86 -44.03
CA ILE A 254 32.76 10.12 -44.39
C ILE A 254 32.52 8.62 -44.31
N GLN A 255 31.81 8.17 -43.28
CA GLN A 255 31.37 6.79 -43.20
C GLN A 255 30.45 6.44 -44.35
N SER A 256 29.51 7.33 -44.67
CA SER A 256 28.53 6.97 -45.68
C SER A 256 29.02 7.32 -47.09
CA ALA A 257 30.79 7.15 -48.74
C ALA A 257 31.85 6.13 -49.03
N PRO A 299 35.00 17.09 -44.41
CA PRO A 299 34.20 18.11 -45.10
C PRO A 299 33.84 19.32 -44.26
N ASP A 300 33.26 20.32 -44.91
CA ASP A 300 32.98 21.56 -44.21
C ASP A 300 31.77 21.40 -43.31
N LEU A 301 31.56 22.40 -42.46
CA LEU A 301 30.30 22.55 -41.78
C LEU A 301 29.41 23.44 -42.64
N THR A 302 28.21 22.98 -42.86
CA THR A 302 27.22 23.73 -43.59
C THR A 302 26.20 24.30 -42.62
N ILE A 303 25.14 24.88 -43.17
CA ILE A 303 23.95 25.17 -42.36
C ILE A 303 22.92 24.04 -42.40
N LYS A 304 22.98 23.15 -43.39
CA LYS A 304 22.10 22.00 -43.39
C LYS A 304 22.47 21.02 -42.29
N ASP A 305 23.71 21.06 -41.80
CA ASP A 305 24.07 20.24 -40.64
C ASP A 305 23.34 20.70 -39.40
N PHE A 306 23.27 22.01 -39.20
CA PHE A 306 22.58 22.53 -38.03
C PHE A 306 21.08 22.38 -38.18
N LEU A 307 20.54 22.57 -39.38
CA LEU A 307 19.12 22.35 -39.56
C LEU A 307 18.74 20.90 -39.38
N LYS A 308 19.64 20.01 -39.77
CA LYS A 308 19.49 18.58 -39.54
C LYS A 308 19.43 18.27 -38.05
N ALA A 309 20.35 18.86 -37.29
CA ALA A 309 20.40 18.61 -35.85
C ALA A 309 19.19 19.19 -35.14
N ILE A 310 18.75 20.37 -35.55
CA ILE A 310 17.63 21.02 -34.89
C ILE A 310 16.33 20.32 -35.20
N LYS A 311 16.22 19.71 -36.39
CA LYS A 311 15.07 18.86 -36.65
C LYS A 311 15.07 17.63 -35.75
N SER A 312 16.24 17.05 -35.51
CA SER A 312 16.28 15.80 -34.74
C SER A 312 16.15 16.03 -33.24
N THR A 313 16.74 17.10 -32.71
CA THR A 313 16.77 17.33 -31.28
C THR A 313 15.58 18.16 -30.84
N ARG A 314 14.97 17.75 -29.75
CA ARG A 314 13.71 18.23 -29.26
C ARG A 314 13.87 18.76 -27.84
N PRO A 315 13.22 19.88 -27.47
CA PRO A 315 13.52 20.59 -26.20
C PRO A 315 13.28 19.77 -24.95
N THR A 316 13.76 20.31 -23.84
CA THR A 316 13.82 19.60 -22.56
C THR A 316 12.85 20.10 -21.50
N VAL A 317 12.72 21.40 -21.29
CA VAL A 317 11.83 21.91 -20.25
C VAL A 317 10.38 21.87 -20.71
N ASN A 318 9.50 21.58 -19.78
CA ASN A 318 8.06 21.55 -20.02
C ASN A 318 7.41 22.81 -19.46
N GLU A 319 6.42 23.32 -20.17
CA GLU A 319 5.94 24.66 -19.89
C GLU A 319 4.91 24.73 -18.77
N ASP A 320 4.96 23.83 -17.79
CA ASP A 320 4.31 24.06 -16.51
C ASP A 320 5.29 24.13 -15.36
N ASP A 321 6.46 23.50 -15.52
CA ASP A 321 7.60 23.73 -14.65
C ASP A 321 7.91 25.21 -14.56
N LEU A 322 7.82 25.91 -15.68
CA LEU A 322 8.00 27.35 -15.69
C LEU A 322 6.92 28.08 -14.89
N LEU A 323 5.73 27.52 -14.77
CA LEU A 323 4.71 28.20 -13.98
C LEU A 323 5.04 28.15 -12.51
N LYS A 324 5.58 27.03 -12.05
CA LYS A 324 5.92 27.01 -10.62
C LYS A 324 7.21 27.77 -10.33
N GLN A 325 8.12 27.86 -11.29
CA GLN A 325 9.28 28.73 -11.12
C GLN A 325 8.87 30.18 -11.02
N GLU A 326 7.98 30.62 -11.90
CA GLU A 326 7.53 32.00 -11.87
C GLU A 326 6.69 32.29 -10.63
N GLN A 327 5.98 31.29 -10.14
CA GLN A 327 5.30 31.36 -8.85
C GLN A 327 6.26 31.73 -7.73
N PHE A 328 7.33 30.94 -7.59
CA PHE A 328 8.29 31.21 -6.52
C PHE A 328 9.00 32.54 -6.70
N THR A 329 9.22 32.95 -7.94
CA THR A 329 9.90 34.23 -8.16
C THR A 329 9.00 35.38 -7.77
N ARG A 330 7.72 35.23 -8.01
CA ARG A 330 6.77 36.27 -7.68
C ARG A 330 6.44 36.31 -6.19
N ASP A 331 6.64 35.21 -5.47
CA ASP A 331 6.38 35.19 -4.04
C ASP A 331 7.60 35.47 -3.18
N PHE A 332 8.81 35.09 -3.59
CA PHE A 332 9.97 35.25 -2.73
C PHE A 332 11.25 35.71 -3.39
N GLY A 333 11.28 35.91 -4.71
CA GLY A 333 12.54 35.96 -5.42
C GLY A 333 12.94 37.24 -6.13
N ASN B 12 36.09 0.70 2.42
CA ASN B 12 36.89 0.59 1.21
C ASN B 12 36.74 -0.78 0.56
N LYS B 13 37.51 -1.72 1.10
CA LYS B 13 37.60 -3.06 0.52
C LYS B 13 36.38 -3.90 0.82
N LYS B 14 35.63 -3.57 1.88
CA LYS B 14 34.33 -4.19 2.08
C LYS B 14 33.41 -3.84 0.93
N LEU B 15 33.46 -2.58 0.49
CA LEU B 15 32.57 -2.13 -0.55
C LEU B 15 32.99 -2.66 -1.90
N ARG B 16 34.30 -2.72 -2.17
CA ARG B 16 34.75 -3.36 -3.40
C ARG B 16 34.51 -4.87 -3.38
N GLY B 17 34.48 -5.47 -2.19
CA GLY B 17 34.04 -6.84 -2.09
C GLY B 17 32.57 -7.00 -2.42
N ALA B 18 31.77 -5.96 -2.17
CA ALA B 18 30.38 -6.03 -2.61
C ALA B 18 30.28 -5.86 -4.12
N LEU B 19 30.92 -4.85 -4.68
CA LEU B 19 30.73 -4.55 -6.09
C LEU B 19 31.70 -5.30 -6.99
N SER B 20 32.40 -6.30 -6.50
CA SER B 20 33.16 -7.14 -7.41
C SER B 20 32.26 -8.02 -8.26
N SER B 21 31.03 -8.25 -7.83
CA SER B 21 30.12 -9.12 -8.54
C SER B 21 29.25 -8.36 -9.53
N ALA B 22 29.74 -7.23 -10.04
CA ALA B 22 29.02 -6.48 -11.05
C ALA B 22 29.78 -6.38 -12.35
N ILE B 23 31.10 -6.49 -12.31
CA ILE B 23 31.91 -6.50 -13.52
C ILE B 23 31.64 -7.81 -14.20
N LEU B 24 30.76 -7.82 -15.20
CA LEU B 24 30.41 -9.10 -15.78
C LEU B 24 31.54 -9.62 -16.65
N SER B 25 31.62 -10.94 -16.77
CA SER B 25 32.79 -11.56 -17.34
C SER B 25 32.44 -12.70 -18.28
N GLU B 26 31.34 -12.61 -19.02
CA GLU B 26 30.98 -13.76 -19.83
C GLU B 26 30.62 -13.45 -21.28
N LYS B 27 30.42 -12.18 -21.66
CA LYS B 27 30.19 -11.72 -23.03
C LYS B 27 29.05 -12.44 -23.72
N PRO B 28 27.80 -12.09 -23.43
CA PRO B 28 26.65 -12.76 -24.05
C PRO B 28 26.66 -12.59 -25.56
N ASN B 29 26.76 -13.69 -26.27
CA ASN B 29 27.09 -13.66 -27.70
C ASN B 29 25.87 -13.28 -28.53
N VAL B 30 25.54 -12.01 -28.49
CA VAL B 30 24.57 -11.39 -29.39
C VAL B 30 25.32 -10.43 -30.28
N LYS B 31 25.19 -10.58 -31.58
CA LYS B 31 25.91 -9.71 -32.49
C LYS B 31 24.92 -8.77 -33.17
N TRP B 32 25.45 -7.75 -33.86
CA TRP B 32 24.60 -6.69 -34.37
C TRP B 32 23.62 -7.16 -35.43
N GLU B 33 23.84 -8.35 -35.98
CA GLU B 33 22.90 -8.97 -36.90
C GLU B 33 21.88 -9.86 -36.20
N ASP B 34 22.15 -10.27 -34.96
CA ASP B 34 21.11 -10.93 -34.19
C ASP B 34 20.04 -9.95 -33.76
N VAL B 35 20.33 -8.67 -33.80
CA VAL B 35 19.29 -7.67 -33.67
C VAL B 35 18.66 -7.52 -35.05
N ALA B 36 17.34 -7.53 -35.09
CA ALA B 36 16.63 -7.27 -36.31
C ALA B 36 16.03 -5.89 -36.23
N GLY B 37 15.93 -5.23 -37.38
CA GLY B 37 15.41 -3.87 -37.40
C GLY B 37 16.40 -2.90 -36.77
N LEU B 38 15.88 -1.71 -36.46
CA LEU B 38 16.56 -0.70 -35.66
C LEU B 38 17.87 -0.26 -36.32
N GLU B 39 17.75 0.45 -37.44
CA GLU B 39 18.93 1.05 -38.02
C GLU B 39 19.45 2.19 -37.14
N GLY B 40 18.55 3.05 -36.69
CA GLY B 40 18.95 4.29 -36.04
C GLY B 40 19.56 4.07 -34.68
N ALA B 41 19.01 3.13 -33.91
CA ALA B 41 19.52 2.89 -32.57
C ALA B 41 20.88 2.21 -32.62
N LYS B 42 21.06 1.27 -33.54
CA LYS B 42 22.39 0.69 -33.73
C LYS B 42 23.37 1.74 -34.22
N GLU B 43 22.91 2.69 -35.03
CA GLU B 43 23.79 3.71 -35.56
C GLU B 43 24.29 4.63 -34.47
N ALA B 44 23.40 5.10 -33.61
CA ALA B 44 23.80 5.96 -32.51
C ALA B 44 24.68 5.22 -31.52
N LEU B 45 24.34 3.97 -31.23
CA LEU B 45 25.15 3.21 -30.28
C LEU B 45 26.53 2.88 -30.81
N LYS B 46 26.65 2.65 -32.12
CA LYS B 46 27.97 2.44 -32.70
C LYS B 46 28.79 3.70 -32.64
N GLU B 47 28.22 4.84 -33.02
CA GLU B 47 29.02 6.05 -32.98
C GLU B 47 29.18 6.64 -31.60
N ALA B 48 28.63 6.00 -30.56
CA ALA B 48 28.95 6.41 -29.21
C ALA B 48 29.78 5.40 -28.44
N VAL B 49 29.92 4.17 -28.93
CA VAL B 49 30.62 3.11 -28.21
C VAL B 49 31.80 2.57 -29.00
N ILE B 50 31.58 2.21 -30.26
CA ILE B 50 32.60 1.53 -31.03
C ILE B 50 33.62 2.51 -31.55
N LEU B 51 33.15 3.60 -32.11
CA LEU B 51 33.97 4.58 -32.83
C LEU B 51 34.95 5.40 -31.99
N PRO B 52 34.64 5.82 -30.74
CA PRO B 52 35.70 6.45 -29.94
C PRO B 52 36.89 5.57 -29.66
N VAL B 53 36.69 4.26 -29.50
CA VAL B 53 37.82 3.41 -29.18
C VAL B 53 38.63 3.11 -30.43
N LYS B 54 37.95 2.88 -31.55
CA LYS B 54 38.63 2.43 -32.76
C LYS B 54 39.39 3.56 -33.44
N PHE B 55 38.95 4.80 -33.31
CA PHE B 55 39.65 5.95 -33.90
C PHE B 55 39.71 7.10 -32.92
N PRO B 56 40.55 6.99 -31.89
CA PRO B 56 40.53 7.99 -30.82
C PRO B 56 41.16 9.30 -31.19
N HIS B 57 41.88 9.36 -32.31
CA HIS B 57 42.47 10.61 -32.77
C HIS B 57 41.42 11.60 -33.24
N LEU B 58 40.24 11.13 -33.66
CA LEU B 58 39.23 12.02 -34.20
C LEU B 58 38.66 12.93 -33.13
N PHE B 59 38.51 12.41 -31.91
CA PHE B 59 37.74 13.11 -30.89
C PHE B 59 38.68 14.00 -30.10
N LYS B 60 38.97 15.16 -30.69
CA LYS B 60 39.89 16.15 -30.14
C LYS B 60 39.39 17.53 -30.50
N GLY B 61 39.46 18.44 -29.55
CA GLY B 61 38.96 19.78 -29.76
C GLY B 61 37.56 19.94 -29.22
N ASN B 62 36.63 20.32 -30.10
CA ASN B 62 35.25 20.49 -29.71
C ASN B 62 34.44 19.22 -29.87
N ARG B 63 35.02 18.19 -30.48
CA ARG B 63 34.28 17.01 -30.89
C ARG B 63 34.37 15.98 -29.78
N LYS B 64 33.36 15.92 -28.94
CA LYS B 64 33.39 14.99 -27.83
C LYS B 64 32.38 13.87 -28.02
N PRO B 65 32.64 12.68 -27.47
CA PRO B 65 31.67 11.60 -27.59
C PRO B 65 30.48 11.81 -26.67
N THR B 66 29.44 11.04 -26.95
CA THR B 66 28.18 11.14 -26.24
C THR B 66 28.30 10.49 -24.88
N SER B 67 27.66 11.07 -23.87
CA SER B 67 27.78 10.56 -22.51
C SER B 67 26.42 10.38 -21.89
N GLY B 68 25.52 9.74 -22.59
CA GLY B 68 24.28 9.29 -22.01
C GLY B 68 23.31 8.96 -23.10
N ILE B 69 22.62 7.83 -23.02
CA ILE B 69 21.70 7.37 -24.05
C ILE B 69 20.57 6.67 -23.36
N LEU B 70 19.34 7.11 -23.55
CA LEU B 70 18.19 6.46 -22.96
C LEU B 70 17.44 5.71 -24.05
N LEU B 71 17.08 4.45 -23.87
CA LEU B 71 16.27 3.69 -24.81
C LEU B 71 14.92 3.47 -24.18
N TYR B 72 13.85 3.75 -24.89
CA TYR B 72 12.54 3.48 -24.31
C TYR B 72 11.68 2.83 -25.36
N GLY B 73 10.51 2.36 -24.96
CA GLY B 73 9.64 1.68 -25.89
C GLY B 73 8.60 0.87 -25.18
N PRO B 74 7.82 0.08 -25.92
CA PRO B 74 6.88 -0.82 -25.32
C PRO B 74 7.60 -2.06 -24.81
N PRO B 75 6.95 -2.92 -24.04
CA PRO B 75 7.67 -4.10 -23.52
C PRO B 75 7.96 -5.12 -24.60
N GLY B 76 9.21 -5.53 -24.68
CA GLY B 76 9.58 -6.66 -25.48
C GLY B 76 10.07 -6.37 -26.86
N THR B 77 10.63 -5.21 -27.11
CA THR B 77 10.92 -4.78 -28.45
C THR B 77 12.40 -4.70 -28.77
N GLY B 78 13.29 -4.88 -27.82
CA GLY B 78 14.68 -4.96 -28.18
C GLY B 78 15.68 -4.24 -27.32
N LYS B 79 15.25 -3.62 -26.22
CA LYS B 79 16.09 -2.72 -25.46
C LYS B 79 17.22 -3.45 -24.75
N SER B 80 16.88 -4.39 -23.87
CA SER B 80 17.88 -5.16 -23.15
C SER B 80 18.71 -6.01 -24.10
N TYR B 81 18.14 -6.42 -25.22
CA TYR B 81 18.86 -7.25 -26.17
C TYR B 81 19.92 -6.45 -26.89
N LEU B 82 19.58 -5.24 -27.28
CA LEU B 82 20.54 -4.33 -27.88
C LEU B 82 21.64 -3.96 -26.91
N ALA B 83 21.30 -3.90 -25.62
CA ALA B 83 22.34 -3.75 -24.61
C ALA B 83 23.25 -4.96 -24.53
N LYS B 84 22.73 -6.16 -24.80
CA LYS B 84 23.63 -7.31 -24.87
C LYS B 84 24.53 -7.23 -26.08
N ALA B 85 24.02 -6.68 -27.18
CA ALA B 85 24.84 -6.51 -28.38
C ALA B 85 25.99 -5.55 -28.14
N VAL B 86 25.72 -4.46 -27.43
CA VAL B 86 26.78 -3.55 -27.00
C VAL B 86 27.76 -4.27 -26.10
N ALA B 87 27.26 -5.11 -25.18
CA ALA B 87 28.13 -5.83 -24.26
C ALA B 87 29.03 -6.83 -24.96
N THR B 88 28.65 -7.32 -26.13
CA THR B 88 29.55 -8.18 -26.87
C THR B 88 30.54 -7.38 -27.71
N GLU B 89 30.05 -6.37 -28.41
CA GLU B 89 30.84 -5.73 -29.44
C GLU B 89 31.67 -4.55 -28.96
N ALA B 90 31.54 -4.14 -27.70
CA ALA B 90 32.07 -2.84 -27.31
C ALA B 90 33.57 -2.85 -27.11
N ASN B 91 34.11 -3.91 -26.50
CA ASN B 91 35.46 -3.95 -25.93
C ASN B 91 35.64 -2.80 -24.94
N SER B 92 34.79 -2.80 -23.93
CA SER B 92 34.87 -1.88 -22.83
C SER B 92 34.32 -2.62 -21.62
N THR B 93 34.72 -2.18 -20.44
CA THR B 93 34.19 -2.81 -19.25
C THR B 93 32.73 -2.44 -19.10
N PHE B 94 31.89 -3.45 -18.89
CA PHE B 94 30.45 -3.30 -18.98
C PHE B 94 29.85 -3.58 -17.62
N PHE B 95 29.66 -2.55 -16.82
CA PHE B 95 29.00 -2.70 -15.54
C PHE B 95 27.52 -2.77 -15.76
N SER B 96 26.86 -3.73 -15.13
CA SER B 96 25.41 -3.85 -15.19
C SER B 96 24.90 -3.76 -13.76
N VAL B 97 24.44 -2.59 -13.37
CA VAL B 97 24.03 -2.37 -12.00
C VAL B 97 22.52 -2.26 -11.95
N SER B 98 21.95 -2.39 -10.76
CA SER B 98 20.52 -2.31 -10.60
C SER B 98 20.20 -1.88 -9.18
N SER B 99 18.91 -1.68 -8.92
CA SER B 99 18.46 -1.15 -7.64
C SER B 99 18.70 -2.08 -6.47
N SER B 100 18.94 -3.36 -6.73
CA SER B 100 19.28 -4.25 -5.65
C SER B 100 20.66 -3.97 -5.11
N ASP B 101 21.51 -3.32 -5.88
CA ASP B 101 22.92 -3.27 -5.57
C ASP B 101 23.33 -1.88 -5.11
N LEU B 102 22.39 -0.98 -4.96
CA LEU B 102 22.68 0.39 -4.55
C LEU B 102 22.03 0.79 -3.26
N VAL B 103 20.88 0.20 -2.94
CA VAL B 103 20.14 0.51 -1.75
C VAL B 103 20.69 -0.40 -0.67
N SER B 104 21.58 0.14 0.12
CA SER B 104 22.03 -0.51 1.33
C SER B 104 21.28 0.01 2.53
N LYS B 105 21.57 -0.61 3.68
CA LYS B 105 20.73 -0.58 4.86
C LYS B 105 21.09 0.53 5.84
N TRP B 106 22.11 1.29 5.53
CA TRP B 106 23.05 1.81 6.51
C TRP B 106 23.38 3.29 6.38
N MET B 107 22.39 4.17 6.22
CA MET B 107 22.57 5.62 6.37
C MET B 107 23.59 6.20 5.37
N GLY B 108 23.14 6.28 4.13
CA GLY B 108 24.00 6.92 3.18
C GLY B 108 25.02 5.98 2.60
N GLU B 109 24.73 4.70 2.62
CA GLU B 109 25.52 3.91 1.72
C GLU B 109 24.95 3.99 0.33
N SER B 110 23.66 4.25 0.21
CA SER B 110 23.06 4.39 -1.11
C SER B 110 23.51 5.63 -1.86
N GLU B 111 24.36 6.47 -1.28
CA GLU B 111 25.13 7.52 -1.92
C GLU B 111 26.61 7.19 -1.97
N LYS B 112 27.09 6.52 -0.96
CA LYS B 112 28.49 6.13 -0.95
C LYS B 112 28.74 5.00 -1.93
N LEU B 113 27.73 4.18 -2.17
CA LEU B 113 27.84 3.13 -3.17
C LEU B 113 27.85 3.71 -4.58
N VAL B 114 26.98 4.69 -4.85
CA VAL B 114 26.91 5.29 -6.18
C VAL B 114 28.20 5.98 -6.50
N LYS B 115 28.69 6.79 -5.57
CA LYS B 115 29.96 7.47 -5.77
C LYS B 115 31.11 6.50 -5.98
N GLN B 116 31.11 5.39 -5.26
CA GLN B 116 32.13 4.37 -5.51
C GLN B 116 31.97 3.71 -6.87
N LEU B 117 30.73 3.57 -7.37
CA LEU B 117 30.48 2.97 -8.68
C LEU B 117 31.14 3.79 -9.77
N PHE B 118 30.89 5.10 -9.78
CA PHE B 118 31.50 5.86 -10.85
C PHE B 118 32.99 6.07 -10.63
N ALA B 119 33.46 5.95 -9.39
CA ALA B 119 34.91 6.01 -9.18
C ALA B 119 35.59 4.76 -9.76
N MET B 120 34.94 3.61 -9.65
CA MET B 120 35.45 2.42 -10.33
C MET B 120 35.37 2.57 -11.83
N ALA B 121 34.30 3.18 -12.33
CA ALA B 121 34.20 3.29 -13.78
C ALA B 121 35.02 4.44 -14.34
N ARG B 122 35.66 5.23 -13.49
CA ARG B 122 36.69 6.11 -13.99
C ARG B 122 38.07 5.50 -13.90
N GLU B 123 38.34 4.68 -12.89
CA GLU B 123 39.63 4.02 -12.90
C GLU B 123 39.73 2.90 -13.92
N ASN B 124 38.62 2.44 -14.48
CA ASN B 124 38.67 1.44 -15.53
C ASN B 124 38.07 1.98 -16.81
N LYS B 125 38.46 3.18 -17.22
CA LYS B 125 37.93 3.73 -18.45
C LYS B 125 38.65 3.12 -19.64
N PRO B 126 37.98 2.97 -20.78
CA PRO B 126 36.59 3.25 -21.15
C PRO B 126 35.62 2.25 -20.58
N SER B 127 34.50 2.74 -20.06
CA SER B 127 33.57 1.89 -19.33
C SER B 127 32.17 2.16 -19.82
N ILE B 128 31.26 1.24 -19.53
CA ILE B 128 29.84 1.39 -19.83
C ILE B 128 29.08 1.00 -18.58
N ILE B 129 28.12 1.80 -18.19
CA ILE B 129 27.29 1.51 -17.05
C ILE B 129 25.87 1.35 -17.55
N PHE B 130 25.29 0.18 -17.36
CA PHE B 130 23.97 -0.10 -17.89
C PHE B 130 23.01 -0.22 -16.75
N ILE B 131 22.23 0.83 -16.51
CA ILE B 131 21.29 0.83 -15.40
C ILE B 131 19.96 0.36 -15.96
N ASP B 132 19.60 -0.88 -15.73
CA ASP B 132 18.40 -1.39 -16.35
C ASP B 132 17.20 -1.05 -15.50
N GLU B 133 16.16 -0.55 -16.14
CA GLU B 133 14.95 -0.01 -15.52
C GLU B 133 15.29 1.11 -14.54
N VAL B 134 15.72 2.21 -15.17
CA VAL B 134 16.02 3.43 -14.46
C VAL B 134 14.81 4.14 -13.90
N ASP B 135 13.60 3.75 -14.28
CA ASP B 135 12.45 4.43 -13.71
C ASP B 135 12.16 4.01 -12.29
N ALA B 136 12.85 3.02 -11.75
CA ALA B 136 12.68 2.58 -10.39
C ALA B 136 13.63 3.25 -9.42
N LEU B 137 14.66 3.93 -9.92
CA LEU B 137 15.49 4.77 -9.10
C LEU B 137 15.03 6.21 -9.07
N THR B 138 14.43 6.69 -10.15
CA THR B 138 14.32 8.10 -10.50
C THR B 138 12.86 8.46 -10.78
N GLY B 139 12.13 8.83 -9.74
CA GLY B 139 10.69 8.92 -9.78
C GLY B 139 10.05 10.27 -9.54
N THR B 140 10.55 11.31 -10.20
CA THR B 140 10.01 12.66 -10.39
C THR B 140 9.99 13.53 -9.12
N ARG B 141 10.32 12.93 -7.97
CA ARG B 141 10.45 13.55 -6.63
C ARG B 141 9.42 14.62 -6.30
N GLY B 142 8.15 14.23 -6.27
CA GLY B 142 7.09 15.10 -5.78
C GLY B 142 6.24 14.37 -4.75
N GLU B 143 6.42 13.05 -4.68
CA GLU B 143 5.68 12.21 -3.75
C GLU B 143 6.59 11.26 -2.97
N GLY B 144 7.87 11.19 -3.32
CA GLY B 144 8.73 10.18 -2.77
C GLY B 144 9.22 10.50 -1.39
N GLU B 145 9.84 9.51 -0.77
CA GLU B 145 10.38 9.65 0.56
C GLU B 145 11.74 10.33 0.54
N SER B 146 12.09 10.87 1.70
CA SER B 146 13.24 11.76 1.87
C SER B 146 14.54 11.10 1.46
N GLU B 147 14.86 9.97 2.09
CA GLU B 147 16.18 9.38 1.91
C GLU B 147 16.35 8.84 0.52
N ALA B 148 15.54 7.85 0.17
CA ALA B 148 15.71 7.12 -1.08
C ALA B 148 15.54 8.04 -2.26
N SER B 149 14.53 8.93 -2.09
CA SER B 149 14.22 9.86 -3.14
C SER B 149 15.33 10.89 -3.26
N ARG B 150 15.47 11.77 -2.27
CA ARG B 150 16.32 12.92 -2.52
C ARG B 150 17.79 12.54 -2.55
N ARG B 151 18.14 11.47 -1.89
CA ARG B 151 19.55 11.23 -1.74
C ARG B 151 20.07 10.29 -2.81
N ILE B 152 19.28 9.33 -3.25
CA ILE B 152 19.81 8.54 -4.35
C ILE B 152 19.65 9.28 -5.67
N LYS B 153 18.53 9.97 -5.86
CA LYS B 153 18.37 10.75 -7.08
C LYS B 153 19.39 11.87 -7.15
N THR B 154 19.60 12.54 -6.02
CA THR B 154 20.53 13.67 -5.98
C THR B 154 21.97 13.22 -6.19
N GLU B 155 22.37 12.08 -5.63
CA GLU B 155 23.74 11.66 -5.88
C GLU B 155 23.93 11.16 -7.29
N LEU B 156 22.87 10.68 -7.91
CA LEU B 156 22.99 10.29 -9.31
C LEU B 156 23.15 11.51 -10.21
N LEU B 157 22.40 12.59 -9.92
CA LEU B 157 22.51 13.84 -10.66
C LEU B 157 23.90 14.44 -10.59
N VAL B 158 24.31 14.77 -9.37
CA VAL B 158 25.61 15.39 -9.12
C VAL B 158 26.74 14.51 -9.61
N GLN B 159 26.54 13.20 -9.58
CA GLN B 159 27.62 12.35 -9.99
C GLN B 159 27.70 12.25 -11.51
N MET B 160 26.59 12.44 -12.21
CA MET B 160 26.65 12.35 -13.67
C MET B 160 27.31 13.57 -14.29
N ASN B 161 26.91 14.80 -13.94
CA ASN B 161 27.77 15.87 -14.46
C ASN B 161 28.48 16.69 -13.39
N GLY B 162 27.76 17.30 -12.43
CA GLY B 162 28.34 17.95 -11.26
C GLY B 162 29.41 18.99 -11.48
N VAL B 163 30.25 19.23 -10.46
CA VAL B 163 31.33 20.20 -10.55
C VAL B 163 32.69 19.51 -10.60
N GLY B 164 33.06 18.78 -9.56
CA GLY B 164 34.38 18.20 -9.54
C GLY B 164 34.42 16.76 -9.99
N ASN B 165 33.69 16.41 -11.05
CA ASN B 165 33.38 15.01 -11.25
C ASN B 165 33.92 14.39 -12.52
N ASP B 166 34.01 15.10 -13.65
CA ASP B 166 34.74 14.64 -14.85
C ASP B 166 34.16 13.33 -15.42
N SER B 167 33.00 13.44 -16.06
CA SER B 167 32.44 12.34 -16.83
C SER B 167 33.10 12.25 -18.21
N GLN B 168 34.38 11.91 -18.19
CA GLN B 168 35.14 11.61 -19.41
C GLN B 168 35.19 10.12 -19.62
N GLY B 169 34.77 9.67 -20.79
CA GLY B 169 35.01 8.29 -21.13
C GLY B 169 34.08 7.30 -20.49
N VAL B 170 33.13 7.74 -19.68
CA VAL B 170 32.08 6.85 -19.20
C VAL B 170 30.85 7.15 -20.02
N LEU B 171 30.05 6.12 -20.22
CA LEU B 171 28.77 6.23 -20.88
C LEU B 171 27.74 5.61 -19.97
N VAL B 172 26.59 6.17 -19.92
CA VAL B 172 25.55 5.70 -19.05
C VAL B 172 24.36 5.32 -19.92
N LEU B 173 24.12 4.04 -20.12
CA LEU B 173 22.91 3.65 -20.83
C LEU B 173 21.71 3.68 -19.91
N GLY B 174 20.62 3.12 -20.35
CA GLY B 174 19.48 3.03 -19.47
C GLY B 174 18.28 2.68 -20.29
N ALA B 175 17.43 1.79 -19.81
CA ALA B 175 16.23 1.44 -20.52
C ALA B 175 15.05 1.68 -19.61
N THR B 176 13.87 1.89 -20.20
CA THR B 176 12.68 2.07 -19.38
C THR B 176 11.44 1.78 -20.21
N ASN B 177 10.36 1.43 -19.52
CA ASN B 177 9.07 1.28 -20.16
C ASN B 177 8.12 2.41 -19.84
N ILE B 178 8.39 3.17 -18.80
CA ILE B 178 7.51 4.27 -18.42
C ILE B 178 8.35 5.53 -18.56
N PRO B 179 8.58 6.06 -19.74
CA PRO B 179 9.49 7.19 -19.85
C PRO B 179 8.88 8.50 -19.42
N TRP B 180 7.58 8.56 -19.19
CA TRP B 180 6.96 9.80 -18.73
C TRP B 180 6.99 9.96 -17.24
N GLN B 181 7.37 8.93 -16.49
CA GLN B 181 7.49 9.01 -15.04
C GLN B 181 8.92 9.23 -14.63
N LEU B 182 9.65 10.01 -15.38
CA LEU B 182 11.07 10.18 -15.16
C LEU B 182 11.28 11.64 -14.79
N ASP B 183 12.19 11.89 -13.85
CA ASP B 183 12.41 13.24 -13.37
C ASP B 183 13.07 14.09 -14.44
N SER B 184 12.69 15.36 -14.53
CA SER B 184 13.12 16.22 -15.61
C SER B 184 14.61 16.55 -15.58
N ALA B 185 15.24 16.49 -14.41
CA ALA B 185 16.69 16.65 -14.37
C ALA B 185 17.39 15.43 -14.95
N ILE B 186 16.76 14.27 -14.85
CA ILE B 186 17.37 13.07 -15.36
C ILE B 186 16.96 12.84 -16.81
N ARG B 187 15.83 13.38 -17.21
CA ARG B 187 15.56 13.52 -18.62
C ARG B 187 16.56 14.45 -19.28
N ARG B 188 17.04 15.43 -18.54
CA ARG B 188 18.08 16.30 -19.08
C ARG B 188 19.41 15.58 -19.21
N ARG B 189 19.78 14.73 -18.24
CA ARG B 189 21.12 14.12 -18.26
C ARG B 189 21.29 13.13 -19.40
N PHE B 190 20.23 12.41 -19.75
CA PHE B 190 20.23 11.47 -20.86
C PHE B 190 20.04 12.25 -22.13
N GLU B 191 21.09 12.43 -22.90
CA GLU B 191 21.01 13.45 -23.90
C GLU B 191 20.59 12.95 -25.26
N ARG B 192 20.32 11.66 -25.43
CA ARG B 192 19.73 11.15 -26.68
C ARG B 192 18.67 10.13 -26.32
N ARG B 193 17.45 10.56 -26.14
CA ARG B 193 16.35 9.64 -25.85
C ARG B 193 15.88 8.97 -27.13
N ILE B 194 16.32 7.75 -27.40
CA ILE B 194 15.95 7.02 -28.61
C ILE B 194 14.76 6.13 -28.31
N TYR B 195 13.85 5.96 -29.27
CA TYR B 195 12.61 5.21 -29.09
C TYR B 195 12.65 3.91 -29.87
N ILE B 196 12.47 2.79 -29.19
CA ILE B 196 12.56 1.47 -29.81
C ILE B 196 11.13 0.97 -30.05
N PRO B 197 10.64 0.93 -31.28
CA PRO B 197 9.23 0.64 -31.49
C PRO B 197 8.92 -0.82 -31.80
N LEU B 198 7.64 -1.14 -31.92
CA LEU B 198 7.22 -2.45 -32.39
C LEU B 198 7.69 -2.67 -33.82
N PRO B 199 8.03 -3.88 -34.22
CA PRO B 199 8.66 -4.05 -35.51
C PRO B 199 7.68 -3.90 -36.65
N ASP B 200 8.23 -3.53 -37.81
CA ASP B 200 7.45 -3.39 -39.03
C ASP B 200 7.53 -4.69 -39.79
N LEU B 201 7.15 -4.68 -41.06
CA LEU B 201 7.00 -5.93 -41.82
C LEU B 201 8.33 -6.61 -42.07
N ALA B 202 9.32 -5.86 -42.56
CA ALA B 202 10.62 -6.44 -42.88
C ALA B 202 11.33 -6.94 -41.64
N ALA B 203 11.13 -6.27 -40.51
CA ALA B 203 11.75 -6.69 -39.26
C ALA B 203 11.15 -7.99 -38.76
N ARG B 204 9.82 -8.12 -38.83
CA ARG B 204 9.16 -9.35 -38.41
C ARG B 204 9.58 -10.53 -39.26
N THR B 205 9.68 -10.32 -40.59
CA THR B 205 10.15 -11.39 -41.46
C THR B 205 11.57 -11.78 -41.13
N THR B 206 12.40 -10.79 -40.80
CA THR B 206 13.77 -11.06 -40.39
C THR B 206 13.81 -11.84 -39.10
N MET B 207 12.91 -11.55 -38.16
CA MET B 207 12.94 -12.24 -36.88
C MET B 207 12.51 -13.67 -36.99
N PHE B 208 11.55 -13.98 -37.88
CA PHE B 208 11.23 -15.38 -38.10
C PHE B 208 12.39 -16.13 -38.71
N GLU B 209 13.04 -15.51 -39.71
CA GLU B 209 14.18 -16.16 -40.35
C GLU B 209 15.34 -16.37 -39.38
N ILE B 210 15.53 -15.47 -38.41
CA ILE B 210 16.58 -15.66 -37.42
C ILE B 210 16.20 -16.75 -36.43
N ASN B 211 15.00 -16.66 -35.85
CA ASN B 211 14.63 -17.54 -34.76
C ASN B 211 14.41 -18.97 -35.20
N VAL B 212 14.14 -19.26 -36.47
CA VAL B 212 14.13 -20.68 -36.81
C VAL B 212 15.53 -21.25 -36.88
N GLY B 213 16.54 -20.41 -37.03
CA GLY B 213 17.92 -20.88 -36.91
C GLY B 213 18.32 -21.76 -38.08
N ASP B 214 18.92 -22.90 -37.74
CA ASP B 214 19.29 -23.90 -38.73
C ASP B 214 18.42 -25.14 -38.63
N THR B 215 17.18 -24.97 -38.23
CA THR B 215 16.27 -26.09 -38.09
C THR B 215 15.70 -26.46 -39.45
N PRO B 216 15.68 -27.76 -39.81
CA PRO B 216 15.15 -28.17 -41.12
C PRO B 216 13.68 -27.88 -41.30
N CYS B 217 13.38 -26.99 -42.25
CA CYS B 217 12.01 -26.58 -42.52
C CYS B 217 11.80 -26.49 -44.03
N VAL B 218 10.55 -26.73 -44.43
CA VAL B 218 10.16 -26.70 -45.83
C VAL B 218 9.77 -25.29 -46.27
N LEU B 219 9.94 -24.30 -45.41
CA LEU B 219 9.43 -22.97 -45.68
C LEU B 219 10.27 -22.24 -46.71
N THR B 220 9.61 -21.35 -47.45
CA THR B 220 10.25 -20.50 -48.44
C THR B 220 10.24 -19.06 -47.97
N LYS B 221 10.75 -18.18 -48.83
CA LYS B 221 10.74 -16.76 -48.53
C LYS B 221 9.32 -16.21 -48.50
N GLU B 222 8.44 -16.72 -49.34
CA GLU B 222 7.06 -16.26 -49.32
C GLU B 222 6.30 -16.81 -48.13
N ASP B 223 6.81 -17.86 -47.49
CA ASP B 223 6.19 -18.36 -46.27
C ASP B 223 6.51 -17.45 -45.11
N TYR B 224 7.78 -17.10 -44.94
CA TYR B 224 8.14 -16.15 -43.90
C TYR B 224 7.51 -14.80 -44.16
N ARG B 225 7.41 -14.44 -45.42
CA ARG B 225 6.73 -13.22 -45.81
C ARG B 225 5.26 -13.26 -45.45
N THR B 226 4.65 -14.44 -45.57
CA THR B 226 3.26 -14.63 -45.21
C THR B 226 3.06 -14.45 -43.71
N LEU B 227 3.92 -15.07 -42.91
CA LEU B 227 3.79 -14.98 -41.46
C LEU B 227 4.04 -13.57 -40.97
N GLY B 228 5.07 -12.92 -41.51
CA GLY B 228 5.31 -11.52 -41.19
C GLY B 228 4.16 -10.62 -41.57
N ALA B 229 3.44 -10.96 -42.64
CA ALA B 229 2.21 -10.22 -42.93
C ALA B 229 1.12 -10.55 -41.94
N MET B 230 1.17 -11.73 -41.33
CA MET B 230 0.09 -12.19 -40.47
C MET B 230 0.15 -11.58 -39.08
N THR B 231 1.34 -11.20 -38.61
CA THR B 231 1.56 -10.91 -37.19
C THR B 231 1.61 -9.43 -36.86
N GLU B 232 0.75 -8.57 -37.38
CA GLU B 232 0.91 -7.15 -37.07
C GLU B 232 0.40 -6.84 -35.67
N GLY B 233 1.27 -6.25 -34.87
CA GLY B 233 0.99 -5.95 -33.48
C GLY B 233 1.90 -6.67 -32.52
N TYR B 234 2.74 -7.57 -32.99
CA TYR B 234 3.55 -8.37 -32.09
C TYR B 234 4.89 -7.71 -31.90
N SER B 235 5.42 -7.83 -30.70
CA SER B 235 6.77 -7.39 -30.43
C SER B 235 7.72 -8.56 -30.66
N GLY B 236 9.01 -8.36 -30.39
CA GLY B 236 9.98 -9.40 -30.70
C GLY B 236 9.96 -10.55 -29.73
N SER B 237 9.47 -10.31 -28.51
CA SER B 237 9.25 -11.40 -27.57
C SER B 237 8.23 -12.37 -28.08
N ASP B 238 7.12 -11.85 -28.58
CA ASP B 238 6.02 -12.70 -29.00
C ASP B 238 6.42 -13.55 -30.18
N ILE B 239 7.23 -13.01 -31.07
CA ILE B 239 7.65 -13.81 -32.19
C ILE B 239 8.69 -14.82 -31.76
N ALA B 240 9.48 -14.50 -30.73
CA ALA B 240 10.37 -15.51 -30.18
C ALA B 240 9.61 -16.65 -29.52
N VAL B 241 8.42 -16.40 -28.96
CA VAL B 241 7.69 -17.51 -28.37
C VAL B 241 6.77 -18.22 -29.36
N VAL B 242 6.37 -17.58 -30.46
CA VAL B 242 5.66 -18.39 -31.44
C VAL B 242 6.65 -19.27 -32.18
N VAL B 243 7.92 -18.86 -32.28
CA VAL B 243 8.87 -19.79 -32.85
C VAL B 243 9.22 -20.87 -31.86
N LYS B 244 9.20 -20.55 -30.56
CA LYS B 244 9.43 -21.58 -29.55
C LYS B 244 8.35 -22.66 -29.58
N ASP B 245 7.09 -22.23 -29.62
CA ASP B 245 5.98 -23.17 -29.61
C ASP B 245 5.91 -23.96 -30.92
N ALA B 246 6.13 -23.30 -32.05
CA ALA B 246 6.12 -23.99 -33.32
C ALA B 246 7.27 -24.97 -33.44
N LEU B 247 8.39 -24.70 -32.80
CA LEU B 247 9.42 -25.71 -32.74
C LEU B 247 9.09 -26.84 -31.79
N MET B 248 8.09 -26.70 -30.92
CA MET B 248 7.68 -27.92 -30.23
C MET B 248 6.77 -28.82 -31.05
N GLN B 249 6.08 -28.31 -32.10
CA GLN B 249 5.15 -29.17 -32.89
C GLN B 249 5.58 -30.54 -33.48
N PRO B 250 6.84 -30.78 -33.86
CA PRO B 250 7.23 -32.15 -34.21
C PRO B 250 7.22 -33.14 -33.06
N ILE B 251 7.39 -32.70 -31.82
CA ILE B 251 7.33 -33.64 -30.71
C ILE B 251 5.91 -34.11 -30.48
N ARG B 252 4.95 -33.19 -30.63
CA ARG B 252 3.54 -33.55 -30.49
C ARG B 252 3.12 -34.55 -31.55
N LYS B 253 3.57 -34.34 -32.79
CA LYS B 253 3.44 -35.39 -33.80
C LYS B 253 4.04 -36.70 -33.31
N ILE B 254 5.29 -36.67 -32.84
CA ILE B 254 6.03 -37.91 -32.67
C ILE B 254 5.65 -38.62 -31.38
N GLN B 255 4.77 -38.03 -30.57
CA GLN B 255 4.12 -38.75 -29.48
C GLN B 255 2.75 -39.25 -29.87
N SER B 256 1.96 -38.45 -30.58
CA SER B 256 0.68 -38.93 -31.07
C SER B 256 0.87 -39.69 -32.39
N ALA B 257 1.56 -40.84 -32.32
CA ALA B 257 1.76 -41.72 -33.46
C ALA B 257 2.24 -43.08 -32.98
N PRO B 299 10.53 -35.38 -37.44
CA PRO B 299 9.98 -34.90 -38.73
C PRO B 299 10.37 -33.50 -39.16
N ASP B 300 9.70 -33.00 -40.21
CA ASP B 300 9.92 -31.68 -40.78
C ASP B 300 9.13 -30.59 -40.05
N LEU B 301 9.57 -29.35 -40.21
CA LEU B 301 8.73 -28.21 -39.91
C LEU B 301 7.99 -27.81 -41.17
N THR B 302 6.66 -27.83 -41.10
CA THR B 302 5.83 -27.57 -42.26
C THR B 302 4.69 -26.67 -41.82
N ILE B 303 4.36 -25.70 -42.67
CA ILE B 303 3.77 -24.39 -42.40
C ILE B 303 2.50 -24.47 -41.55
N LYS B 304 1.86 -25.64 -41.46
CA LYS B 304 0.73 -25.78 -40.57
C LYS B 304 1.16 -25.75 -39.11
N ASP B 305 2.44 -26.05 -38.84
CA ASP B 305 2.94 -25.90 -37.48
C ASP B 305 2.97 -24.44 -37.07
N PHE B 306 3.43 -23.58 -37.97
CA PHE B 306 3.48 -22.16 -37.66
C PHE B 306 2.10 -21.55 -37.65
N LEU B 307 1.22 -21.98 -38.54
CA LEU B 307 -0.15 -21.47 -38.49
C LEU B 307 -0.87 -21.91 -37.24
N LYS B 308 -0.55 -23.13 -36.78
CA LYS B 308 -1.06 -23.63 -35.51
C LYS B 308 -0.61 -22.77 -34.36
N ALA B 309 0.68 -22.43 -34.33
CA ALA B 309 1.22 -21.63 -33.24
C ALA B 309 0.67 -20.21 -33.27
N ILE B 310 0.52 -19.64 -34.45
CA ILE B 310 0.04 -18.26 -34.56
C ILE B 310 -1.42 -18.16 -34.21
N LYS B 311 -2.20 -19.21 -34.47
CA LYS B 311 -3.57 -19.24 -33.97
C LYS B 311 -3.61 -19.29 -32.44
N SER B 312 -2.69 -20.04 -31.83
CA SER B 312 -2.76 -20.20 -30.38
C SER B 312 -2.18 -19.00 -29.63
N THR B 313 -1.12 -18.40 -30.14
CA THR B 313 -0.43 -17.34 -29.43
C THR B 313 -1.00 -15.99 -29.81
N ARG B 314 -1.21 -15.14 -28.81
CA ARG B 314 -1.93 -13.91 -28.89
C ARG B 314 -1.03 -12.75 -28.44
N PRO B 315 -1.15 -11.49 -29.05
CA PRO B 315 -0.27 -10.37 -28.67
C PRO B 315 -0.09 -10.05 -27.20
N THR B 316 0.93 -9.30 -26.87
CA THR B 316 1.15 -8.98 -25.49
C THR B 316 0.95 -7.52 -25.18
N VAL B 317 1.12 -6.61 -26.14
CA VAL B 317 0.95 -5.19 -25.88
C VAL B 317 -0.39 -4.73 -26.43
N ASN B 318 -1.04 -3.89 -25.67
CA ASN B 318 -2.36 -3.33 -25.97
C ASN B 318 -2.19 -2.10 -26.84
N GLU B 319 -3.20 -1.24 -26.97
CA GLU B 319 -3.06 -0.12 -27.89
C GLU B 319 -3.45 1.23 -27.29
N ASP B 320 -3.28 1.42 -25.98
CA ASP B 320 -3.22 2.76 -25.42
C ASP B 320 -1.89 3.08 -24.77
N ASP B 321 -1.17 2.03 -24.35
CA ASP B 321 0.24 2.14 -24.01
C ASP B 321 1.02 2.78 -25.14
N LEU B 322 0.70 2.40 -26.38
CA LEU B 322 1.32 3.02 -27.53
C LEU B 322 0.97 4.49 -27.66
N LEU B 323 -0.18 4.93 -27.15
CA LEU B 323 -0.49 6.35 -27.25
C LEU B 323 0.39 7.16 -26.33
N LYS B 324 0.68 6.64 -25.14
CA LYS B 324 1.55 7.44 -24.29
C LYS B 324 3.01 7.35 -24.71
N GLN B 325 3.42 6.24 -25.34
CA GLN B 325 4.76 6.18 -25.91
C GLN B 325 4.92 7.19 -27.03
N GLU B 326 3.93 7.27 -27.91
CA GLU B 326 4.01 8.22 -29.01
C GLU B 326 3.91 9.64 -28.53
N GLN B 327 3.19 9.86 -27.43
CA GLN B 327 3.18 11.14 -26.75
C GLN B 327 4.58 11.58 -26.37
N PHE B 328 5.29 10.73 -25.64
CA PHE B 328 6.63 11.10 -25.19
C PHE B 328 7.59 11.25 -26.36
N THR B 329 7.40 10.49 -27.43
CA THR B 329 8.30 10.62 -28.57
C THR B 329 8.07 11.93 -29.29
N ARG B 330 6.83 12.38 -29.33
CA ARG B 330 6.50 13.62 -29.98
C ARG B 330 6.85 14.83 -29.14
N ASP B 331 6.96 14.67 -27.82
CA ASP B 331 7.34 15.80 -26.97
C ASP B 331 8.83 15.88 -26.66
N PHE B 332 9.56 14.76 -26.59
CA PHE B 332 10.95 14.82 -26.17
C PHE B 332 11.91 13.93 -26.94
N GLY B 333 11.46 13.10 -27.86
CA GLY B 333 12.24 11.97 -28.31
C GLY B 333 12.69 11.91 -29.75
N GLN B 334 13.67 11.02 -29.99
CA GLN B 334 14.22 10.68 -31.29
C GLN B 334 13.29 9.65 -31.92
N GLU B 335 13.68 9.01 -33.01
CA GLU B 335 12.87 8.02 -33.67
C GLU B 335 13.79 6.89 -34.12
N GLY B 336 13.59 5.71 -33.57
CA GLY B 336 14.58 4.66 -33.72
C GLY B 336 14.53 3.88 -34.98
N ASN B 337 13.53 4.14 -35.82
CA ASN B 337 13.42 3.64 -37.20
C ASN B 337 13.33 2.13 -37.23
N ASN C 12 23.81 -12.09 2.76
CA ASN C 12 23.97 -13.31 2.00
C ASN C 12 23.31 -14.49 2.70
N LYS C 13 24.06 -15.03 3.66
CA LYS C 13 23.65 -16.24 4.35
C LYS C 13 22.57 -15.99 5.38
N LYS C 14 22.43 -14.75 5.86
CA LYS C 14 21.26 -14.40 6.65
C LYS C 14 20.00 -14.54 5.82
N LEU C 15 20.08 -14.12 4.55
CA LEU C 15 18.92 -14.14 3.70
C LEU C 15 18.60 -15.56 3.25
N ARG C 16 19.62 -16.36 2.96
CA ARG C 16 19.36 -17.77 2.66
C ARG C 16 18.90 -18.53 3.89
N GLY C 17 19.30 -18.08 5.08
CA GLY C 17 18.71 -18.62 6.29
C GLY C 17 17.24 -18.27 6.42
N ALA C 18 16.83 -17.13 5.88
CA ALA C 18 15.39 -16.84 5.86
C ALA C 18 14.67 -17.70 4.84
N LEU C 19 15.17 -17.77 3.62
CA LEU C 19 14.43 -18.46 2.57
C LEU C 19 14.75 -19.93 2.47
N SER C 20 15.43 -20.51 3.46
CA SER C 20 15.54 -21.96 3.47
C SER C 20 14.22 -22.64 3.78
N SER C 21 13.28 -21.94 4.40
CA SER C 21 12.01 -22.52 4.78
C SER C 21 10.95 -22.34 3.72
N ALA C 22 11.35 -22.24 2.46
CA ALA C 22 10.40 -22.14 1.36
C ALA C 22 10.51 -23.29 0.39
N ILE C 23 11.67 -23.93 0.32
CA ILE C 23 11.87 -25.10 -0.51
C ILE C 23 11.09 -26.22 0.15
N LEU C 24 9.88 -26.50 -0.32
CA LEU C 24 9.09 -27.48 0.39
C LEU C 24 9.61 -28.88 0.13
N SER C 25 9.39 -29.77 1.08
CA SER C 25 10.07 -31.06 1.06
C SER C 25 9.14 -32.19 1.45
N GLU C 26 7.89 -31.92 1.70
CA GLU C 26 6.98 -32.98 2.11
C GLU C 26 6.25 -33.69 0.98
N LYS C 27 6.29 -33.18 -0.25
CA LYS C 27 5.73 -33.81 -1.46
C LYS C 27 4.28 -34.21 -1.32
N PRO C 28 3.35 -33.27 -1.43
CA PRO C 28 1.92 -33.58 -1.29
C PRO C 28 1.48 -34.57 -2.35
N ASN C 29 1.03 -35.74 -1.91
CA ASN C 29 0.84 -36.87 -2.79
C ASN C 29 -0.44 -36.74 -3.60
N VAL C 30 -0.38 -35.87 -4.60
CA VAL C 30 -1.39 -35.76 -5.64
C VAL C 30 -0.75 -36.19 -6.94
N LYS C 31 -1.35 -37.15 -7.62
CA LYS C 31 -0.79 -37.63 -8.86
C LYS C 31 -1.64 -37.18 -10.02
N TRP C 32 -1.13 -37.36 -11.25
CA TRP C 32 -1.78 -36.75 -12.41
C TRP C 32 -3.15 -37.35 -12.69
N GLU C 33 -3.43 -38.53 -12.15
CA GLU C 33 -4.76 -39.11 -12.19
C GLU C 33 -5.76 -38.25 -11.45
N ASP C 34 -5.36 -37.72 -10.30
CA ASP C 34 -6.29 -37.18 -9.32
C ASP C 34 -6.85 -35.85 -9.72
N VAL C 35 -6.47 -35.29 -10.84
CA VAL C 35 -7.06 -34.05 -11.32
C VAL C 35 -8.07 -34.44 -12.40
N ALA C 36 -9.16 -33.70 -12.49
CA ALA C 36 -10.27 -34.09 -13.34
C ALA C 36 -10.61 -32.97 -14.31
N GLY C 37 -10.59 -33.26 -15.58
CA GLY C 37 -10.65 -32.22 -16.56
C GLY C 37 -9.25 -31.76 -16.82
N LEU C 38 -9.15 -30.62 -17.51
CA LEU C 38 -7.89 -29.87 -17.69
C LEU C 38 -6.81 -30.72 -18.34
N GLU C 39 -7.15 -31.26 -19.52
CA GLU C 39 -6.15 -32.00 -20.27
C GLU C 39 -5.11 -31.07 -20.84
N GLY C 40 -5.51 -29.86 -21.20
CA GLY C 40 -4.56 -28.95 -21.80
C GLY C 40 -3.53 -28.44 -20.82
N ALA C 41 -3.94 -28.14 -19.60
CA ALA C 41 -3.02 -27.62 -18.62
C ALA C 41 -2.05 -28.68 -18.15
N LYS C 42 -2.53 -29.90 -17.95
CA LYS C 42 -1.61 -31.01 -17.65
C LYS C 42 -0.67 -31.26 -18.80
N GLU C 43 -1.15 -31.08 -20.03
CA GLU C 43 -0.31 -31.33 -21.20
C GLU C 43 0.83 -30.34 -21.29
N ALA C 44 0.53 -29.06 -21.12
CA ALA C 44 1.58 -28.04 -21.15
C ALA C 44 2.54 -28.20 -19.99
N LEU C 45 2.02 -28.52 -18.80
CA LEU C 45 2.89 -28.67 -17.65
C LEU C 45 3.79 -29.89 -17.76
N LYS C 46 3.29 -30.97 -18.36
CA LYS C 46 4.14 -32.14 -18.58
C LYS C 46 5.23 -31.84 -19.57
N GLU C 47 4.89 -31.18 -20.68
CA GLU C 47 5.94 -30.91 -21.65
C GLU C 47 6.80 -29.72 -21.29
N ALA C 48 6.58 -29.08 -20.15
CA ALA C 48 7.53 -28.09 -19.66
C ALA C 48 8.29 -28.53 -18.42
N VAL C 49 7.87 -29.59 -17.74
CA VAL C 49 8.46 -30.01 -16.48
C VAL C 49 9.01 -31.43 -16.56
N ILE C 50 8.20 -32.37 -17.03
CA ILE C 50 8.58 -33.77 -16.98
C ILE C 50 9.54 -34.11 -18.12
N LEU C 51 9.20 -33.67 -19.30
CA LEU C 51 9.88 -34.04 -20.54
C LEU C 51 11.31 -33.51 -20.71
N PRO C 52 11.67 -32.29 -20.29
CA PRO C 52 13.10 -31.92 -20.34
C PRO C 52 14.00 -32.79 -19.49
N VAL C 53 13.53 -33.28 -18.36
CA VAL C 53 14.40 -34.08 -17.52
C VAL C 53 14.51 -35.50 -18.06
N LYS C 54 13.40 -36.05 -18.52
CA LYS C 54 13.37 -37.46 -18.92
C LYS C 54 14.07 -37.70 -20.25
N PHE C 55 14.08 -36.72 -21.15
CA PHE C 55 14.76 -36.86 -22.44
C PHE C 55 15.54 -35.60 -22.77
N PRO C 56 16.66 -35.37 -22.09
CA PRO C 56 17.36 -34.09 -22.23
C PRO C 56 18.12 -33.95 -23.53
N HIS C 57 18.30 -35.05 -24.27
CA HIS C 57 18.98 -34.98 -25.55
C HIS C 57 18.15 -34.25 -26.60
N LEU C 58 16.83 -34.21 -26.44
CA LEU C 58 15.97 -33.59 -27.45
C LEU C 58 16.16 -32.09 -27.51
N PHE C 59 16.13 -31.52 -26.34
CA PHE C 59 16.11 -30.07 -26.22
C PHE C 59 17.52 -29.54 -26.44
N LYS C 60 17.88 -29.44 -27.71
CA LYS C 60 19.20 -29.01 -28.16
C LYS C 60 19.03 -28.22 -29.44
N GLY C 61 19.77 -27.12 -29.55
CA GLY C 61 19.67 -26.28 -30.71
C GLY C 61 18.74 -25.12 -30.46
N ASN C 62 17.70 -25.00 -31.27
CA ASN C 62 16.73 -23.94 -31.12
C ASN C 62 15.57 -24.33 -30.21
N ARG C 63 15.50 -25.60 -29.82
CA ARG C 63 14.33 -26.14 -29.15
C ARG C 63 14.56 -26.03 -27.66
N LYS C 64 14.02 -24.99 -27.05
CA LYS C 64 14.22 -24.79 -25.63
C LYS C 64 12.94 -25.02 -24.85
N PRO C 65 13.03 -25.44 -23.59
CA PRO C 65 11.81 -25.62 -22.80
C PRO C 65 11.23 -24.29 -22.35
N THR C 66 9.98 -24.36 -21.90
CA THR C 66 9.22 -23.19 -21.49
C THR C 66 9.71 -22.72 -20.14
N SER C 67 9.75 -21.41 -19.94
CA SER C 67 10.26 -20.86 -18.69
C SER C 67 9.30 -19.85 -18.10
N GLY C 68 8.03 -20.21 -18.04
CA GLY C 68 7.07 -19.43 -17.28
C GLY C 68 5.68 -19.84 -17.69
N ILE C 69 4.78 -20.04 -16.75
CA ILE C 69 3.44 -20.50 -17.01
C ILE C 69 2.52 -19.85 -16.00
N LEU C 70 1.53 -19.12 -16.43
CA LEU C 70 0.59 -18.49 -15.52
C LEU C 70 -0.72 -19.23 -15.61
N LEU C 71 -1.16 -19.59 -14.44
CA LEU C 71 -2.45 -20.23 -14.42
C LEU C 71 -3.43 -19.25 -13.83
N TYR C 72 -4.57 -19.04 -14.46
CA TYR C 72 -5.54 -18.16 -13.88
C TYR C 72 -6.91 -18.78 -14.02
N GLY C 73 -7.89 -18.19 -13.38
CA GLY C 73 -9.22 -18.75 -13.41
C GLY C 73 -10.10 -18.20 -12.32
N PRO C 74 -11.29 -18.74 -12.16
CA PRO C 74 -12.14 -18.35 -11.05
C PRO C 74 -11.69 -19.05 -9.79
N PRO C 75 -12.19 -18.67 -8.62
CA PRO C 75 -11.73 -19.31 -7.38
C PRO C 75 -12.21 -20.73 -7.25
N GLY C 76 -11.27 -21.65 -7.00
CA GLY C 76 -11.60 -22.98 -6.62
C GLY C 76 -11.64 -24.00 -7.71
N THR C 77 -10.90 -23.81 -8.78
CA THR C 77 -11.06 -24.63 -9.96
C THR C 77 -9.89 -25.55 -10.24
N GLY C 78 -8.80 -25.44 -9.52
CA GLY C 78 -7.75 -26.42 -9.70
C GLY C 78 -6.33 -25.94 -9.75
N LYS C 79 -6.09 -24.65 -9.54
CA LYS C 79 -4.78 -24.07 -9.79
C LYS C 79 -3.74 -24.54 -8.79
N SER C 80 -3.96 -24.30 -7.51
CA SER C 80 -3.03 -24.72 -6.48
C SER C 80 -2.94 -26.24 -6.41
N TYR C 81 -4.01 -26.93 -6.77
CA TYR C 81 -4.02 -28.38 -6.72
C TYR C 81 -3.14 -28.97 -7.81
N LEU C 82 -3.23 -28.40 -9.00
CA LEU C 82 -2.37 -28.80 -10.10
C LEU C 82 -0.92 -28.47 -9.80
N ALA C 83 -0.67 -27.41 -9.04
CA ALA C 83 0.68 -27.15 -8.55
C ALA C 83 1.14 -28.22 -7.57
N LYS C 84 0.22 -28.80 -6.78
CA LYS C 84 0.63 -29.92 -5.93
C LYS C 84 0.95 -31.14 -6.76
N ALA C 85 0.23 -31.33 -7.88
CA ALA C 85 0.51 -32.46 -8.76
C ALA C 85 1.89 -32.35 -9.37
N VAL C 86 2.27 -31.14 -9.79
CA VAL C 86 3.63 -30.89 -10.25
C VAL C 86 4.63 -31.16 -9.14
N ALA C 87 4.31 -30.73 -7.92
CA ALA C 87 5.21 -30.94 -6.79
C ALA C 87 5.41 -32.41 -6.45
N THR C 88 4.48 -33.27 -6.79
CA THR C 88 4.70 -34.69 -6.59
C THR C 88 5.45 -35.32 -7.74
N GLU C 89 5.06 -35.00 -8.97
CA GLU C 89 5.52 -35.73 -10.12
C GLU C 89 6.79 -35.19 -10.76
N ALA C 90 7.29 -34.04 -10.30
CA ALA C 90 8.31 -33.33 -11.07
C ALA C 90 9.68 -33.96 -10.97
N ASN C 91 10.07 -34.39 -9.77
CA ASN C 91 11.46 -34.70 -9.42
C ASN C 91 12.36 -33.50 -9.69
N SER C 92 12.09 -32.44 -8.96
CA SER C 92 12.88 -31.21 -9.01
C SER C 92 12.89 -30.62 -7.62
N THR C 93 13.59 -29.52 -7.48
CA THR C 93 13.68 -28.82 -6.21
C THR C 93 12.56 -27.80 -6.19
N PHE C 94 11.38 -28.21 -5.78
CA PHE C 94 10.19 -27.36 -5.86
C PHE C 94 10.26 -26.33 -4.76
N PHE C 95 10.42 -25.07 -5.09
CA PHE C 95 10.27 -24.06 -4.05
C PHE C 95 8.81 -23.70 -4.02
N SER C 96 8.40 -22.96 -3.01
CA SER C 96 7.03 -22.44 -3.02
C SER C 96 7.05 -21.19 -2.19
N VAL C 97 7.18 -20.09 -2.84
CA VAL C 97 7.39 -18.83 -2.19
C VAL C 97 6.13 -17.99 -2.29
N SER C 98 6.06 -16.95 -1.46
CA SER C 98 4.89 -16.08 -1.46
C SER C 98 5.30 -14.72 -0.94
N SER C 99 4.34 -13.80 -0.97
CA SER C 99 4.59 -12.41 -0.60
C SER C 99 4.93 -12.21 0.85
N SER C 100 4.64 -13.18 1.71
CA SER C 100 5.05 -13.07 3.09
C SER C 100 6.53 -13.24 3.25
N ASP C 101 7.19 -13.85 2.28
CA ASP C 101 8.56 -14.30 2.46
C ASP C 101 9.53 -13.46 1.66
N LEU C 102 9.06 -12.42 1.02
CA LEU C 102 9.92 -11.56 0.21
C LEU C 102 9.96 -10.13 0.67
N VAL C 103 8.96 -9.69 1.41
CA VAL C 103 8.86 -8.33 1.88
C VAL C 103 9.45 -8.31 3.28
N SER C 104 10.31 -7.35 3.56
CA SER C 104 10.99 -7.22 4.83
C SER C 104 10.92 -5.79 5.30
N LYS C 105 11.51 -5.55 6.46
CA LYS C 105 11.35 -4.31 7.23
C LYS C 105 12.48 -3.31 7.01
N TRP C 106 13.71 -3.79 6.80
CA TRP C 106 14.90 -2.95 6.83
C TRP C 106 15.39 -2.55 5.43
N MET C 107 14.60 -1.78 4.67
CA MET C 107 15.15 -0.92 3.60
C MET C 107 15.97 -1.62 2.51
N GLY C 108 15.30 -2.29 1.59
CA GLY C 108 16.05 -2.93 0.54
C GLY C 108 16.58 -4.27 0.96
N GLU C 109 16.02 -4.85 2.01
CA GLU C 109 16.13 -6.26 2.22
C GLU C 109 15.08 -7.00 1.46
N SER C 110 14.05 -6.31 1.04
CA SER C 110 13.00 -6.99 0.34
C SER C 110 13.29 -7.21 -1.09
N GLU C 111 14.54 -7.11 -1.51
CA GLU C 111 14.93 -7.45 -2.86
C GLU C 111 16.25 -8.16 -2.95
N LYS C 112 17.06 -8.15 -1.92
CA LYS C 112 18.10 -9.15 -1.90
C LYS C 112 17.52 -10.50 -1.54
N LEU C 113 16.32 -10.51 -0.97
CA LEU C 113 15.56 -11.75 -0.87
C LEU C 113 15.16 -12.26 -2.24
N VAL C 114 14.65 -11.39 -3.11
CA VAL C 114 14.26 -11.82 -4.45
C VAL C 114 15.47 -12.35 -5.20
N LYS C 115 16.57 -11.61 -5.12
CA LYS C 115 17.79 -12.01 -5.81
C LYS C 115 18.36 -13.30 -5.30
N GLN C 116 18.35 -13.51 -3.99
CA GLN C 116 18.97 -14.75 -3.56
C GLN C 116 18.01 -15.91 -3.53
N LEU C 117 16.71 -15.65 -3.70
CA LEU C 117 15.80 -16.72 -4.08
C LEU C 117 16.19 -17.29 -5.42
N PHE C 118 16.35 -16.41 -6.43
CA PHE C 118 16.60 -16.97 -7.75
C PHE C 118 18.00 -17.51 -7.85
N ALA C 119 18.92 -17.02 -7.02
CA ALA C 119 20.24 -17.62 -6.99
C ALA C 119 20.25 -18.98 -6.31
N MET C 120 19.34 -19.20 -5.34
CA MET C 120 19.17 -20.55 -4.84
C MET C 120 18.66 -21.49 -5.90
N ALA C 121 17.69 -21.05 -6.69
CA ALA C 121 17.20 -21.94 -7.73
C ALA C 121 18.22 -22.18 -8.82
N ARG C 122 19.18 -21.28 -9.01
CA ARG C 122 20.23 -21.58 -9.97
C ARG C 122 21.27 -22.53 -9.41
N GLU C 123 21.53 -22.50 -8.11
CA GLU C 123 22.50 -23.47 -7.60
C GLU C 123 21.96 -24.88 -7.56
N ASN C 124 20.65 -25.06 -7.61
CA ASN C 124 20.07 -26.38 -7.49
C ASN C 124 19.18 -26.69 -8.68
N LYS C 125 19.65 -26.42 -9.86
CA LYS C 125 18.82 -26.65 -11.02
C LYS C 125 18.77 -28.15 -11.32
N PRO C 126 17.73 -28.62 -12.01
CA PRO C 126 16.49 -28.03 -12.49
C PRO C 126 15.47 -27.77 -11.42
N SER C 127 15.06 -26.51 -11.28
CA SER C 127 14.29 -26.01 -10.16
C SER C 127 12.94 -25.53 -10.64
N ILE C 128 12.01 -25.38 -9.72
CA ILE C 128 10.70 -24.82 -10.01
C ILE C 128 10.41 -23.79 -8.93
N ILE C 129 9.94 -22.63 -9.33
CA ILE C 129 9.58 -21.58 -8.39
C ILE C 129 8.10 -21.33 -8.54
N PHE C 130 7.35 -21.55 -7.49
CA PHE C 130 5.90 -21.43 -7.57
C PHE C 130 5.47 -20.23 -6.76
N ILE C 131 5.18 -19.13 -7.45
CA ILE C 131 4.78 -17.90 -6.77
C ILE C 131 3.27 -17.91 -6.71
N ASP C 132 2.71 -18.23 -5.58
CA ASP C 132 1.27 -18.36 -5.51
C ASP C 132 0.65 -17.00 -5.26
N GLU C 133 -0.38 -16.68 -6.03
CA GLU C 133 -1.04 -15.39 -6.08
C GLU C 133 -0.05 -14.27 -6.39
N VAL C 134 0.39 -14.08 -7.67
CA VAL C 134 1.36 -13.12 -8.14
C VAL C 134 0.83 -11.72 -8.33
N ASP C 135 -0.48 -11.53 -8.29
CA ASP C 135 -0.99 -10.18 -8.45
C ASP C 135 -0.81 -9.32 -7.21
N ALA C 136 -0.37 -9.90 -6.11
CA ALA C 136 -0.13 -9.15 -4.90
C ALA C 136 1.31 -8.67 -4.77
N LEU C 137 2.22 -9.19 -5.58
CA LEU C 137 3.55 -8.65 -5.69
C LEU C 137 3.68 -7.59 -6.76
N THR C 138 2.91 -7.71 -7.84
CA THR C 138 3.19 -7.12 -9.15
C THR C 138 1.98 -6.32 -9.62
N GLY C 139 1.91 -5.06 -9.23
CA GLY C 139 0.70 -4.25 -9.34
C GLY C 139 0.75 -3.03 -10.23
N THR C 140 1.28 -3.17 -11.44
CA THR C 140 1.23 -2.26 -12.59
C THR C 140 2.02 -0.96 -12.43
N ARG C 141 2.55 -0.70 -11.22
CA ARG C 141 3.42 0.41 -10.82
C ARG C 141 3.07 1.77 -11.44
N GLY C 142 1.87 2.26 -11.15
CA GLY C 142 1.47 3.61 -11.50
C GLY C 142 0.92 4.33 -10.29
N GLU C 143 0.62 3.57 -9.24
CA GLU C 143 0.07 4.11 -8.00
C GLU C 143 0.80 3.61 -6.77
N GLY C 144 1.72 2.66 -6.92
CA GLY C 144 2.30 2.01 -5.78
C GLY C 144 3.40 2.82 -5.12
N GLU C 145 3.81 2.34 -3.95
CA GLU C 145 4.85 3.00 -3.20
C GLU C 145 6.22 2.62 -3.71
N SER C 146 7.19 3.47 -3.35
CA SER C 146 8.54 3.44 -3.91
C SER C 146 9.23 2.13 -3.66
N GLU C 147 9.36 1.74 -2.39
CA GLU C 147 10.19 0.61 -2.04
C GLU C 147 9.58 -0.68 -2.52
N ALA C 148 8.41 -1.01 -2.00
CA ALA C 148 7.79 -2.30 -2.25
C ALA C 148 7.49 -2.48 -3.73
N SER C 149 6.84 -1.43 -4.25
CA SER C 149 6.41 -1.46 -5.63
C SER C 149 7.60 -1.53 -6.55
N ARG C 150 8.37 -0.46 -6.64
CA ARG C 150 9.33 -0.41 -7.72
C ARG C 150 10.49 -1.37 -7.50
N ARG C 151 10.77 -1.69 -6.27
CA ARG C 151 11.99 -2.43 -6.05
C ARG C 151 11.74 -3.92 -5.98
N ILE C 152 10.60 -4.36 -5.48
CA ILE C 152 10.37 -5.79 -5.54
C ILE C 152 9.91 -6.18 -6.93
N LYS C 153 9.05 -5.38 -7.56
CA LYS C 153 8.63 -5.69 -8.91
C LYS C 153 9.80 -5.61 -9.87
N THR C 154 10.64 -4.60 -9.72
CA THR C 154 11.77 -4.42 -10.61
C THR C 154 12.81 -5.51 -10.45
N GLU C 155 13.07 -5.96 -9.23
CA GLU C 155 14.04 -7.04 -9.09
C GLU C 155 13.48 -8.36 -9.57
N LEU C 156 12.17 -8.52 -9.55
CA LEU C 156 11.59 -9.73 -10.11
C LEU C 156 11.69 -9.73 -11.63
N LEU C 157 11.48 -8.58 -12.27
CA LEU C 157 11.60 -8.44 -13.72
C LEU C 157 13.01 -8.75 -14.19
N VAL C 158 13.97 -7.96 -13.71
CA VAL C 158 15.37 -8.09 -14.10
C VAL C 158 15.90 -9.47 -13.74
N GLN C 159 15.37 -10.06 -12.70
CA GLN C 159 15.90 -11.35 -12.31
C GLN C 159 15.32 -12.45 -13.18
N MET C 160 14.12 -12.28 -13.74
CA MET C 160 13.55 -13.34 -14.56
C MET C 160 14.21 -13.41 -15.93
N ASN C 161 14.35 -12.30 -16.65
CA ASN C 161 15.18 -12.48 -17.85
C ASN C 161 16.46 -11.66 -17.86
N GLY C 162 16.41 -10.33 -17.72
CA GLY C 162 17.57 -9.47 -17.54
C GLY C 162 18.71 -9.57 -18.53
N VAL C 163 19.91 -9.18 -18.12
CA VAL C 163 21.09 -9.24 -18.98
C VAL C 163 22.06 -10.33 -18.52
N GLY C 164 22.60 -10.21 -17.33
CA GLY C 164 23.59 -11.18 -16.91
C GLY C 164 23.03 -12.29 -16.04
N ASN C 165 21.87 -12.83 -16.40
CA ASN C 165 21.12 -13.59 -15.42
C ASN C 165 20.90 -15.06 -15.72
N ASP C 166 20.70 -15.47 -16.98
CA ASP C 166 20.71 -16.89 -17.40
C ASP C 166 19.62 -17.70 -16.70
N SER C 167 18.38 -17.48 -17.13
CA SER C 167 17.26 -18.34 -16.71
C SER C 167 17.25 -19.63 -17.52
N GLN C 168 18.28 -20.45 -17.31
CA GLN C 168 18.34 -21.81 -17.84
C GLN C 168 17.88 -22.79 -16.79
N GLY C 169 16.91 -23.63 -17.15
CA GLY C 169 16.58 -24.72 -16.29
C GLY C 169 15.78 -24.38 -15.07
N VAL C 170 15.40 -23.13 -14.87
CA VAL C 170 14.44 -22.78 -13.85
C VAL C 170 13.12 -22.54 -14.54
N LEU C 171 12.05 -22.85 -13.83
CA LEU C 171 10.70 -22.60 -14.27
C LEU C 171 10.02 -21.82 -13.18
N VAL C 172 9.23 -20.78 -13.50
CA VAL C 172 8.55 -19.90 -12.59
C VAL C 172 7.06 -20.09 -12.83
N LEU C 173 6.37 -20.78 -11.93
CA LEU C 173 4.92 -20.87 -12.05
C LEU C 173 4.27 -19.62 -11.50
N GLY C 174 2.98 -19.66 -11.34
CA GLY C 174 2.33 -18.53 -10.72
C GLY C 174 0.85 -18.67 -10.94
N ALA C 175 0.04 -18.37 -9.94
CA ALA C 175 -1.39 -18.45 -10.09
C ALA C 175 -1.97 -17.10 -9.72
N THR C 176 -3.15 -16.79 -10.24
CA THR C 176 -3.81 -15.54 -9.88
C THR C 176 -5.29 -15.62 -10.15
N ASN C 177 -6.05 -14.79 -9.44
CA ASN C 177 -7.47 -14.65 -9.72
C ASN C 177 -7.82 -13.37 -10.42
N ILE C 178 -6.93 -12.38 -10.39
CA ILE C 178 -7.20 -11.11 -11.02
C ILE C 178 -6.15 -10.95 -12.11
N PRO C 179 -6.26 -11.61 -13.25
CA PRO C 179 -5.18 -11.54 -14.22
C PRO C 179 -5.13 -10.25 -14.99
N TRP C 180 -6.14 -9.40 -14.90
CA TRP C 180 -6.11 -8.13 -15.60
C TRP C 180 -5.43 -7.03 -14.81
N GLN C 181 -5.12 -7.26 -13.54
CA GLN C 181 -4.40 -6.29 -12.73
C GLN C 181 -2.94 -6.61 -12.66
N LEU C 182 -2.37 -7.08 -13.73
CA LEU C 182 -1.01 -7.56 -13.73
C LEU C 182 -0.22 -6.65 -14.66
N ASP C 183 1.00 -6.32 -14.29
CA ASP C 183 1.81 -5.41 -15.08
C ASP C 183 2.21 -6.02 -16.41
N SER C 184 2.23 -5.21 -17.46
CA SER C 184 2.43 -5.73 -18.81
C SER C 184 3.83 -6.28 -19.05
N ALA C 185 4.83 -5.84 -18.29
CA ALA C 185 6.13 -6.46 -18.40
C ALA C 185 6.14 -7.84 -17.79
N ILE C 186 5.28 -8.07 -16.81
CA ILE C 186 5.23 -9.36 -16.16
C ILE C 186 4.23 -10.26 -16.86
N ARG C 187 3.25 -9.68 -17.53
CA ARG C 187 2.50 -10.44 -18.51
C ARG C 187 3.38 -10.90 -19.65
N ARG C 188 4.40 -10.12 -19.98
CA ARG C 188 5.34 -10.56 -20.99
C ARG C 188 6.21 -11.70 -20.51
N ARG C 189 6.67 -11.67 -19.25
CA ARG C 189 7.62 -12.69 -18.78
C ARG C 189 7.01 -14.07 -18.68
N PHE C 190 5.73 -14.15 -18.33
CA PHE C 190 4.99 -15.40 -18.26
C PHE C 190 4.56 -15.77 -19.66
N GLU C 191 5.21 -16.72 -20.26
CA GLU C 191 5.05 -16.83 -21.69
C GLU C 191 3.99 -17.82 -22.11
N ARG C 192 3.29 -18.49 -21.19
CA ARG C 192 2.13 -19.29 -21.55
C ARG C 192 1.04 -19.06 -20.51
N ARG C 193 0.19 -18.09 -20.75
CA ARG C 193 -0.92 -17.81 -19.84
C ARG C 193 -2.04 -18.81 -20.08
N ILE C 194 -2.14 -19.86 -19.28
CA ILE C 194 -3.18 -20.87 -19.45
C ILE C 194 -4.36 -20.54 -18.55
N TYR C 195 -5.57 -20.82 -18.99
CA TYR C 195 -6.81 -20.47 -18.29
C TYR C 195 -7.48 -21.71 -17.74
N ILE C 196 -7.71 -21.75 -16.43
CA ILE C 196 -8.29 -22.91 -15.76
C ILE C 196 -9.76 -22.62 -15.51
N PRO C 197 -10.70 -23.23 -16.23
CA PRO C 197 -12.09 -22.81 -16.13
C PRO C 197 -12.93 -23.63 -15.16
N LEU C 198 -14.18 -23.23 -14.96
CA LEU C 198 -15.13 -24.04 -14.21
C LEU C 198 -15.37 -25.37 -14.91
N PRO C 199 -15.68 -26.47 -14.20
CA PRO C 199 -15.69 -27.81 -14.86
C PRO C 199 -16.80 -28.09 -15.88
N ASP C 200 -16.80 -29.29 -16.49
CA ASP C 200 -17.87 -29.75 -17.38
C ASP C 200 -18.28 -31.17 -17.03
N LEU C 201 -19.10 -31.87 -17.87
CA LEU C 201 -19.84 -33.02 -17.37
C LEU C 201 -18.94 -34.19 -16.98
N ALA C 202 -18.02 -34.55 -17.87
CA ALA C 202 -17.14 -35.69 -17.61
C ALA C 202 -16.22 -35.42 -16.44
N ALA C 203 -15.80 -34.18 -16.26
CA ALA C 203 -14.94 -33.82 -15.15
C ALA C 203 -15.68 -33.93 -13.83
N ARG C 204 -16.92 -33.45 -13.78
CA ARG C 204 -17.71 -33.55 -12.56
C ARG C 204 -17.97 -34.99 -12.18
N THR C 205 -18.28 -35.83 -13.16
CA THR C 205 -18.48 -37.25 -12.88
C THR C 205 -17.21 -37.88 -12.36
N THR C 206 -16.07 -37.48 -12.92
CA THR C 206 -14.78 -37.96 -12.44
C THR C 206 -14.52 -37.51 -11.02
N MET C 207 -14.92 -36.28 -10.67
CA MET C 207 -14.63 -35.80 -9.33
C MET C 207 -15.48 -36.48 -8.28
N PHE C 208 -16.73 -36.83 -8.60
CA PHE C 208 -17.49 -37.63 -7.65
C PHE C 208 -16.87 -39.00 -7.46
N GLU C 209 -16.48 -39.65 -8.55
CA GLU C 209 -15.85 -40.97 -8.45
C GLU C 209 -14.55 -40.94 -7.67
N ILE C 210 -13.80 -39.84 -7.76
CA ILE C 210 -12.56 -39.74 -6.99
C ILE C 210 -12.87 -39.49 -5.51
N ASN C 211 -13.71 -38.49 -5.24
CA ASN C 211 -13.91 -38.06 -3.87
C ASN C 211 -14.68 -39.05 -3.02
N VAL C 212 -15.44 -39.98 -3.60
CA VAL C 212 -15.98 -41.00 -2.71
C VAL C 212 -14.92 -42.01 -2.30
N GLY C 213 -13.82 -42.10 -3.04
CA GLY C 213 -12.68 -42.90 -2.60
C GLY C 213 -12.98 -44.38 -2.63
N ASP C 214 -12.66 -45.06 -1.54
CA ASP C 214 -12.96 -46.47 -1.37
C ASP C 214 -14.06 -46.69 -0.35
N THR C 215 -14.98 -45.76 -0.25
CA THR C 215 -16.06 -45.88 0.70
C THR C 215 -17.16 -46.78 0.14
N PRO C 216 -17.67 -47.74 0.92
CA PRO C 216 -18.72 -48.65 0.42
C PRO C 216 -20.01 -47.94 0.07
N CYS C 217 -20.35 -47.98 -1.23
CA CYS C 217 -21.55 -47.32 -1.72
C CYS C 217 -22.24 -48.21 -2.73
N VAL C 218 -23.56 -48.07 -2.81
CA VAL C 218 -24.38 -48.86 -3.71
C VAL C 218 -24.49 -48.20 -5.09
N LEU C 219 -23.75 -47.13 -5.32
CA LEU C 219 -23.92 -46.33 -6.53
C LEU C 219 -23.32 -47.03 -7.74
N THR C 220 -23.90 -46.74 -8.90
CA THR C 220 -23.44 -47.25 -10.17
C THR C 220 -22.86 -46.12 -11.00
N LYS C 221 -22.47 -46.45 -12.23
CA LYS C 221 -21.96 -45.44 -13.14
C LYS C 221 -23.05 -44.46 -13.55
N GLU C 222 -24.28 -44.95 -13.68
CA GLU C 222 -25.37 -44.05 -14.03
C GLU C 222 -25.79 -43.19 -12.87
N ASP C 223 -25.42 -43.56 -11.65
CA ASP C 223 -25.70 -42.71 -10.50
C ASP C 223 -24.74 -41.53 -10.47
N TYR C 224 -23.43 -41.79 -10.64
CA TYR C 224 -22.48 -40.70 -10.71
C TYR C 224 -22.76 -39.84 -11.93
N ARG C 225 -23.18 -40.47 -13.01
CA ARG C 225 -23.57 -39.77 -14.21
C ARG C 225 -24.77 -38.87 -13.95
N THR C 226 -25.69 -39.34 -13.11
CA THR C 226 -26.87 -38.56 -12.75
C THR C 226 -26.47 -37.33 -11.95
N LEU C 227 -25.60 -37.51 -10.96
CA LEU C 227 -25.19 -36.39 -10.11
C LEU C 227 -24.39 -35.37 -10.91
N GLY C 228 -23.47 -35.85 -11.75
CA GLY C 228 -22.74 -34.96 -12.64
C GLY C 228 -23.65 -34.20 -13.57
N ALA C 229 -24.74 -34.80 -14.00
CA ALA C 229 -25.74 -34.04 -14.76
C ALA C 229 -26.47 -33.04 -13.88
N MET C 230 -26.54 -33.31 -12.58
CA MET C 230 -27.35 -32.48 -11.70
C MET C 230 -26.63 -31.19 -11.29
N THR C 231 -25.30 -31.19 -11.28
CA THR C 231 -24.52 -30.14 -10.63
C THR C 231 -23.93 -29.11 -11.56
N GLU C 232 -24.63 -28.59 -12.57
CA GLU C 232 -23.98 -27.66 -13.46
C GLU C 232 -23.86 -26.28 -12.84
N GLY C 233 -22.63 -25.78 -12.79
CA GLY C 233 -22.31 -24.53 -12.15
C GLY C 233 -21.36 -24.66 -10.98
N TYR C 234 -21.05 -25.88 -10.57
CA TYR C 234 -20.24 -26.07 -9.38
C TYR C 234 -18.79 -26.17 -9.76
N SER C 235 -17.93 -25.65 -8.91
CA SER C 235 -16.50 -25.82 -9.07
C SER C 235 -16.07 -27.05 -8.30
N GLY C 236 -14.77 -27.34 -8.29
CA GLY C 236 -14.32 -28.56 -7.67
C GLY C 236 -14.33 -28.54 -6.17
N SER C 237 -14.27 -27.33 -5.58
CA SER C 237 -14.44 -27.18 -4.15
C SER C 237 -15.81 -27.63 -3.72
N ASP C 238 -16.83 -27.18 -4.44
CA ASP C 238 -18.21 -27.45 -4.07
C ASP C 238 -18.51 -28.93 -4.14
N ILE C 239 -17.94 -29.61 -5.11
CA ILE C 239 -18.19 -31.03 -5.18
C ILE C 239 -17.38 -31.76 -4.12
N ALA C 240 -16.24 -31.22 -3.72
CA ALA C 240 -15.54 -31.80 -2.58
C ALA C 240 -16.32 -31.65 -1.28
N VAL C 241 -17.11 -30.57 -1.14
CA VAL C 241 -17.87 -30.45 0.09
C VAL C 241 -19.25 -31.11 0.01
N VAL C 242 -19.81 -31.34 -1.18
CA VAL C 242 -21.01 -32.16 -1.16
C VAL C 242 -20.64 -33.61 -0.93
N VAL C 243 -19.42 -34.02 -1.31
CA VAL C 243 -19.04 -35.38 -0.94
C VAL C 243 -18.68 -35.44 0.53
N LYS C 244 -18.16 -34.37 1.09
CA LYS C 244 -17.89 -34.33 2.53
C LYS C 244 -19.18 -34.47 3.34
N ASP C 245 -20.20 -33.69 2.97
CA ASP C 245 -21.46 -33.71 3.70
C ASP C 245 -22.20 -35.03 3.50
N ALA C 246 -22.21 -35.53 2.28
CA ALA C 246 -22.86 -36.81 2.02
C ALA C 246 -22.16 -37.97 2.70
N LEU C 247 -20.86 -37.86 2.91
CA LEU C 247 -20.21 -38.86 3.74
C LEU C 247 -20.50 -38.68 5.21
N MET C 248 -20.95 -37.49 5.61
CA MET C 248 -21.41 -37.27 6.98
C MET C 248 -22.92 -37.33 7.12
N GLN C 249 -23.60 -37.92 6.17
CA GLN C 249 -24.99 -38.24 6.43
C GLN C 249 -25.25 -39.50 7.26
N PRO C 250 -24.56 -40.64 7.07
CA PRO C 250 -24.92 -41.80 7.87
C PRO C 250 -24.56 -41.69 9.33
N ILE C 251 -23.52 -40.95 9.68
CA ILE C 251 -23.19 -40.67 11.08
C ILE C 251 -24.32 -39.90 11.74
N ARG C 252 -24.91 -38.99 10.99
CA ARG C 252 -26.07 -38.25 11.45
C ARG C 252 -27.30 -39.15 11.58
N LYS C 253 -27.44 -40.18 10.72
CA LYS C 253 -28.55 -41.12 10.92
C LYS C 253 -28.29 -42.06 12.08
N ILE C 254 -27.03 -42.39 12.36
CA ILE C 254 -26.68 -43.02 13.62
C ILE C 254 -27.14 -42.15 14.78
N GLN C 255 -27.01 -40.82 14.63
CA GLN C 255 -27.45 -39.94 15.69
C GLN C 255 -28.97 -39.83 15.77
N SER C 256 -29.67 -39.97 14.66
CA SER C 256 -31.14 -40.04 14.70
C SER C 256 -31.62 -41.48 14.59
N ALA C 257 -31.24 -42.31 15.56
CA ALA C 257 -31.75 -43.69 15.62
C ALA C 257 -31.50 -44.25 17.01
N PRO C 299 -24.65 -47.44 7.88
CA PRO C 299 -25.40 -47.56 6.64
C PRO C 299 -24.55 -47.10 5.46
N ASP C 300 -24.90 -47.59 4.30
CA ASP C 300 -24.20 -47.17 3.10
C ASP C 300 -24.88 -45.94 2.52
N LEU C 301 -24.56 -45.58 1.30
CA LEU C 301 -24.96 -44.30 0.75
C LEU C 301 -26.07 -44.47 -0.26
N THR C 302 -27.15 -43.73 -0.07
CA THR C 302 -28.24 -43.58 -1.01
C THR C 302 -27.91 -42.41 -1.92
N ILE C 303 -28.44 -42.41 -3.14
CA ILE C 303 -28.41 -41.19 -3.94
C ILE C 303 -29.23 -40.05 -3.33
N LYS C 304 -30.14 -40.35 -2.41
CA LYS C 304 -30.84 -39.28 -1.71
C LYS C 304 -29.92 -38.53 -0.77
N ASP C 305 -28.82 -39.16 -0.34
CA ASP C 305 -27.83 -38.45 0.45
C ASP C 305 -27.15 -37.36 -0.36
N PHE C 306 -26.79 -37.67 -1.59
CA PHE C 306 -26.16 -36.70 -2.45
C PHE C 306 -27.15 -35.63 -2.90
N LEU C 307 -28.39 -36.03 -3.18
CA LEU C 307 -29.38 -35.02 -3.55
C LEU C 307 -29.69 -34.09 -2.39
N LYS C 308 -29.66 -34.65 -1.18
CA LYS C 308 -29.81 -33.87 0.04
C LYS C 308 -28.69 -32.85 0.18
N ALA C 309 -27.45 -33.29 -0.04
CA ALA C 309 -26.30 -32.39 0.08
C ALA C 309 -26.32 -31.32 -0.99
N ILE C 310 -26.69 -31.68 -2.22
CA ILE C 310 -26.67 -30.72 -3.32
C ILE C 310 -27.78 -29.70 -3.17
N LYS C 311 -28.90 -30.09 -2.56
CA LYS C 311 -29.92 -29.09 -2.22
C LYS C 311 -29.41 -28.12 -1.18
N SER C 312 -28.65 -28.61 -0.20
CA SER C 312 -28.23 -27.72 0.89
C SER C 312 -27.05 -26.84 0.50
N THR C 313 -26.11 -27.36 -0.27
CA THR C 313 -24.89 -26.63 -0.58
C THR C 313 -25.06 -25.81 -1.86
N ARG C 314 -24.59 -24.59 -1.82
CA ARG C 314 -24.83 -23.56 -2.80
C ARG C 314 -23.48 -23.05 -3.34
N PRO C 315 -23.36 -22.83 -4.65
CA PRO C 315 -22.06 -22.56 -5.26
C PRO C 315 -21.39 -21.28 -4.83
N THR C 316 -20.16 -21.10 -5.26
CA THR C 316 -19.39 -19.92 -4.91
C THR C 316 -19.40 -18.82 -5.95
N VAL C 317 -19.31 -19.17 -7.23
CA VAL C 317 -19.15 -18.18 -8.30
C VAL C 317 -20.45 -17.52 -8.66
N ASN C 318 -20.33 -16.47 -9.46
CA ASN C 318 -21.42 -15.60 -9.88
C ASN C 318 -21.23 -15.42 -11.39
N GLU C 319 -21.86 -14.45 -12.06
CA GLU C 319 -21.75 -14.53 -13.50
C GLU C 319 -21.41 -13.21 -14.18
N ASP C 320 -20.68 -12.32 -13.52
CA ASP C 320 -19.98 -11.25 -14.21
C ASP C 320 -18.48 -11.34 -14.05
N ASP C 321 -18.02 -11.98 -12.97
CA ASP C 321 -16.64 -12.41 -12.83
C ASP C 321 -16.21 -13.22 -14.04
N LEU C 322 -17.10 -14.09 -14.52
CA LEU C 322 -16.84 -14.85 -15.73
C LEU C 322 -16.70 -13.96 -16.96
N LEU C 323 -17.35 -12.80 -16.98
CA LEU C 323 -17.21 -11.94 -18.15
C LEU C 323 -15.82 -11.34 -18.21
N LYS C 324 -15.26 -10.97 -17.06
CA LYS C 324 -13.91 -10.42 -17.13
C LYS C 324 -12.86 -11.51 -17.33
N GLN C 325 -13.12 -12.73 -16.86
CA GLN C 325 -12.22 -13.83 -17.17
C GLN C 325 -12.21 -14.13 -18.66
N GLU C 326 -13.38 -14.16 -19.28
CA GLU C 326 -13.45 -14.43 -20.71
C GLU C 326 -12.88 -13.29 -21.52
N GLN C 327 -12.99 -12.06 -21.00
CA GLN C 327 -12.31 -10.91 -21.57
C GLN C 327 -10.81 -11.14 -21.67
N PHE C 328 -10.18 -11.47 -20.56
CA PHE C 328 -8.74 -11.67 -20.56
C PHE C 328 -8.34 -12.86 -21.41
N THR C 329 -9.18 -13.89 -21.49
CA THR C 329 -8.82 -15.03 -22.30
C THR C 329 -8.88 -14.70 -23.77
N ARG C 330 -9.81 -13.84 -24.14
CA ARG C 330 -9.95 -13.45 -25.53
C ARG C 330 -8.92 -12.41 -25.94
N ASP C 331 -8.36 -11.67 -25.00
CA ASP C 331 -7.34 -10.69 -25.32
C ASP C 331 -5.91 -11.20 -25.21
N PHE C 332 -5.61 -12.14 -24.29
CA PHE C 332 -4.22 -12.54 -24.08
C PHE C 332 -3.99 -14.02 -23.85
N GLY C 333 -5.03 -14.86 -23.79
CA GLY C 333 -4.89 -16.16 -23.20
C GLY C 333 -5.10 -17.39 -24.06
N GLN C 334 -4.84 -18.50 -23.40
CA GLN C 334 -4.91 -19.86 -23.92
C GLN C 334 -6.27 -20.43 -23.51
N GLU C 335 -6.49 -21.72 -23.67
CA GLU C 335 -7.74 -22.34 -23.31
C GLU C 335 -7.42 -23.68 -22.67
N GLY C 336 -7.77 -23.83 -21.40
CA GLY C 336 -7.27 -24.94 -20.62
C GLY C 336 -7.99 -26.23 -20.79
N ASN C 337 -9.09 -26.24 -21.54
CA ASN C 337 -9.82 -27.42 -22.00
C ASN C 337 -10.36 -28.21 -20.81
N ASN D 12 10.94 -13.97 15.83
CA ASN D 12 10.50 -15.19 16.47
C ASN D 12 9.80 -14.90 17.80
N LYS D 13 10.62 -14.70 18.82
CA LYS D 13 10.12 -14.54 20.17
C LYS D 13 9.52 -13.17 20.41
N LYS D 14 9.88 -12.18 19.61
CA LYS D 14 9.16 -10.92 19.65
C LYS D 14 7.72 -11.13 19.22
N LEU D 15 7.53 -11.96 18.20
CA LEU D 15 6.20 -12.17 17.68
C LEU D 15 5.38 -13.05 18.61
N ARG D 16 5.99 -14.07 19.22
CA ARG D 16 5.28 -14.84 20.23
C ARG D 16 5.02 -14.04 21.48
N GLY D 17 5.87 -13.04 21.77
CA GLY D 17 5.56 -12.09 22.81
C GLY D 17 4.37 -11.23 22.48
N ALA D 18 4.14 -10.98 21.19
CA ALA D 18 2.91 -10.28 20.82
C ALA D 18 1.69 -11.18 20.96
N LEU D 19 1.76 -12.38 20.41
CA LEU D 19 0.58 -13.23 20.37
C LEU D 19 0.42 -14.12 21.59
N SER D 20 1.17 -13.87 22.65
CA SER D 20 0.88 -14.58 23.90
C SER D 20 -0.41 -14.10 24.53
N SER D 21 -0.87 -12.91 24.19
CA SER D 21 -2.08 -12.36 24.78
C SER D 21 -3.32 -12.69 23.98
N ALA D 22 -3.32 -13.80 23.26
CA ALA D 22 -4.49 -14.23 22.52
C ALA D 22 -5.01 -15.58 22.99
N ILE D 23 -4.15 -16.40 23.59
CA ILE D 23 -4.55 -17.68 24.15
C ILE D 23 -5.37 -17.34 25.38
N LEU D 24 -6.69 -17.35 25.26
CA LEU D 24 -7.47 -16.92 26.42
C LEU D 24 -7.46 -17.99 27.49
N SER D 25 -7.61 -17.55 28.74
CA SER D 25 -7.36 -18.44 29.87
C SER D 25 -8.39 -18.27 30.96
N GLU D 26 -9.65 -18.05 30.56
CA GLU D 26 -10.63 -17.87 31.61
C GLU D 26 -11.94 -18.60 31.43
N LYS D 27 -12.24 -19.16 30.25
CA LYS D 27 -13.41 -19.98 29.95
C LYS D 27 -14.72 -19.34 30.34
N PRO D 28 -15.23 -18.41 29.54
CA PRO D 28 -16.49 -17.73 29.87
C PRO D 28 -17.65 -18.72 29.95
N ASN D 29 -18.25 -18.82 31.12
CA ASN D 29 -19.16 -19.93 31.42
C ASN D 29 -20.52 -19.70 30.78
N VAL D 30 -20.57 -19.90 29.47
CA VAL D 30 -21.81 -19.98 28.71
C VAL D 30 -21.94 -21.40 28.23
N LYS D 31 -23.05 -22.04 28.51
CA LYS D 31 -23.24 -23.42 28.09
C LYS D 31 -24.28 -23.48 26.99
N TRP D 32 -24.40 -24.64 26.34
CA TRP D 32 -25.22 -24.73 25.12
C TRP D 32 -26.69 -24.51 25.40
N GLU D 33 -27.11 -24.73 26.63
CA GLU D 33 -28.50 -24.55 27.05
C GLU D 33 -28.84 -23.08 27.09
N ASP D 34 -27.88 -22.24 27.44
CA ASP D 34 -28.12 -20.81 27.54
C ASP D 34 -28.43 -20.21 26.20
N VAL D 35 -27.88 -20.77 25.13
CA VAL D 35 -28.06 -20.19 23.82
C VAL D 35 -29.40 -20.70 23.30
N ALA D 36 -30.33 -19.80 23.08
CA ALA D 36 -31.70 -20.19 22.80
C ALA D 36 -31.96 -20.20 21.31
N GLY D 37 -32.78 -21.13 20.86
CA GLY D 37 -33.06 -21.30 19.46
C GLY D 37 -31.88 -21.92 18.76
N LEU D 38 -31.90 -21.81 17.42
CA LEU D 38 -30.75 -22.00 16.54
C LEU D 38 -30.19 -23.41 16.67
N GLU D 39 -31.00 -24.40 16.34
CA GLU D 39 -30.47 -25.74 16.51
C GLU D 39 -29.60 -26.15 15.34
N GLY D 40 -29.77 -25.53 14.18
CA GLY D 40 -28.90 -25.90 13.08
C GLY D 40 -27.48 -25.44 13.28
N ALA D 41 -27.30 -24.24 13.83
CA ALA D 41 -25.95 -23.72 14.02
C ALA D 41 -25.23 -24.45 15.13
N LYS D 42 -25.94 -24.77 16.22
CA LYS D 42 -25.35 -25.63 17.24
C LYS D 42 -25.03 -27.00 16.71
N GLU D 43 -25.86 -27.50 15.80
CA GLU D 43 -25.64 -28.83 15.26
C GLU D 43 -24.38 -28.89 14.42
N ALA D 44 -24.21 -27.92 13.53
CA ALA D 44 -23.01 -27.87 12.71
C ALA D 44 -21.77 -27.63 13.54
N LEU D 45 -21.86 -26.76 14.54
CA LEU D 45 -20.70 -26.48 15.37
C LEU D 45 -20.32 -27.65 16.24
N LYS D 46 -21.29 -28.43 16.71
CA LYS D 46 -20.98 -29.62 17.47
C LYS D 46 -20.30 -30.66 16.59
N GLU D 47 -20.83 -30.89 15.39
CA GLU D 47 -20.20 -31.90 14.55
C GLU D 47 -18.96 -31.41 13.85
N ALA D 48 -18.53 -30.17 14.07
CA ALA D 48 -17.23 -29.73 13.60
C ALA D 48 -16.22 -29.51 14.70
N VAL D 49 -16.64 -29.43 15.96
CA VAL D 49 -15.77 -29.10 17.08
C VAL D 49 -15.72 -30.21 18.12
N ILE D 50 -16.89 -30.66 18.56
CA ILE D 50 -16.94 -31.59 19.68
C ILE D 50 -16.63 -32.99 19.22
N LEU D 51 -17.25 -33.41 18.13
CA LEU D 51 -17.23 -34.77 17.64
C LEU D 51 -15.89 -35.28 17.10
N PRO D 52 -15.04 -34.48 16.41
CA PRO D 52 -13.71 -35.00 16.08
C PRO D 52 -12.86 -35.34 17.28
N VAL D 53 -12.98 -34.61 18.37
CA VAL D 53 -12.13 -34.91 19.52
C VAL D 53 -12.66 -36.11 20.27
N LYS D 54 -13.97 -36.21 20.43
CA LYS D 54 -14.56 -37.24 21.27
C LYS D 54 -14.52 -38.61 20.61
N PHE D 55 -14.56 -38.69 19.29
CA PHE D 55 -14.49 -39.96 18.58
C PHE D 55 -13.56 -39.86 17.38
N PRO D 56 -12.25 -39.80 17.61
CA PRO D 56 -11.32 -39.53 16.52
C PRO D 56 -11.11 -40.70 15.59
N HIS D 57 -11.55 -41.89 15.97
CA HIS D 57 -11.42 -43.05 15.10
C HIS D 57 -12.33 -42.96 13.88
N LEU D 58 -13.42 -42.20 13.97
CA LEU D 58 -14.37 -42.14 12.88
C LEU D 58 -13.79 -41.43 11.67
N PHE D 59 -12.99 -40.40 11.87
CA PHE D 59 -12.55 -39.49 10.82
C PHE D 59 -11.23 -40.01 10.25
N LYS D 60 -11.36 -41.00 9.37
CA LYS D 60 -10.25 -41.68 8.74
C LYS D 60 -10.63 -42.04 7.32
N GLY D 61 -9.71 -41.85 6.39
CA GLY D 61 -10.00 -42.13 5.00
C GLY D 61 -10.39 -40.86 4.26
N ASN D 62 -11.57 -40.87 3.67
CA ASN D 62 -12.08 -39.71 2.96
C ASN D 62 -12.86 -38.77 3.85
N ARG D 63 -13.14 -39.18 5.08
CA ARG D 63 -14.08 -38.46 5.94
C ARG D 63 -13.28 -37.49 6.79
N LYS D 64 -13.24 -36.24 6.37
CA LYS D 64 -12.47 -35.25 7.10
C LYS D 64 -13.38 -34.24 7.78
N PRO D 65 -12.96 -33.66 8.89
CA PRO D 65 -13.78 -32.65 9.55
C PRO D 65 -13.74 -31.33 8.81
N THR D 66 -14.69 -30.48 9.16
CA THR D 66 -14.88 -29.19 8.51
C THR D 66 -13.81 -28.22 8.99
N SER D 67 -13.32 -27.37 8.09
CA SER D 67 -12.25 -26.46 8.44
C SER D 67 -12.59 -25.04 8.04
N GLY D 68 -13.79 -24.59 8.38
CA GLY D 68 -14.12 -23.20 8.25
C GLY D 68 -15.61 -23.05 8.33
N ILE D 69 -16.11 -22.09 9.10
CA ILE D 69 -17.54 -21.90 9.31
C ILE D 69 -17.77 -20.41 9.45
N LEU D 70 -18.60 -19.82 8.61
CA LEU D 70 -18.92 -18.41 8.71
C LEU D 70 -20.33 -18.27 9.25
N LEU D 71 -20.49 -17.46 10.33
CA LEU D 71 -21.79 -17.12 10.88
C LEU D 71 -22.10 -15.70 10.47
N TYR D 72 -23.27 -15.45 9.95
CA TYR D 72 -23.61 -14.08 9.61
C TYR D 72 -25.03 -13.82 10.06
N GLY D 73 -25.44 -12.55 9.99
CA GLY D 73 -26.76 -12.20 10.44
C GLY D 73 -26.89 -10.72 10.67
N PRO D 74 -28.01 -10.28 11.23
CA PRO D 74 -28.16 -8.89 11.60
C PRO D 74 -27.45 -8.62 12.91
N PRO D 75 -27.29 -7.38 13.33
CA PRO D 75 -26.55 -7.12 14.58
C PRO D 75 -27.33 -7.53 15.80
N GLY D 76 -26.69 -8.31 16.65
CA GLY D 76 -27.22 -8.60 17.97
C GLY D 76 -28.00 -9.85 18.12
N THR D 77 -27.76 -10.86 17.30
CA THR D 77 -28.63 -12.01 17.25
C THR D 77 -28.02 -13.29 17.78
N GLY D 78 -26.74 -13.29 18.11
CA GLY D 78 -26.22 -14.47 18.77
C GLY D 78 -24.86 -14.97 18.33
N LYS D 79 -24.19 -14.28 17.42
CA LYS D 79 -23.00 -14.81 16.78
C LYS D 79 -21.83 -14.92 17.74
N SER D 80 -21.41 -13.80 18.32
CA SER D 80 -20.31 -13.81 19.27
C SER D 80 -20.65 -14.59 20.51
N TYR D 81 -21.92 -14.66 20.87
CA TYR D 81 -22.34 -15.39 22.05
C TYR D 81 -22.20 -16.88 21.85
N LEU D 82 -22.61 -17.35 20.68
CA LEU D 82 -22.45 -18.75 20.32
C LEU D 82 -20.99 -19.11 20.22
N ALA D 83 -20.14 -18.17 19.82
CA ALA D 83 -18.70 -18.38 19.89
C ALA D 83 -18.22 -18.51 21.32
N LYS D 84 -18.84 -17.81 22.27
CA LYS D 84 -18.46 -18.03 23.66
C LYS D 84 -18.90 -19.41 24.13
N ALA D 85 -20.03 -19.89 23.63
CA ALA D 85 -20.49 -21.22 23.99
C ALA D 85 -19.53 -22.30 23.50
N VAL D 86 -19.03 -22.13 22.28
CA VAL D 86 -17.98 -23.01 21.78
C VAL D 86 -16.74 -22.90 22.64
N ALA D 87 -16.37 -21.69 23.05
CA ALA D 87 -15.19 -21.50 23.88
C ALA D 87 -15.30 -22.15 25.24
N THR D 88 -16.51 -22.35 25.75
CA THR D 88 -16.65 -23.07 27.00
C THR D 88 -16.67 -24.57 26.79
N GLU D 89 -17.42 -25.03 25.80
CA GLU D 89 -17.73 -26.44 25.68
C GLU D 89 -16.74 -27.23 24.84
N ALA D 90 -15.78 -26.58 24.19
CA ALA D 90 -15.02 -27.25 23.14
C ALA D 90 -13.98 -28.21 23.67
N ASN D 91 -13.27 -27.82 24.73
CA ASN D 91 -12.02 -28.45 25.17
C ASN D 91 -11.01 -28.47 24.02
N SER D 92 -10.61 -27.28 23.58
CA SER D 92 -9.49 -27.12 22.65
C SER D 92 -8.95 -25.70 22.76
N THR D 93 -7.74 -25.50 22.25
CA THR D 93 -7.09 -24.21 22.37
C THR D 93 -7.77 -23.17 21.47
N PHE D 94 -8.16 -22.04 22.06
CA PHE D 94 -9.05 -21.09 21.40
C PHE D 94 -8.32 -19.76 21.26
N PHE D 95 -8.16 -19.25 20.05
CA PHE D 95 -7.51 -17.96 19.86
C PHE D 95 -8.57 -16.97 19.40
N SER D 96 -8.86 -15.94 20.18
CA SER D 96 -9.89 -14.99 19.77
C SER D 96 -9.23 -13.73 19.19
N VAL D 97 -8.68 -13.89 18.02
CA VAL D 97 -7.85 -12.86 17.45
C VAL D 97 -8.75 -11.76 16.89
N SER D 98 -8.16 -10.60 16.63
CA SER D 98 -8.92 -9.48 16.11
C SER D 98 -7.97 -8.55 15.36
N SER D 99 -8.55 -7.52 14.75
CA SER D 99 -7.81 -6.60 13.90
C SER D 99 -6.78 -5.78 14.64
N SER D 100 -6.88 -5.68 15.95
CA SER D 100 -5.87 -4.98 16.71
C SER D 100 -4.58 -5.76 16.76
N ASP D 101 -4.63 -7.06 16.53
CA ASP D 101 -3.51 -7.93 16.82
C ASP D 101 -2.84 -8.44 15.57
N LEU D 102 -3.27 -7.95 14.41
CA LEU D 102 -2.70 -8.40 13.15
C LEU D 102 -2.07 -7.29 12.35
N VAL D 103 -2.45 -6.03 12.54
CA VAL D 103 -1.90 -4.93 11.74
C VAL D 103 -0.71 -4.32 12.47
N SER D 104 0.42 -4.13 11.77
CA SER D 104 1.50 -3.35 12.33
C SER D 104 2.06 -2.40 11.28
N LYS D 105 2.97 -1.56 11.74
CA LYS D 105 3.38 -0.33 11.08
C LYS D 105 4.58 -0.50 10.14
N TRP D 106 5.31 -1.61 10.21
CA TRP D 106 6.65 -1.64 9.65
C TRP D 106 6.78 -2.42 8.37
N MET D 107 5.91 -2.23 7.38
CA MET D 107 6.11 -2.73 6.00
C MET D 107 6.25 -4.25 5.93
N GLY D 108 5.12 -4.91 6.10
CA GLY D 108 5.16 -6.33 5.92
C GLY D 108 5.61 -7.04 7.17
N GLU D 109 5.32 -6.47 8.33
CA GLU D 109 5.31 -7.18 9.57
C GLU D 109 3.92 -7.51 10.04
N SER D 110 2.91 -7.26 9.23
CA SER D 110 1.59 -7.77 9.57
C SER D 110 1.45 -9.21 9.14
N GLU D 111 1.94 -9.50 7.93
CA GLU D 111 1.90 -10.85 7.35
C GLU D 111 2.59 -11.89 8.20
N LYS D 112 3.62 -11.53 8.90
CA LYS D 112 4.29 -12.51 9.72
C LYS D 112 3.55 -12.77 11.00
N LEU D 113 2.57 -11.95 11.33
CA LEU D 113 1.71 -12.24 12.45
C LEU D 113 0.60 -13.17 12.06
N VAL D 114 0.12 -13.08 10.82
CA VAL D 114 -0.86 -14.02 10.30
C VAL D 114 -0.24 -15.39 10.17
N LYS D 115 0.89 -15.46 9.48
CA LYS D 115 1.61 -16.70 9.32
C LYS D 115 2.07 -17.26 10.65
N GLN D 116 2.45 -16.39 11.57
CA GLN D 116 2.87 -16.85 12.88
C GLN D 116 1.69 -17.32 13.71
N LEU D 117 0.50 -16.81 13.43
CA LEU D 117 -0.68 -17.29 14.15
C LEU D 117 -1.05 -18.70 13.73
N PHE D 118 -1.00 -19.01 12.45
CA PHE D 118 -1.40 -20.37 12.14
C PHE D 118 -0.27 -21.34 12.46
N ALA D 119 0.97 -20.87 12.36
CA ALA D 119 2.12 -21.69 12.73
C ALA D 119 2.21 -21.90 14.23
N MET D 120 1.59 -21.04 15.01
CA MET D 120 1.41 -21.35 16.42
C MET D 120 0.27 -22.33 16.61
N ALA D 121 -0.81 -22.15 15.86
CA ALA D 121 -2.00 -22.98 16.05
C ALA D 121 -1.76 -24.44 15.72
N ARG D 122 -0.82 -24.75 14.84
CA ARG D 122 -0.53 -26.16 14.61
C ARG D 122 0.45 -26.75 15.60
N GLU D 123 0.97 -25.98 16.56
CA GLU D 123 1.63 -26.56 17.71
C GLU D 123 0.65 -27.06 18.75
N ASN D 124 -0.56 -26.50 18.76
CA ASN D 124 -1.52 -26.70 19.82
C ASN D 124 -2.73 -27.47 19.34
N LYS D 125 -2.57 -28.30 18.31
CA LYS D 125 -3.69 -28.93 17.63
C LYS D 125 -4.40 -29.93 18.56
N PRO D 126 -5.73 -29.99 18.53
CA PRO D 126 -6.77 -29.21 17.88
C PRO D 126 -6.92 -27.80 18.35
N SER D 127 -7.30 -26.89 17.46
CA SER D 127 -7.38 -25.48 17.79
C SER D 127 -8.57 -24.87 17.10
N ILE D 128 -8.99 -23.71 17.58
CA ILE D 128 -10.07 -22.94 16.96
C ILE D 128 -9.59 -21.51 16.87
N ILE D 129 -9.77 -20.89 15.72
CA ILE D 129 -9.40 -19.50 15.52
C ILE D 129 -10.66 -18.74 15.24
N PHE D 130 -11.00 -17.78 16.07
CA PHE D 130 -12.25 -17.06 15.93
C PHE D 130 -11.94 -15.64 15.52
N ILE D 131 -12.10 -15.33 14.24
CA ILE D 131 -11.79 -14.01 13.73
C ILE D 131 -13.09 -13.22 13.77
N ASP D 132 -13.26 -12.37 14.75
CA ASP D 132 -14.53 -11.69 14.89
C ASP D 132 -14.53 -10.46 14.00
N GLU D 133 -15.62 -10.29 13.26
CA GLU D 133 -15.80 -9.27 12.23
C GLU D 133 -14.69 -9.35 11.18
N VAL D 134 -14.80 -10.45 10.47
CA VAL D 134 -13.96 -10.70 9.32
C VAL D 134 -14.19 -9.76 8.15
N ASP D 135 -15.25 -8.96 8.16
CA ASP D 135 -15.44 -8.05 7.06
C ASP D 135 -14.53 -6.84 7.12
N ALA D 136 -13.77 -6.67 8.19
CA ALA D 136 -12.84 -5.57 8.31
C ALA D 136 -11.44 -5.94 7.87
N LEU D 137 -11.15 -7.22 7.68
CA LEU D 137 -9.92 -7.64 7.04
C LEU D 137 -10.05 -7.81 5.55
N THR D 138 -11.24 -8.19 5.07
CA THR D 138 -11.46 -8.84 3.78
C THR D 138 -12.53 -8.09 2.99
N GLY D 139 -12.12 -7.08 2.24
CA GLY D 139 -13.02 -6.10 1.67
C GLY D 139 -13.10 -6.00 0.16
N THR D 140 -13.24 -7.13 -0.51
CA THR D 140 -13.59 -7.34 -1.93
C THR D 140 -12.53 -6.89 -2.94
N ARG D 141 -11.48 -6.22 -2.47
CA ARG D 141 -10.28 -5.75 -3.19
C ARG D 141 -10.55 -5.20 -4.60
N GLY D 142 -11.35 -4.15 -4.68
CA GLY D 142 -11.52 -3.40 -5.91
C GLY D 142 -11.28 -1.92 -5.69
N GLU D 143 -11.24 -1.52 -4.42
CA GLU D 143 -11.01 -0.13 -4.04
C GLU D 143 -9.94 0.02 -2.98
N GLY D 144 -9.43 -1.09 -2.43
CA GLY D 144 -8.57 -1.00 -1.28
C GLY D 144 -7.15 -0.66 -1.63
N GLU D 145 -6.37 -0.37 -0.60
CA GLU D 145 -4.98 -0.03 -0.78
C GLU D 145 -4.12 -1.26 -0.94
N SER D 146 -2.93 -1.03 -1.50
CA SER D 146 -2.03 -2.08 -1.96
C SER D 146 -1.62 -3.02 -0.85
N GLU D 147 -1.02 -2.46 0.21
CA GLU D 147 -0.41 -3.31 1.23
C GLU D 147 -1.46 -4.05 2.02
N ALA D 148 -2.31 -3.30 2.72
CA ALA D 148 -3.25 -3.91 3.65
C ALA D 148 -4.21 -4.82 2.93
N SER D 149 -4.61 -4.40 1.77
CA SER D 149 -5.52 -5.18 0.96
C SER D 149 -4.83 -6.41 0.44
N ARG D 150 -3.88 -6.26 -0.46
CA ARG D 150 -3.43 -7.45 -1.17
C ARG D 150 -2.59 -8.34 -0.28
N ARG D 151 -1.97 -7.79 0.72
CA ARG D 151 -1.01 -8.60 1.44
C ARG D 151 -1.62 -9.25 2.65
N ILE D 152 -2.56 -8.58 3.32
CA ILE D 152 -3.19 -9.30 4.42
C ILE D 152 -4.23 -10.27 3.90
N LYS D 153 -5.00 -9.87 2.88
CA LYS D 153 -5.96 -10.79 2.31
C LYS D 153 -5.28 -11.97 1.67
N THR D 154 -4.19 -11.71 0.95
CA THR D 154 -3.48 -12.77 0.26
C THR D 154 -2.81 -13.74 1.21
N GLU D 155 -2.25 -13.23 2.31
CA GLU D 155 -1.64 -14.18 3.24
C GLU D 155 -2.69 -14.97 4.01
N LEU D 156 -3.88 -14.41 4.15
CA LEU D 156 -4.93 -15.19 4.78
C LEU D 156 -5.42 -16.31 3.86
N LEU D 157 -5.53 -16.03 2.56
CA LEU D 157 -5.93 -17.03 1.57
C LEU D 157 -4.95 -18.19 1.52
N VAL D 158 -3.70 -17.88 1.17
CA VAL D 158 -2.64 -18.88 1.04
C VAL D 158 -2.43 -19.62 2.34
N GLN D 159 -2.67 -18.95 3.45
CA GLN D 159 -2.42 -19.63 4.70
C GLN D 159 -3.57 -20.56 5.07
N MET D 160 -4.78 -20.28 4.61
CA MET D 160 -5.89 -21.17 4.94
C MET D 160 -5.85 -22.47 4.17
N ASN D 161 -5.68 -22.45 2.85
CA ASN D 161 -5.46 -23.78 2.26
C ASN D 161 -4.10 -23.94 1.59
N GLY D 162 -3.72 -23.09 0.62
CA GLY D 162 -2.40 -23.06 0.04
C GLY D 162 -1.78 -24.34 -0.50
N VAL D 163 -0.46 -24.41 -0.57
CA VAL D 163 0.24 -25.60 -1.05
C VAL D 163 0.96 -26.32 0.09
N GLY D 164 1.92 -25.67 0.72
CA GLY D 164 2.69 -26.35 1.73
C GLY D 164 2.21 -26.10 3.14
N ASN D 165 0.90 -26.09 3.36
CA ASN D 165 0.41 -25.46 4.57
C ASN D 165 -0.33 -26.36 5.54
N ASP D 166 -1.09 -27.37 5.11
CA ASP D 166 -1.62 -28.42 6.00
C ASP D 166 -2.57 -27.86 7.07
N SER D 167 -3.76 -27.47 6.65
CA SER D 167 -4.82 -27.11 7.59
C SER D 167 -5.50 -28.36 8.13
N GLN D 168 -4.75 -29.13 8.91
CA GLN D 168 -5.26 -30.26 9.66
C GLN D 168 -5.54 -29.85 11.08
N GLY D 169 -6.77 -30.08 11.53
CA GLY D 169 -7.04 -29.92 12.93
C GLY D 169 -7.20 -28.50 13.41
N VAL D 170 -7.11 -27.52 12.53
CA VAL D 170 -7.47 -26.16 12.88
C VAL D 170 -8.84 -25.90 12.29
N LEU D 171 -9.59 -25.07 12.97
CA LEU D 171 -10.89 -24.61 12.51
C LEU D 171 -10.86 -23.10 12.55
N VAL D 172 -11.46 -22.49 11.55
CA VAL D 172 -11.44 -21.05 11.46
C VAL D 172 -12.88 -20.59 11.51
N LEU D 173 -13.33 -20.04 12.63
CA LEU D 173 -14.66 -19.47 12.68
C LEU D 173 -14.65 -18.08 12.07
N GLY D 174 -15.73 -17.35 12.24
CA GLY D 174 -15.73 -16.00 11.78
C GLY D 174 -17.15 -15.50 11.79
N ALA D 175 -17.38 -14.27 12.22
CA ALA D 175 -18.70 -13.71 12.22
C ALA D 175 -18.68 -12.43 11.42
N THR D 176 -19.83 -12.03 10.88
CA THR D 176 -19.89 -10.76 10.17
C THR D 176 -21.32 -10.27 10.11
N ASN D 177 -21.46 -8.96 9.93
CA ASN D 177 -22.77 -8.37 9.70
C ASN D 177 -22.98 -7.94 8.27
N ILE D 178 -21.92 -7.81 7.50
CA ILE D 178 -22.04 -7.39 6.11
C ILE D 178 -21.51 -8.54 5.28
N PRO D 179 -22.25 -9.62 5.07
CA PRO D 179 -21.67 -10.76 4.39
C PRO D 179 -21.57 -10.58 2.88
N TRP D 180 -22.16 -9.55 2.31
CA TRP D 180 -22.05 -9.32 0.89
C TRP D 180 -20.84 -8.51 0.51
N GLN D 181 -20.13 -7.94 1.47
CA GLN D 181 -18.90 -7.19 1.21
C GLN D 181 -17.68 -8.04 1.45
N LEU D 182 -17.76 -9.31 1.14
CA LEU D 182 -16.71 -10.24 1.46
C LEU D 182 -16.13 -10.73 0.14
N ASP D 183 -14.82 -10.90 0.09
CA ASP D 183 -14.17 -11.31 -1.15
C ASP D 183 -14.52 -12.74 -1.52
N SER D 184 -14.69 -13.00 -2.81
CA SER D 184 -15.20 -14.29 -3.26
C SER D 184 -14.23 -15.44 -3.03
N ALA D 185 -12.94 -15.17 -2.93
CA ALA D 185 -12.01 -16.23 -2.56
C ALA D 185 -12.17 -16.60 -1.09
N ILE D 186 -12.58 -15.65 -0.28
CA ILE D 186 -12.74 -15.92 1.13
C ILE D 186 -14.14 -16.41 1.43
N ARG D 187 -15.10 -16.05 0.58
CA ARG D 187 -16.36 -16.75 0.59
C ARG D 187 -16.18 -18.22 0.20
N ARG D 188 -15.21 -18.50 -0.64
CA ARG D 188 -14.91 -19.88 -0.98
C ARG D 188 -14.28 -20.62 0.19
N ARG D 189 -13.37 -19.97 0.94
CA ARG D 189 -12.66 -20.70 2.00
C ARG D 189 -13.54 -21.11 3.15
N PHE D 190 -14.53 -20.30 3.49
CA PHE D 190 -15.51 -20.59 4.52
C PHE D 190 -16.54 -21.51 3.95
N GLU D 191 -16.49 -22.79 4.29
CA GLU D 191 -17.22 -23.72 3.48
C GLU D 191 -18.61 -24.03 4.01
N ARG D 192 -19.04 -23.44 5.13
CA ARG D 192 -20.43 -23.58 5.57
C ARG D 192 -20.89 -22.22 6.08
N ARG D 193 -21.45 -21.42 5.20
CA ARG D 193 -21.98 -20.11 5.59
C ARG D 193 -23.34 -20.29 6.25
N ILE D 194 -23.42 -20.28 7.57
CA ILE D 194 -24.67 -20.46 8.28
C ILE D 194 -25.24 -19.09 8.63
N TYR D 195 -26.56 -18.95 8.61
CA TYR D 195 -27.26 -17.69 8.82
C TYR D 195 -27.98 -17.69 10.15
N ILE D 196 -27.67 -16.72 11.01
CA ILE D 196 -28.24 -16.64 12.35
C ILE D 196 -29.35 -15.59 12.32
N PRO D 197 -30.62 -15.96 12.38
CA PRO D 197 -31.68 -14.97 12.16
C PRO D 197 -32.25 -14.38 13.43
N LEU D 198 -33.17 -13.42 13.28
CA LEU D 198 -33.92 -12.89 14.42
C LEU D 198 -34.78 -13.99 15.01
N PRO D 199 -34.93 -14.03 16.33
CA PRO D 199 -35.59 -15.16 16.97
C PRO D 199 -37.09 -15.16 16.73
N ASP D 200 -37.65 -16.34 16.81
CA ASP D 200 -39.07 -16.54 16.67
C ASP D 200 -39.74 -16.54 18.04
N LEU D 201 -40.96 -17.06 18.13
CA LEU D 201 -41.76 -16.98 19.35
C LEU D 201 -41.20 -17.82 20.48
N ALA D 202 -40.88 -19.07 20.20
CA ALA D 202 -40.38 -19.97 21.23
C ALA D 202 -39.02 -19.53 21.75
N ALA D 203 -38.21 -18.95 20.87
CA ALA D 203 -36.90 -18.46 21.28
C ALA D 203 -37.03 -17.26 22.21
N ARG D 204 -37.92 -16.33 21.88
CA ARG D 204 -38.13 -15.17 22.74
C ARG D 204 -38.65 -15.56 24.11
N THR D 205 -39.58 -16.51 24.15
CA THR D 205 -40.07 -16.99 25.44
C THR D 205 -38.97 -17.65 26.23
N THR D 206 -38.10 -18.39 25.55
CA THR D 206 -36.95 -18.99 26.21
C THR D 206 -36.00 -17.95 26.75
N MET D 207 -35.82 -16.84 26.02
CA MET D 207 -34.87 -15.83 26.48
C MET D 207 -35.37 -15.07 27.68
N PHE D 208 -36.69 -14.84 27.76
CA PHE D 208 -37.21 -14.24 28.98
C PHE D 208 -37.03 -15.17 30.18
N GLU D 209 -37.34 -16.46 29.98
CA GLU D 209 -37.17 -17.43 31.07
C GLU D 209 -35.73 -17.57 31.51
N ILE D 210 -34.78 -17.42 30.60
CA ILE D 210 -33.37 -17.48 30.98
C ILE D 210 -32.95 -16.21 31.70
N ASN D 211 -33.25 -15.06 31.12
CA ASN D 211 -32.72 -13.80 31.64
C ASN D 211 -33.34 -13.39 32.96
N VAL D 212 -34.52 -13.89 33.33
CA VAL D 212 -34.94 -13.58 34.69
C VAL D 212 -34.19 -14.40 35.71
N GLY D 213 -33.57 -15.50 35.30
CA GLY D 213 -32.67 -16.23 36.19
C GLY D 213 -33.40 -16.90 37.32
N ASP D 214 -32.89 -16.70 38.54
CA ASP D 214 -33.52 -17.22 39.74
C ASP D 214 -34.12 -16.10 40.58
N THR D 215 -34.57 -15.05 39.93
CA THR D 215 -35.15 -13.91 40.63
C THR D 215 -36.60 -14.22 40.99
N PRO D 216 -37.01 -13.96 42.24
CA PRO D 216 -38.40 -14.24 42.66
C PRO D 216 -39.43 -13.43 41.91
N CYS D 217 -40.26 -14.12 41.12
CA CYS D 217 -41.28 -13.48 40.33
C CYS D 217 -42.57 -14.29 40.38
N VAL D 218 -43.69 -13.58 40.25
CA VAL D 218 -45.01 -14.18 40.31
C VAL D 218 -45.46 -14.68 38.93
N LEU D 219 -44.58 -14.63 37.94
CA LEU D 219 -44.98 -14.92 36.57
C LEU D 219 -45.18 -16.41 36.34
N THR D 220 -46.06 -16.71 35.40
CA THR D 220 -46.35 -18.07 35.00
C THR D 220 -45.84 -18.30 33.58
N LYS D 221 -46.10 -19.51 33.07
CA LYS D 221 -45.73 -19.83 31.70
C LYS D 221 -46.53 -19.01 30.71
N GLU D 222 -47.78 -18.72 31.02
CA GLU D 222 -48.58 -17.91 30.11
C GLU D 222 -48.19 -16.44 30.18
N ASP D 223 -47.50 -16.03 31.23
CA ASP D 223 -46.99 -14.67 31.28
C ASP D 223 -45.79 -14.49 30.37
N TYR D 224 -44.83 -15.42 30.46
CA TYR D 224 -43.69 -15.37 29.54
C TYR D 224 -44.16 -15.57 28.11
N ARG D 225 -45.16 -16.41 27.94
CA ARG D 225 -45.78 -16.62 26.64
C ARG D 225 -46.41 -15.34 26.12
N THR D 226 -47.01 -14.57 27.02
CA THR D 226 -47.62 -13.30 26.66
C THR D 226 -46.57 -12.30 26.20
N LEU D 227 -45.47 -12.19 26.95
CA LEU D 227 -44.42 -11.25 26.60
C LEU D 227 -43.75 -11.62 25.29
N GLY D 228 -43.45 -12.91 25.13
CA GLY D 228 -42.92 -13.39 23.87
C GLY D 228 -43.84 -13.13 22.70
N ALA D 229 -45.14 -13.17 22.92
CA ALA D 229 -46.06 -12.76 21.87
C ALA D 229 -46.02 -11.26 21.65
N MET D 230 -45.63 -10.50 22.67
CA MET D 230 -45.70 -9.05 22.59
C MET D 230 -44.51 -8.45 21.83
N THR D 231 -43.37 -9.13 21.81
CA THR D 231 -42.11 -8.52 21.40
C THR D 231 -41.66 -8.88 19.99
N GLU D 232 -42.51 -8.92 18.99
CA GLU D 232 -42.03 -9.34 17.68
C GLU D 232 -41.24 -8.24 16.99
N GLY D 233 -40.01 -8.57 16.62
CA GLY D 233 -39.08 -7.62 16.04
C GLY D 233 -37.84 -7.41 16.85
N TYR D 234 -37.77 -7.96 18.06
CA TYR D 234 -36.65 -7.69 18.94
C TYR D 234 -35.60 -8.75 18.75
N SER D 235 -34.35 -8.35 18.87
CA SER D 235 -33.25 -9.28 18.89
C SER D 235 -32.95 -9.66 20.32
N GLY D 236 -31.92 -10.48 20.53
CA GLY D 236 -31.66 -10.97 21.87
C GLY D 236 -31.04 -9.95 22.79
N SER D 237 -30.38 -8.94 22.21
CA SER D 237 -29.89 -7.81 23.00
C SER D 237 -31.03 -7.06 23.63
N ASP D 238 -32.06 -6.78 22.85
CA ASP D 238 -33.16 -5.96 23.32
C ASP D 238 -33.91 -6.66 24.43
N ILE D 239 -34.04 -7.97 24.34
CA ILE D 239 -34.73 -8.66 25.40
C ILE D 239 -33.83 -8.77 26.62
N ALA D 240 -32.51 -8.80 26.43
CA ALA D 240 -31.64 -8.72 27.60
C ALA D 240 -31.72 -7.37 28.30
N VAL D 241 -32.01 -6.29 27.56
CA VAL D 241 -32.12 -5.01 28.25
C VAL D 241 -33.54 -4.72 28.74
N VAL D 242 -34.57 -5.34 28.19
CA VAL D 242 -35.86 -5.16 28.85
C VAL D 242 -35.90 -5.99 30.12
N VAL D 243 -35.14 -7.08 30.19
CA VAL D 243 -35.08 -7.78 31.46
C VAL D 243 -34.19 -7.02 32.43
N LYS D 244 -33.18 -6.32 31.93
CA LYS D 244 -32.35 -5.50 32.81
C LYS D 244 -33.16 -4.37 33.44
N ASP D 245 -33.95 -3.66 32.62
CA ASP D 245 -34.74 -2.54 33.11
C ASP D 245 -35.87 -3.01 34.02
N ALA D 246 -36.53 -4.09 33.65
CA ALA D 246 -37.60 -4.62 34.49
C ALA D 246 -37.07 -5.15 35.81
N LEU D 247 -35.84 -5.64 35.83
CA LEU D 247 -35.26 -5.96 37.13
C LEU D 247 -34.85 -4.73 37.92
N MET D 248 -34.63 -3.59 37.25
CA MET D 248 -34.27 -2.37 37.98
C MET D 248 -35.47 -1.54 38.40
N GLN D 249 -36.69 -1.96 38.08
CA GLN D 249 -37.85 -1.32 38.70
C GLN D 249 -37.92 -1.36 40.24
N PRO D 250 -37.64 -2.47 40.96
CA PRO D 250 -37.88 -2.43 42.41
C PRO D 250 -36.98 -1.51 43.19
N ILE D 251 -35.73 -1.37 42.76
CA ILE D 251 -34.82 -0.42 43.39
C ILE D 251 -35.36 0.99 43.24
N ARG D 252 -35.96 1.29 42.09
CA ARG D 252 -36.66 2.56 41.91
C ARG D 252 -37.93 2.64 42.72
N LYS D 253 -38.50 1.50 43.14
CA LYS D 253 -39.55 1.56 44.14
C LYS D 253 -39.03 1.55 45.57
N ILE D 254 -37.73 1.48 45.81
CA ILE D 254 -37.21 1.77 47.15
C ILE D 254 -36.75 3.21 47.26
N GLN D 255 -36.03 3.69 46.25
CA GLN D 255 -35.69 5.11 46.18
C GLN D 255 -36.94 5.96 46.08
N SER D 256 -37.89 5.54 45.25
CA SER D 256 -39.12 6.31 45.09
C SER D 256 -40.15 5.96 46.17
N ALA D 257 -39.76 5.98 47.44
CA ALA D 257 -40.65 5.62 48.53
C ALA D 257 -40.09 6.12 49.85
N PRO D 299 -39.23 -5.28 46.90
CA PRO D 299 -40.53 -5.61 46.30
C PRO D 299 -40.50 -6.70 45.25
N ASP D 300 -41.64 -6.93 44.62
CA ASP D 300 -41.84 -8.15 43.87
C ASP D 300 -42.11 -7.83 42.41
N LEU D 301 -41.87 -8.84 41.57
CA LEU D 301 -41.90 -8.65 40.13
C LEU D 301 -43.27 -9.09 39.62
N THR D 302 -43.99 -8.16 39.02
CA THR D 302 -45.25 -8.45 38.33
C THR D 302 -45.19 -7.80 36.96
N ILE D 303 -45.95 -8.35 36.02
CA ILE D 303 -45.91 -8.15 34.57
C ILE D 303 -45.98 -6.67 34.17
N LYS D 304 -46.44 -5.79 35.07
CA LYS D 304 -46.40 -4.37 34.77
C LYS D 304 -44.97 -3.84 34.75
N ASP D 305 -44.04 -4.54 35.42
CA ASP D 305 -42.64 -4.15 35.34
C ASP D 305 -42.11 -4.39 33.93
N PHE D 306 -42.45 -5.52 33.34
CA PHE D 306 -41.99 -5.80 32.00
C PHE D 306 -42.70 -4.95 30.97
N LEU D 307 -44.00 -4.69 31.17
CA LEU D 307 -44.70 -3.79 30.24
C LEU D 307 -44.17 -2.38 30.33
N LYS D 308 -43.77 -1.97 31.54
CA LYS D 308 -43.11 -0.69 31.76
C LYS D 308 -41.81 -0.60 31.00
N ALA D 309 -40.99 -1.65 31.08
CA ALA D 309 -39.70 -1.66 30.41
C ALA D 309 -39.85 -1.69 28.90
N ILE D 310 -40.82 -2.45 28.40
CA ILE D 310 -41.01 -2.58 26.96
C ILE D 310 -41.57 -1.31 26.37
N LYS D 311 -42.37 -0.56 27.13
CA LYS D 311 -42.77 0.76 26.68
C LYS D 311 -41.59 1.70 26.59
N SER D 312 -40.65 1.61 27.54
CA SER D 312 -39.56 2.58 27.55
C SER D 312 -38.46 2.23 26.55
N THR D 313 -38.16 0.96 26.37
CA THR D 313 -37.05 0.54 25.52
C THR D 313 -37.52 0.32 24.10
N ARG D 314 -36.73 0.82 23.16
CA ARG D 314 -37.06 0.94 21.76
C ARG D 314 -36.02 0.18 20.93
N PRO D 315 -36.42 -0.51 19.85
CA PRO D 315 -35.52 -1.44 19.14
C PRO D 315 -34.32 -0.85 18.40
N THR D 316 -33.60 -1.70 17.67
CA THR D 316 -32.30 -1.39 17.07
C THR D 316 -32.27 -1.58 15.56
N VAL D 317 -32.99 -2.55 15.01
CA VAL D 317 -32.80 -2.97 13.63
C VAL D 317 -33.90 -2.40 12.75
N ASN D 318 -33.74 -2.61 11.45
CA ASN D 318 -34.42 -1.87 10.42
C ASN D 318 -34.61 -2.78 9.22
N GLU D 319 -35.78 -2.74 8.63
CA GLU D 319 -36.32 -3.84 7.82
C GLU D 319 -35.98 -3.75 6.34
N ASP D 320 -34.84 -3.16 5.99
CA ASP D 320 -34.25 -3.40 4.67
C ASP D 320 -32.88 -4.05 4.76
N ASP D 321 -32.20 -3.89 5.89
CA ASP D 321 -31.05 -4.70 6.23
C ASP D 321 -31.39 -6.18 6.13
N LEU D 322 -32.59 -6.54 6.59
CA LEU D 322 -33.04 -7.92 6.47
C LEU D 322 -33.22 -8.33 5.02
N LEU D 323 -33.51 -7.41 4.11
CA LEU D 323 -33.66 -7.81 2.72
C LEU D 323 -32.32 -8.19 2.12
N LYS D 324 -31.27 -7.48 2.48
CA LYS D 324 -29.98 -7.88 1.91
C LYS D 324 -29.42 -9.12 2.61
N GLN D 325 -29.75 -9.34 3.88
CA GLN D 325 -29.37 -10.58 4.53
C GLN D 325 -30.05 -11.77 3.88
N GLU D 326 -31.35 -11.65 3.61
CA GLU D 326 -32.08 -12.73 2.98
C GLU D 326 -31.63 -12.94 1.54
N GLN D 327 -31.21 -11.88 0.88
CA GLN D 327 -30.57 -11.97 -0.42
C GLN D 327 -29.36 -12.89 -0.39
N PHE D 328 -28.43 -12.61 0.51
CA PHE D 328 -27.22 -13.41 0.57
C PHE D 328 -27.52 -14.85 0.99
N THR D 329 -28.53 -15.05 1.82
CA THR D 329 -28.85 -16.40 2.24
C THR D 329 -29.44 -17.20 1.09
N ARG D 330 -30.20 -16.53 0.25
CA ARG D 330 -30.80 -17.19 -0.89
C ARG D 330 -29.82 -17.41 -2.02
N ASP D 331 -28.75 -16.64 -2.09
CA ASP D 331 -27.75 -16.83 -3.13
C ASP D 331 -26.58 -17.71 -2.73
N PHE D 332 -26.16 -17.74 -1.46
CA PHE D 332 -24.96 -18.49 -1.09
C PHE D 332 -25.04 -19.25 0.22
N GLY D 333 -26.13 -19.17 0.99
CA GLY D 333 -26.08 -19.53 2.39
C GLY D 333 -26.93 -20.68 2.87
N GLN D 334 -26.56 -21.18 4.01
CA GLN D 334 -27.21 -22.24 4.78
C GLN D 334 -28.38 -21.58 5.52
N GLU D 335 -28.99 -22.29 6.45
CA GLU D 335 -30.10 -21.76 7.22
C GLU D 335 -29.93 -22.21 8.65
N GLY D 336 -29.76 -21.26 9.55
CA GLY D 336 -29.31 -21.60 10.88
C GLY D 336 -30.37 -22.05 11.83
N ASN D 337 -31.63 -22.02 11.42
CA ASN D 337 -32.78 -22.59 12.11
C ASN D 337 -33.00 -21.96 13.47
N GLU E 26 -9.98 12.39 38.62
CA GLU E 26 -9.49 13.75 38.79
C GLU E 26 -10.58 14.67 39.28
N LYS E 27 -10.51 15.09 40.54
CA LYS E 27 -11.66 15.77 41.13
C LYS E 27 -11.48 17.25 41.46
N PRO E 28 -11.49 18.19 40.52
CA PRO E 28 -11.81 19.56 40.90
C PRO E 28 -13.32 19.67 41.10
N ASN E 29 -13.77 20.88 41.47
CA ASN E 29 -15.01 21.14 42.23
C ASN E 29 -16.24 20.36 41.77
N VAL E 30 -16.48 20.33 40.44
CA VAL E 30 -17.77 20.23 39.74
C VAL E 30 -18.78 19.27 40.36
N LYS E 31 -20.02 19.71 40.60
CA LYS E 31 -20.93 18.96 41.48
C LYS E 31 -22.28 18.69 40.85
N TRP E 32 -23.04 17.78 41.50
CA TRP E 32 -24.45 17.61 41.19
C TRP E 32 -25.24 18.84 41.55
N GLU E 33 -24.76 19.60 42.52
CA GLU E 33 -25.39 20.86 42.86
C GLU E 33 -25.16 21.88 41.76
N ASP E 34 -24.09 21.73 40.99
CA ASP E 34 -23.67 22.81 40.10
C ASP E 34 -24.50 22.92 38.83
N VAL E 35 -25.37 21.96 38.53
CA VAL E 35 -25.93 21.84 37.20
C VAL E 35 -27.42 22.19 37.27
N ALA E 36 -27.95 22.66 36.14
CA ALA E 36 -29.26 23.30 36.07
C ALA E 36 -30.16 22.55 35.10
N GLY E 37 -31.18 21.90 35.63
CA GLY E 37 -32.21 21.29 34.82
C GLY E 37 -31.89 19.86 34.42
N LEU E 38 -32.95 19.16 33.98
CA LEU E 38 -32.95 17.82 33.38
C LEU E 38 -32.60 16.68 34.33
N GLU E 39 -33.34 16.53 35.43
CA GLU E 39 -33.05 15.55 36.47
C GLU E 39 -33.19 14.11 36.02
N GLY E 40 -33.77 13.86 34.84
CA GLY E 40 -33.76 12.52 34.29
C GLY E 40 -32.35 12.05 33.95
N ALA E 41 -31.57 12.93 33.32
CA ALA E 41 -30.18 12.62 33.06
C ALA E 41 -29.41 12.48 34.35
N LYS E 42 -29.68 13.40 35.29
CA LYS E 42 -28.98 13.44 36.57
C LYS E 42 -29.24 12.19 37.39
N GLU E 43 -30.47 11.67 37.32
CA GLU E 43 -30.87 10.50 38.10
C GLU E 43 -30.43 9.19 37.45
N ALA E 44 -30.45 9.14 36.10
CA ALA E 44 -29.90 8.00 35.39
C ALA E 44 -28.43 7.82 35.69
N LEU E 45 -27.69 8.92 35.74
CA LEU E 45 -26.26 8.82 36.00
C LEU E 45 -25.94 8.60 37.47
N LYS E 46 -26.61 9.32 38.38
CA LYS E 46 -26.44 9.11 39.83
C LYS E 46 -26.70 7.67 40.17
N GLU E 47 -27.70 7.08 39.53
CA GLU E 47 -27.95 5.65 39.53
C GLU E 47 -26.71 4.87 39.04
N ALA E 48 -26.35 5.02 37.76
CA ALA E 48 -25.37 4.16 37.08
C ALA E 48 -23.94 4.31 37.57
N VAL E 49 -23.61 5.29 38.39
CA VAL E 49 -22.28 5.38 38.97
C VAL E 49 -22.32 5.28 40.48
N ILE E 50 -23.22 6.04 41.11
CA ILE E 50 -23.21 6.12 42.56
C ILE E 50 -23.85 4.90 43.17
N LEU E 51 -24.98 4.47 42.60
CA LEU E 51 -25.70 3.33 43.14
C LEU E 51 -24.92 2.01 43.12
N PRO E 52 -23.90 1.76 42.22
CA PRO E 52 -22.96 0.68 42.50
C PRO E 52 -21.86 1.04 43.46
N VAL E 53 -21.41 2.29 43.46
CA VAL E 53 -20.20 2.61 44.24
C VAL E 53 -20.54 2.84 45.70
N LYS E 54 -21.65 3.53 45.96
CA LYS E 54 -22.14 3.68 47.33
C LYS E 54 -22.65 2.36 47.88
N PHE E 55 -23.15 1.47 47.02
CA PHE E 55 -23.65 0.16 47.43
C PHE E 55 -23.20 -0.86 46.39
N PRO E 56 -22.13 -1.56 46.62
CA PRO E 56 -21.77 -2.67 45.73
C PRO E 56 -22.38 -4.01 46.11
N HIS E 57 -23.40 -3.99 46.97
CA HIS E 57 -24.00 -5.21 47.48
C HIS E 57 -25.50 -5.22 47.26
N LEU E 58 -26.02 -4.35 46.40
CA LEU E 58 -27.36 -4.46 45.90
C LEU E 58 -27.41 -5.09 44.51
N PHE E 59 -26.25 -5.23 43.88
CA PHE E 59 -26.03 -5.67 42.51
C PHE E 59 -25.35 -7.04 42.53
N LYS E 60 -26.18 -8.06 42.73
CA LYS E 60 -25.76 -9.44 42.84
C LYS E 60 -26.82 -10.32 42.21
N GLY E 61 -26.40 -11.33 41.46
CA GLY E 61 -27.33 -12.20 40.78
C GLY E 61 -27.54 -11.77 39.35
N ASN E 62 -28.78 -11.49 39.00
CA ASN E 62 -29.11 -11.05 37.66
C ASN E 62 -29.06 -9.54 37.51
N ARG E 63 -28.90 -8.83 38.61
CA ARG E 63 -29.06 -7.38 38.63
C ARG E 63 -27.71 -6.75 38.41
N LYS E 64 -27.42 -6.37 37.18
CA LYS E 64 -26.13 -5.80 36.87
C LYS E 64 -26.24 -4.32 36.54
N PRO E 65 -25.20 -3.53 36.80
CA PRO E 65 -25.25 -2.11 36.44
C PRO E 65 -25.09 -1.90 34.95
N THR E 66 -25.44 -0.70 34.53
CA THR E 66 -25.43 -0.31 33.14
C THR E 66 -24.01 -0.07 32.68
N SER E 67 -23.69 -0.47 31.44
CA SER E 67 -22.33 -0.33 30.95
C SER E 67 -22.30 0.35 29.60
N GLY E 68 -23.01 1.47 29.48
CA GLY E 68 -22.86 2.33 28.35
C GLY E 68 -24.01 3.27 28.30
N ILE E 69 -23.78 4.56 28.06
CA ILE E 69 -24.81 5.59 28.06
C ILE E 69 -24.43 6.60 27.01
N LEU E 70 -25.28 6.84 26.04
CA LEU E 70 -25.02 7.84 25.02
C LEU E 70 -25.91 9.03 25.27
N LEU E 71 -25.27 10.15 25.58
CA LEU E 71 -25.86 11.44 25.70
C LEU E 71 -25.76 12.05 24.34
N TYR E 72 -26.72 12.89 23.99
CA TYR E 72 -26.56 13.63 22.76
C TYR E 72 -27.26 14.97 22.91
N GLY E 73 -27.54 15.61 21.81
CA GLY E 73 -28.23 16.86 21.85
C GLY E 73 -27.59 17.88 20.93
N PRO E 74 -28.09 19.10 20.96
CA PRO E 74 -27.45 20.16 20.22
C PRO E 74 -26.28 20.68 21.03
N PRO E 75 -25.39 21.49 20.46
CA PRO E 75 -24.24 21.97 21.25
C PRO E 75 -24.67 22.99 22.30
N GLY E 76 -23.74 23.25 23.21
CA GLY E 76 -23.98 24.23 24.24
C GLY E 76 -24.78 23.75 25.43
N THR E 77 -25.38 22.56 25.38
CA THR E 77 -26.36 22.15 26.35
C THR E 77 -25.77 21.43 27.56
N GLY E 78 -24.46 21.51 27.77
CA GLY E 78 -23.89 21.00 29.00
C GLY E 78 -23.74 19.50 29.07
N LYS E 79 -23.21 18.89 28.01
CA LYS E 79 -22.98 17.45 28.02
C LYS E 79 -21.69 17.11 28.73
N SER E 80 -20.57 17.60 28.20
CA SER E 80 -19.25 17.30 28.76
C SER E 80 -19.06 17.85 30.17
N TYR E 81 -19.78 18.93 30.51
CA TYR E 81 -19.76 19.41 31.87
C TYR E 81 -20.43 18.42 32.80
N LEU E 82 -21.53 17.81 32.36
CA LEU E 82 -22.16 16.75 33.12
C LEU E 82 -21.25 15.54 33.23
N ALA E 83 -20.47 15.28 32.19
CA ALA E 83 -19.50 14.20 32.25
C ALA E 83 -18.45 14.45 33.31
N LYS E 84 -17.93 15.68 33.38
CA LYS E 84 -16.95 15.95 34.40
C LYS E 84 -17.54 16.11 35.77
N ALA E 85 -18.85 16.38 35.85
CA ALA E 85 -19.54 16.23 37.11
C ALA E 85 -19.53 14.79 37.55
N VAL E 86 -19.58 13.86 36.61
CA VAL E 86 -19.45 12.47 37.03
C VAL E 86 -18.00 12.14 37.36
N ALA E 87 -17.04 12.85 36.75
CA ALA E 87 -15.61 12.64 37.07
C ALA E 87 -15.29 13.04 38.50
N THR E 88 -15.67 14.24 38.91
CA THR E 88 -15.53 14.61 40.31
C THR E 88 -16.43 13.76 41.19
N GLU E 89 -17.70 13.67 40.84
CA GLU E 89 -18.73 13.09 41.68
C GLU E 89 -18.84 11.60 41.52
N ALA E 90 -17.73 10.93 41.21
CA ALA E 90 -17.71 9.50 40.95
C ALA E 90 -16.99 8.66 41.99
N ASN E 91 -15.92 9.18 42.60
CA ASN E 91 -14.85 8.39 43.21
C ASN E 91 -14.33 7.35 42.21
N SER E 92 -14.21 7.76 40.96
CA SER E 92 -13.75 6.88 39.92
C SER E 92 -12.75 7.60 39.04
N THR E 93 -11.95 6.78 38.38
CA THR E 93 -11.00 7.24 37.38
C THR E 93 -11.78 7.77 36.20
N PHE E 94 -11.16 8.67 35.45
CA PHE E 94 -11.87 9.33 34.37
C PHE E 94 -10.85 9.64 33.30
N PHE E 95 -11.08 9.13 32.09
CA PHE E 95 -10.17 9.27 30.96
C PHE E 95 -10.91 10.10 29.91
N SER E 96 -10.62 11.38 29.83
CA SER E 96 -11.35 12.23 28.89
C SER E 96 -10.60 12.35 27.57
N VAL E 97 -10.35 11.18 26.96
CA VAL E 97 -9.91 11.09 25.59
C VAL E 97 -11.04 11.54 24.68
N SER E 98 -10.71 11.83 23.43
CA SER E 98 -11.70 12.28 22.47
C SER E 98 -11.22 11.95 21.07
N SER E 99 -12.07 12.22 20.09
CA SER E 99 -11.81 11.87 18.71
C SER E 99 -10.65 12.62 18.09
N SER E 100 -10.24 13.72 18.68
CA SER E 100 -9.06 14.41 18.20
C SER E 100 -7.79 13.64 18.48
N ASP E 101 -7.83 12.73 19.45
CA ASP E 101 -6.62 12.16 19.99
C ASP E 101 -6.46 10.71 19.58
N LEU E 102 -7.35 10.21 18.74
CA LEU E 102 -7.30 8.82 18.32
C LEU E 102 -7.14 8.65 16.83
N VAL E 103 -7.48 9.66 16.02
CA VAL E 103 -6.99 9.73 14.66
C VAL E 103 -5.48 9.62 14.65
N SER E 104 -4.96 8.77 13.77
CA SER E 104 -3.57 8.81 13.37
C SER E 104 -3.53 8.65 11.88
N LYS E 105 -2.34 8.47 11.33
CA LYS E 105 -2.20 8.05 9.94
C LYS E 105 -1.07 7.05 9.82
N TRP E 106 -0.99 6.06 10.72
CA TRP E 106 0.13 5.16 10.54
C TRP E 106 -0.23 3.69 10.61
N MET E 107 -1.27 3.22 9.92
CA MET E 107 -1.53 1.79 9.69
C MET E 107 -1.70 1.01 11.00
N GLY E 108 -2.85 1.20 11.60
CA GLY E 108 -3.13 0.41 12.77
C GLY E 108 -2.54 1.00 14.01
N GLU E 109 -2.29 2.30 14.03
CA GLU E 109 -1.98 2.94 15.30
C GLU E 109 -3.23 3.44 15.98
N SER E 110 -4.29 3.68 15.25
CA SER E 110 -5.50 4.18 15.86
C SER E 110 -6.30 3.12 16.62
N GLU E 111 -5.74 1.93 16.80
CA GLU E 111 -6.39 0.79 17.42
C GLU E 111 -5.69 0.38 18.68
N LYS E 112 -4.37 0.46 18.66
CA LYS E 112 -3.58 0.16 19.84
C LYS E 112 -3.75 1.24 20.90
N LEU E 113 -4.06 2.45 20.47
CA LEU E 113 -4.49 3.48 21.40
C LEU E 113 -5.78 3.09 22.12
N VAL E 114 -6.77 2.61 21.36
CA VAL E 114 -8.03 2.14 21.93
C VAL E 114 -7.79 0.99 22.89
N LYS E 115 -6.95 0.04 22.48
CA LYS E 115 -6.80 -1.18 23.24
C LYS E 115 -6.06 -0.93 24.53
N GLN E 116 -5.07 -0.06 24.50
CA GLN E 116 -4.33 0.18 25.73
C GLN E 116 -5.10 1.11 26.65
N LEU E 117 -5.96 1.95 26.09
CA LEU E 117 -6.96 2.65 26.90
C LEU E 117 -7.83 1.70 27.71
N PHE E 118 -8.46 0.71 27.03
CA PHE E 118 -9.21 -0.30 27.77
C PHE E 118 -8.33 -1.20 28.64
N ALA E 119 -7.02 -1.23 28.42
CA ALA E 119 -6.19 -2.01 29.34
C ALA E 119 -6.01 -1.28 30.66
N MET E 120 -5.78 0.03 30.62
CA MET E 120 -5.71 0.77 31.86
C MET E 120 -7.07 0.96 32.49
N ALA E 121 -8.12 0.77 31.73
CA ALA E 121 -9.43 0.79 32.36
C ALA E 121 -9.80 -0.57 32.95
N ARG E 122 -9.30 -1.67 32.40
CA ARG E 122 -9.53 -2.94 33.06
C ARG E 122 -8.69 -3.06 34.32
N GLU E 123 -7.45 -2.57 34.29
CA GLU E 123 -6.59 -2.72 35.44
C GLU E 123 -6.96 -1.84 36.62
N ASN E 124 -7.93 -0.93 36.48
CA ASN E 124 -8.17 0.11 37.46
C ASN E 124 -9.66 0.25 37.77
N LYS E 125 -10.31 -0.85 38.13
CA LYS E 125 -11.75 -0.83 38.38
C LYS E 125 -12.08 0.01 39.61
N PRO E 126 -13.21 0.73 39.62
CA PRO E 126 -14.10 1.11 38.54
C PRO E 126 -13.49 2.19 37.69
N SER E 127 -13.95 2.31 36.44
CA SER E 127 -13.42 3.33 35.56
C SER E 127 -14.54 3.91 34.74
N ILE E 128 -14.29 5.07 34.15
CA ILE E 128 -15.22 5.71 33.23
C ILE E 128 -14.42 6.15 32.02
N ILE E 129 -14.93 5.87 30.84
CA ILE E 129 -14.29 6.28 29.60
C ILE E 129 -15.23 7.24 28.91
N PHE E 130 -14.79 8.46 28.70
CA PHE E 130 -15.65 9.47 28.12
C PHE E 130 -15.15 9.81 26.74
N ILE E 131 -15.81 9.26 25.72
CA ILE E 131 -15.38 9.48 24.35
C ILE E 131 -16.19 10.67 23.84
N ASP E 132 -15.58 11.83 23.79
CA ASP E 132 -16.34 13.00 23.41
C ASP E 132 -16.38 13.13 21.90
N GLU E 133 -17.58 13.37 21.38
CA GLU E 133 -17.90 13.38 19.95
C GLU E 133 -17.52 12.06 19.29
N VAL E 134 -18.33 11.09 19.73
CA VAL E 134 -18.29 9.78 19.12
C VAL E 134 -18.76 9.74 17.68
N ASP E 135 -19.36 10.79 17.17
CA ASP E 135 -19.77 10.75 15.78
C ASP E 135 -18.63 10.93 14.80
N ALA E 136 -17.43 11.22 15.29
CA ALA E 136 -16.27 11.37 14.44
C ALA E 136 -15.47 10.09 14.31
N LEU E 137 -15.74 9.10 15.16
CA LEU E 137 -15.18 7.77 14.98
C LEU E 137 -16.08 6.85 14.18
N THR E 138 -17.40 7.05 14.28
CA THR E 138 -18.42 6.05 13.99
C THR E 138 -19.44 6.61 13.00
N GLY E 139 -19.16 6.46 11.71
CA GLY E 139 -19.86 7.19 10.67
C GLY E 139 -20.63 6.39 9.65
N THR E 140 -21.43 5.44 10.11
CA THR E 140 -22.49 4.68 9.41
C THR E 140 -21.99 3.71 8.34
N ARG E 141 -20.68 3.76 8.03
CA ARG E 141 -19.93 2.89 7.11
C ARG E 141 -20.67 2.49 5.83
N GLY E 142 -21.02 3.49 5.02
CA GLY E 142 -21.53 3.27 3.69
C GLY E 142 -20.77 4.08 2.67
N GLU E 143 -19.98 5.04 3.15
CA GLU E 143 -19.18 5.90 2.29
C GLU E 143 -17.73 6.00 2.76
N GLY E 144 -17.40 5.44 3.92
CA GLY E 144 -16.10 5.67 4.51
C GLY E 144 -15.01 4.82 3.90
N GLU E 145 -13.78 5.15 4.26
CA GLU E 145 -12.63 4.43 3.77
C GLU E 145 -12.40 3.15 4.54
N SER E 146 -11.64 2.25 3.91
CA SER E 146 -11.47 0.89 4.35
C SER E 146 -10.87 0.79 5.75
N GLU E 147 -9.70 1.39 5.94
CA GLU E 147 -8.97 1.19 7.17
C GLU E 147 -9.66 1.85 8.34
N ALA E 148 -9.76 3.17 8.28
CA ALA E 148 -10.27 3.94 9.40
C ALA E 148 -11.68 3.57 9.74
N SER E 149 -12.65 3.54 8.82
CA SER E 149 -14.00 3.04 9.00
C SER E 149 -13.95 1.66 9.62
N ARG E 150 -13.48 0.66 8.89
CA ARG E 150 -13.72 -0.69 9.37
C ARG E 150 -12.84 -1.02 10.57
N ARG E 151 -11.73 -0.36 10.71
CA ARG E 151 -10.81 -0.81 11.71
C ARG E 151 -10.98 -0.04 13.01
N ILE E 152 -11.32 1.24 12.94
CA ILE E 152 -11.57 1.88 14.22
C ILE E 152 -12.95 1.53 14.74
N LYS E 153 -13.94 1.46 13.85
CA LYS E 153 -15.27 1.05 14.30
C LYS E 153 -15.26 -0.37 14.79
N THR E 154 -14.57 -1.25 14.08
CA THR E 154 -14.54 -2.66 14.46
C THR E 154 -13.79 -2.88 15.75
N GLU E 155 -12.70 -2.17 16.00
CA GLU E 155 -12.03 -2.37 17.26
C GLU E 155 -12.80 -1.78 18.42
N LEU E 156 -13.62 -0.77 18.16
CA LEU E 156 -14.45 -0.25 19.22
C LEU E 156 -15.56 -1.23 19.57
N LEU E 157 -16.16 -1.89 18.57
CA LEU E 157 -17.18 -2.90 18.79
C LEU E 157 -16.68 -4.06 19.61
N VAL E 158 -15.68 -4.75 19.07
CA VAL E 158 -15.08 -5.92 19.72
C VAL E 158 -14.53 -5.57 21.08
N GLN E 159 -14.07 -4.35 21.24
CA GLN E 159 -13.49 -4.02 22.52
C GLN E 159 -14.56 -3.71 23.55
N MET E 160 -15.74 -3.26 23.13
CA MET E 160 -16.79 -2.95 24.11
C MET E 160 -17.42 -4.21 24.67
N ASN E 161 -17.85 -5.17 23.84
CA ASN E 161 -18.26 -6.41 24.52
C ASN E 161 -17.41 -7.63 24.15
N GLY E 162 -17.29 -8.00 22.88
CA GLY E 162 -16.39 -9.03 22.40
C GLY E 162 -16.44 -10.39 23.06
N VAL E 163 -15.35 -11.16 22.97
CA VAL E 163 -15.25 -12.47 23.58
C VAL E 163 -14.33 -12.48 24.79
N GLY E 164 -13.06 -12.18 24.59
CA GLY E 164 -12.14 -12.27 25.70
C GLY E 164 -11.88 -10.95 26.39
N ASN E 165 -12.90 -10.14 26.60
CA ASN E 165 -12.64 -8.75 26.87
C ASN E 165 -13.08 -8.22 28.22
N ASP E 166 -14.19 -8.69 28.80
CA ASP E 166 -14.55 -8.41 30.21
C ASP E 166 -14.74 -6.91 30.49
N SER E 167 -15.85 -6.38 29.99
CA SER E 167 -16.26 -5.02 30.35
C SER E 167 -16.94 -5.00 31.72
N GLN E 168 -16.15 -5.30 32.75
CA GLN E 168 -16.57 -5.17 34.13
C GLN E 168 -16.10 -3.85 34.69
N GLY E 169 -17.02 -3.06 35.23
CA GLY E 169 -16.59 -1.90 35.97
C GLY E 169 -16.16 -0.73 35.14
N VAL E 170 -16.20 -0.81 33.83
CA VAL E 170 -16.00 0.36 32.99
C VAL E 170 -17.37 0.79 32.51
N LEU E 171 -17.51 2.09 32.32
CA LEU E 171 -18.70 2.69 31.75
C LEU E 171 -18.26 3.52 30.59
N VAL E 172 -18.86 3.30 29.43
CA VAL E 172 -18.43 4.01 28.26
C VAL E 172 -19.45 5.11 28.02
N LEU E 173 -19.09 6.35 28.33
CA LEU E 173 -19.98 7.45 27.98
C LEU E 173 -19.83 7.82 26.51
N GLY E 174 -20.40 8.93 26.12
CA GLY E 174 -20.20 9.38 24.78
C GLY E 174 -21.19 10.47 24.49
N ALA E 175 -20.78 11.52 23.81
CA ALA E 175 -21.68 12.58 23.46
C ALA E 175 -21.64 12.76 21.96
N THR E 176 -22.72 13.30 21.39
CA THR E 176 -22.70 13.58 19.96
C THR E 176 -23.75 14.63 19.62
N ASN E 177 -23.54 15.31 18.51
CA ASN E 177 -24.54 16.23 17.99
C ASN E 177 -25.26 15.70 16.78
N ILE E 178 -24.72 14.69 16.12
CA ILE E 178 -25.34 14.12 14.94
C ILE E 178 -25.67 12.69 15.28
N PRO E 179 -26.73 12.40 16.05
CA PRO E 179 -26.94 11.02 16.46
C PRO E 179 -27.52 10.14 15.38
N TRP E 180 -27.95 10.68 14.26
CA TRP E 180 -28.47 9.86 13.19
C TRP E 180 -27.40 9.37 12.24
N GLN E 181 -26.18 9.87 12.35
CA GLN E 181 -25.07 9.41 11.54
C GLN E 181 -24.22 8.41 12.27
N LEU E 182 -24.83 7.56 13.06
CA LEU E 182 -24.11 6.66 13.92
C LEU E 182 -24.43 5.25 13.45
N ASP E 183 -23.43 4.37 13.46
CA ASP E 183 -23.62 3.02 12.97
C ASP E 183 -24.54 2.23 13.88
N SER E 184 -25.38 1.38 13.28
CA SER E 184 -26.42 0.70 14.05
C SER E 184 -25.88 -0.34 15.02
N ALA E 185 -24.69 -0.87 14.80
CA ALA E 185 -24.09 -1.74 15.80
C ALA E 185 -23.63 -0.95 17.01
N ILE E 186 -23.28 0.31 16.80
CA ILE E 186 -22.82 1.13 17.90
C ILE E 186 -23.98 1.84 18.55
N ARG E 187 -25.05 2.06 17.81
CA ARG E 187 -26.31 2.41 18.44
C ARG E 187 -26.81 1.28 19.32
N ARG E 188 -26.50 0.04 18.96
CA ARG E 188 -26.86 -1.08 19.81
C ARG E 188 -26.02 -1.11 21.08
N ARG E 189 -24.72 -0.81 20.98
CA ARG E 189 -23.84 -0.97 22.16
C ARG E 189 -24.15 0.03 23.26
N PHE E 190 -24.55 1.23 22.89
CA PHE E 190 -24.94 2.28 23.83
C PHE E 190 -26.36 2.01 24.25
N GLU E 191 -26.55 1.52 25.45
CA GLU E 191 -27.83 0.93 25.73
C GLU E 191 -28.81 1.88 26.39
N ARG E 192 -28.44 3.12 26.65
CA ARG E 192 -29.41 4.12 27.12
C ARG E 192 -29.12 5.44 26.41
N ARG E 193 -29.74 5.65 25.27
CA ARG E 193 -29.57 6.89 24.53
C ARG E 193 -30.43 7.98 25.16
N ILE E 194 -29.86 8.83 25.98
CA ILE E 194 -30.59 9.91 26.65
C ILE E 194 -30.47 11.19 25.83
N TYR E 195 -31.52 12.00 25.80
CA TYR E 195 -31.58 13.21 24.98
C TYR E 195 -31.54 14.45 25.86
N ILE E 196 -30.57 15.32 25.62
CA ILE E 196 -30.37 16.52 26.43
C ILE E 196 -30.95 17.71 25.66
N PRO E 197 -32.08 18.27 26.06
CA PRO E 197 -32.74 19.27 25.22
C PRO E 197 -32.41 20.70 25.59
N LEU E 198 -32.93 21.65 24.81
CA LEU E 198 -32.84 23.06 25.15
C LEU E 198 -33.61 23.33 26.43
N PRO E 199 -33.03 24.12 27.33
CA PRO E 199 -33.49 24.17 28.72
C PRO E 199 -34.64 25.15 28.93
N ASP E 200 -35.19 25.04 30.12
CA ASP E 200 -36.32 25.83 30.58
C ASP E 200 -35.86 27.07 31.36
N LEU E 201 -36.79 27.59 32.14
CA LEU E 201 -36.77 28.90 32.80
C LEU E 201 -35.99 28.88 34.11
N ALA E 202 -36.27 27.90 34.96
CA ALA E 202 -35.60 27.83 36.26
C ALA E 202 -34.12 27.58 36.11
N ALA E 203 -33.73 26.81 35.10
CA ALA E 203 -32.33 26.54 34.86
C ALA E 203 -31.59 27.79 34.41
N ARG E 204 -32.19 28.56 33.51
CA ARG E 204 -31.57 29.79 33.05
C ARG E 204 -31.40 30.79 34.18
N THR E 205 -32.42 30.92 35.02
CA THR E 205 -32.30 31.81 36.18
C THR E 205 -31.21 31.34 37.11
N THR E 206 -31.08 30.02 37.28
CA THR E 206 -30.01 29.48 38.09
C THR E 206 -28.64 29.77 37.49
N MET E 207 -28.54 29.72 36.16
CA MET E 207 -27.23 29.93 35.54
C MET E 207 -26.80 31.38 35.62
N PHE E 208 -27.73 32.34 35.55
CA PHE E 208 -27.34 33.71 35.78
C PHE E 208 -26.87 33.92 37.21
N GLU E 209 -27.61 33.36 38.18
CA GLU E 209 -27.21 33.50 39.57
C GLU E 209 -25.87 32.87 39.87
N ILE E 210 -25.53 31.77 39.17
CA ILE E 210 -24.22 31.15 39.37
C ILE E 210 -23.13 31.98 38.71
N ASN E 211 -23.31 32.34 37.44
CA ASN E 211 -22.25 32.97 36.68
C ASN E 211 -21.94 34.39 37.12
N VAL E 212 -22.85 35.08 37.81
CA VAL E 212 -22.39 36.37 38.35
C VAL E 212 -21.50 36.17 39.56
N GLY E 213 -21.55 35.01 40.21
CA GLY E 213 -20.60 34.70 41.25
C GLY E 213 -20.81 35.54 42.49
N ASP E 214 -19.71 36.12 42.99
CA ASP E 214 -19.76 37.02 44.13
C ASP E 214 -19.47 38.46 43.71
N THR E 215 -19.85 38.81 42.51
CA THR E 215 -19.60 40.15 42.00
C THR E 215 -20.68 41.09 42.53
N PRO E 216 -20.29 42.28 43.05
CA PRO E 216 -21.28 43.22 43.58
C PRO E 216 -22.25 43.75 42.55
N CYS E 217 -23.52 43.40 42.72
CA CYS E 217 -24.56 43.81 41.78
C CYS E 217 -25.80 44.22 42.55
N VAL E 218 -26.56 45.15 41.95
CA VAL E 218 -27.77 45.68 42.55
C VAL E 218 -28.98 44.82 42.20
N LEU E 219 -28.77 43.67 41.56
CA LEU E 219 -29.88 42.89 41.04
C LEU E 219 -30.61 42.14 42.14
N THR E 220 -31.90 41.92 41.90
CA THR E 220 -32.74 41.17 42.81
C THR E 220 -33.15 39.84 42.17
N LYS E 221 -33.98 39.10 42.88
CA LYS E 221 -34.47 37.84 42.35
C LYS E 221 -35.38 38.06 41.15
N GLU E 222 -36.15 39.14 41.15
CA GLU E 222 -37.00 39.43 40.02
C GLU E 222 -36.21 39.94 38.83
N ASP E 223 -34.99 40.41 39.05
CA ASP E 223 -34.14 40.80 37.94
C ASP E 223 -33.60 39.58 37.22
N TYR E 224 -33.07 38.61 37.98
CA TYR E 224 -32.61 37.38 37.35
C TYR E 224 -33.77 36.64 36.73
N ARG E 225 -34.93 36.72 37.38
CA ARG E 225 -36.15 36.14 36.85
C ARG E 225 -36.55 36.80 35.54
N THR E 226 -36.32 38.11 35.45
CA THR E 226 -36.61 38.86 34.23
C THR E 226 -35.71 38.42 33.09
N LEU E 227 -34.40 38.30 33.36
CA LEU E 227 -33.45 37.91 32.33
C LEU E 227 -33.69 36.48 31.87
N GLY E 228 -33.94 35.57 32.82
CA GLY E 228 -34.29 34.21 32.47
C GLY E 228 -35.55 34.13 31.65
N ALA E 229 -36.50 35.03 31.88
CA ALA E 229 -37.65 35.10 30.98
C ALA E 229 -37.28 35.65 29.63
N MET E 230 -36.21 36.45 29.56
CA MET E 230 -35.87 37.13 28.33
C MET E 230 -35.13 36.24 27.35
N THR E 231 -34.42 35.22 27.83
CA THR E 231 -33.43 34.50 27.02
C THR E 231 -33.91 33.15 26.51
N GLU E 232 -35.12 32.98 26.01
CA GLU E 232 -35.53 31.64 25.59
C GLU E 232 -34.92 31.27 24.25
N GLY E 233 -34.22 30.14 24.25
CA GLY E 233 -33.49 29.67 23.09
C GLY E 233 -32.01 29.57 23.32
N TYR E 234 -31.50 30.03 24.45
CA TYR E 234 -30.07 30.07 24.66
C TYR E 234 -29.64 28.81 25.38
N SER E 235 -28.46 28.33 25.04
CA SER E 235 -27.85 27.24 25.76
C SER E 235 -26.98 27.80 26.88
N GLY E 236 -26.30 26.94 27.61
CA GLY E 236 -25.55 27.41 28.76
C GLY E 236 -24.28 28.13 28.41
N SER E 237 -23.73 27.85 27.22
CA SER E 237 -22.59 28.60 26.72
C SER E 237 -22.95 30.05 26.52
N ASP E 238 -24.10 30.30 25.89
CA ASP E 238 -24.50 31.64 25.55
C ASP E 238 -24.74 32.47 26.79
N ILE E 239 -25.28 31.86 27.83
CA ILE E 239 -25.50 32.61 29.03
C ILE E 239 -24.19 32.82 29.76
N ALA E 240 -23.23 31.90 29.61
CA ALA E 240 -21.92 32.17 30.16
C ALA E 240 -21.21 33.32 29.45
N VAL E 241 -21.48 33.53 28.16
CA VAL E 241 -20.84 34.67 27.50
C VAL E 241 -21.64 35.96 27.61
N VAL E 242 -22.94 35.91 27.87
CA VAL E 242 -23.57 37.20 28.16
C VAL E 242 -23.20 37.65 29.57
N VAL E 243 -22.90 36.71 30.46
CA VAL E 243 -22.40 37.15 31.75
C VAL E 243 -20.97 37.62 31.64
N LYS E 244 -20.19 37.03 30.72
CA LYS E 244 -18.83 37.50 30.49
C LYS E 244 -18.81 38.93 29.96
N ASP E 245 -19.64 39.22 28.96
CA ASP E 245 -19.70 40.54 28.36
C ASP E 245 -20.27 41.57 29.32
N ALA E 246 -21.33 41.20 30.04
CA ALA E 246 -21.91 42.12 31.00
C ALA E 246 -20.98 42.41 32.16
N LEU E 247 -20.12 41.46 32.52
CA LEU E 247 -19.08 41.79 33.49
C LEU E 247 -17.98 42.64 32.89
N MET E 248 -17.84 42.72 31.57
CA MET E 248 -16.81 43.61 31.02
C MET E 248 -17.34 44.93 30.47
N GLN E 249 -18.63 45.22 30.64
CA GLN E 249 -19.13 46.58 30.36
C GLN E 249 -18.54 47.69 31.25
N PRO E 250 -18.47 47.58 32.60
CA PRO E 250 -18.03 48.76 33.38
C PRO E 250 -16.57 49.10 33.23
N ILE E 251 -15.70 48.10 33.10
CA ILE E 251 -14.29 48.37 32.84
C ILE E 251 -14.14 49.03 31.48
N ARG E 252 -15.00 48.66 30.53
CA ARG E 252 -14.99 49.30 29.21
C ARG E 252 -15.40 50.76 29.30
N LYS E 253 -16.36 51.09 30.17
CA LYS E 253 -16.64 52.50 30.40
C LYS E 253 -15.62 53.17 31.32
N ILE E 254 -14.72 52.42 31.96
CA ILE E 254 -13.62 53.06 32.67
C ILE E 254 -12.58 53.55 31.67
N GLN E 255 -11.94 52.62 30.97
CA GLN E 255 -10.66 52.99 30.38
C GLN E 255 -10.79 53.69 29.04
N SER E 256 -11.89 53.49 28.32
CA SER E 256 -12.19 54.32 27.15
C SER E 256 -13.10 55.48 27.54
N ALA E 257 -12.72 56.17 28.61
CA ALA E 257 -13.41 57.38 29.07
C ALA E 257 -12.37 58.33 29.59
N PRO E 299 -17.70 51.96 38.06
CA PRO E 299 -19.13 51.75 37.78
C PRO E 299 -19.72 50.46 38.33
N ASP E 300 -21.00 50.19 38.04
CA ASP E 300 -21.71 49.08 38.65
C ASP E 300 -22.35 48.15 37.62
N LEU E 301 -23.15 47.21 38.10
CA LEU E 301 -23.75 46.17 37.26
C LEU E 301 -25.27 46.33 37.25
N THR E 302 -25.81 46.74 36.11
CA THR E 302 -27.21 47.10 35.95
C THR E 302 -27.92 45.97 35.19
N ILE E 303 -29.26 45.93 35.21
CA ILE E 303 -29.89 44.98 34.30
C ILE E 303 -29.83 45.42 32.83
N LYS E 304 -29.61 46.71 32.57
CA LYS E 304 -29.43 47.15 31.20
C LYS E 304 -28.11 46.65 30.62
N ASP E 305 -27.14 46.32 31.49
CA ASP E 305 -25.91 45.72 31.00
C ASP E 305 -26.18 44.33 30.44
N PHE E 306 -26.98 43.55 31.14
CA PHE E 306 -27.30 42.22 30.66
C PHE E 306 -28.23 42.26 29.46
N LEU E 307 -29.18 43.19 29.44
CA LEU E 307 -30.03 43.31 28.26
C LEU E 307 -29.25 43.77 27.04
N LYS E 308 -28.25 44.62 27.28
CA LYS E 308 -27.32 45.04 26.25
C LYS E 308 -26.56 43.86 25.67
N ALA E 309 -26.03 43.00 26.56
CA ALA E 309 -25.26 41.86 26.11
C ALA E 309 -26.13 40.85 25.38
N ILE E 310 -27.35 40.62 25.86
CA ILE E 310 -28.22 39.63 25.26
C ILE E 310 -28.73 40.10 23.91
N LYS E 311 -28.90 41.41 23.73
CA LYS E 311 -29.18 41.92 22.39
C LYS E 311 -28.01 41.69 21.44
N SER E 312 -26.78 41.86 21.93
CA SER E 312 -25.64 41.74 21.01
C SER E 312 -25.26 40.30 20.72
N THR E 313 -25.37 39.41 21.70
CA THR E 313 -24.91 38.04 21.53
C THR E 313 -26.04 37.15 21.04
N ARG E 314 -25.71 36.31 20.06
CA ARG E 314 -26.65 35.54 19.28
C ARG E 314 -26.31 34.05 19.42
N PRO E 315 -27.32 33.15 19.44
CA PRO E 315 -26.99 31.70 19.48
C PRO E 315 -26.73 31.06 18.12
N THR E 316 -26.59 29.74 18.16
CA THR E 316 -26.09 28.92 17.06
C THR E 316 -27.21 28.24 16.26
N VAL E 317 -28.32 27.93 16.89
CA VAL E 317 -29.15 26.83 16.46
C VAL E 317 -30.16 27.25 15.39
N ASN E 318 -30.66 26.23 14.69
CA ASN E 318 -31.67 26.28 13.65
C ASN E 318 -32.80 25.34 14.02
N GLU E 319 -34.03 25.72 13.71
CA GLU E 319 -35.19 24.91 14.09
C GLU E 319 -35.58 23.84 13.08
N ASP E 320 -34.62 23.32 12.32
CA ASP E 320 -34.82 22.04 11.64
C ASP E 320 -33.85 20.97 12.11
N ASP E 321 -32.70 21.39 12.65
CA ASP E 321 -31.83 20.52 13.41
C ASP E 321 -32.60 19.84 14.53
N LEU E 322 -33.48 20.58 15.18
CA LEU E 322 -34.35 20.00 16.20
C LEU E 322 -35.30 18.97 15.64
N LEU E 323 -35.68 19.08 14.36
CA LEU E 323 -36.58 18.06 13.83
C LEU E 323 -35.86 16.74 13.65
N LYS E 324 -34.61 16.77 13.25
CA LYS E 324 -33.93 15.48 13.12
C LYS E 324 -33.51 14.93 14.48
N GLN E 325 -33.25 15.78 15.46
CA GLN E 325 -33.01 15.29 16.82
C GLN E 325 -34.24 14.61 17.38
N GLU E 326 -35.41 15.23 17.20
CA GLU E 326 -36.64 14.64 17.71
C GLU E 326 -37.01 13.38 16.95
N GLN E 327 -36.65 13.32 15.67
CA GLN E 327 -36.75 12.10 14.88
C GLN E 327 -36.02 10.95 15.53
N PHE E 328 -34.73 11.14 15.81
CA PHE E 328 -33.94 10.07 16.41
C PHE E 328 -34.43 9.72 17.79
N THR E 329 -34.95 10.69 18.54
CA THR E 329 -35.42 10.37 19.88
C THR E 329 -36.69 9.55 19.83
N ARG E 330 -37.51 9.80 18.84
CA ARG E 330 -38.75 9.07 18.67
C ARG E 330 -38.53 7.69 18.08
N ASP E 331 -37.44 7.48 17.35
CA ASP E 331 -37.15 6.17 16.78
C ASP E 331 -36.26 5.28 17.65
N PHE E 332 -35.33 5.84 18.43
CA PHE E 332 -34.39 5.00 19.16
C PHE E 332 -34.06 5.44 20.57
N GLY E 333 -34.58 6.56 21.06
CA GLY E 333 -34.01 7.22 22.21
C GLY E 333 -34.83 7.36 23.47
N ASP F 2 25.60 1.21 15.27
CA ASP F 2 25.28 2.03 14.11
C ASP F 2 23.77 2.21 13.97
N GLU F 3 23.36 3.40 13.52
CA GLU F 3 21.94 3.77 13.50
C GLU F 3 21.39 3.42 12.13
N ILE F 4 20.66 2.32 12.09
CA ILE F 4 20.19 1.72 10.87
C ILE F 4 18.80 2.26 10.59
N VAL F 5 18.37 2.19 9.35
CA VAL F 5 17.07 2.72 8.96
C VAL F 5 16.10 1.56 8.84
N ASN F 6 14.91 1.76 9.37
CA ASN F 6 13.80 0.86 9.14
C ASN F 6 12.90 1.53 8.13
N LYS F 7 11.74 0.94 7.91
CA LYS F 7 10.87 1.54 6.92
C LYS F 7 9.42 1.25 7.26
N VAL F 8 8.58 2.25 7.07
CA VAL F 8 7.24 2.27 7.63
C VAL F 8 6.23 2.21 6.51
N LEU F 9 4.95 2.21 6.88
CA LEU F 9 3.81 2.14 5.96
C LEU F 9 3.06 3.43 5.77
#